data_4YW7
#
_entry.id   4YW7
#
_cell.length_a   49.570
_cell.length_b   89.310
_cell.length_c   100.010
_cell.angle_alpha   90.040
_cell.angle_beta   89.830
_cell.angle_gamma   79.610
#
_symmetry.space_group_name_H-M   'P 1'
#
loop_
_entity.id
_entity.type
_entity.pdbx_description
1 polymer 'PA-I galactophilic lectin'
2 non-polymer 'CALCIUM ION'
3 non-polymer beta-D-galactopyranose
4 non-polymer "(2R,3R,4S,5R,6R,2'R,3'R,4'S,5'R,6'R)-2,2'-([(2R,3R,4S,5S,6S)-3,4-dihydroxy-6-(hydroxymethyl)tetrahydro-2H-pyran-2,5-diyl]bis{1H-1,2,3-triazole-1,4-diyl[(2S,3R,4S,5S,6S)-3,4-dihydroxy-6-(hydroxymethyl)tetrahydro-2H-pyran-2,5-diyl]-1H-1,2,3-triazole-1,4-diylpropane-3,1-diyloxy})bis[6-(hydroxymethyl)tetrahydro-2H-pyran-3,4,5-triol]"
5 water water
#
_entity_poly.entity_id   1
_entity_poly.type   'polypeptide(L)'
_entity_poly.pdbx_seq_one_letter_code
;AWKGEVLANNEAGQVTSIIYNPGDVITIVAAGWASYGPTQKWGPQGDREHPDQGLICHDAFCGALVMKIGNSGTIPVNTG
LFRWVAPNNVQGAITLIYNDVPGTYGNNSGSFSVNIGKDQS
;
_entity_poly.pdbx_strand_id   A,B,C,D,E,F,G,H,I,J,K,L,M,N,O,P
#
# COMPACT_ATOMS: atom_id res chain seq x y z
N ALA A 1 14.60 20.21 1.96
CA ALA A 1 14.12 21.07 0.88
C ALA A 1 14.03 22.51 1.36
N TRP A 2 13.82 23.42 0.43
CA TRP A 2 13.66 24.83 0.76
C TRP A 2 12.51 25.41 -0.04
N LYS A 3 11.68 26.20 0.63
CA LYS A 3 10.57 26.89 -0.01
C LYS A 3 10.49 28.29 0.57
N GLY A 4 10.43 29.29 -0.29
CA GLY A 4 10.39 30.65 0.18
C GLY A 4 10.24 31.65 -0.94
N GLU A 5 10.56 32.90 -0.64
CA GLU A 5 10.47 33.97 -1.62
C GLU A 5 11.81 34.66 -1.79
N VAL A 6 12.06 35.11 -3.01
CA VAL A 6 13.26 35.85 -3.33
C VAL A 6 12.86 37.27 -3.70
N LEU A 7 13.23 38.22 -2.84
CA LEU A 7 12.86 39.63 -3.04
C LEU A 7 13.70 40.27 -4.14
N ALA A 8 13.02 40.95 -5.06
CA ALA A 8 13.68 41.62 -6.18
C ALA A 8 14.64 42.70 -5.71
N ASN A 9 14.34 43.34 -4.58
CA ASN A 9 15.15 44.46 -4.10
C ASN A 9 16.28 44.03 -3.16
N ASN A 10 16.49 42.72 -3.05
CA ASN A 10 17.52 42.18 -2.16
C ASN A 10 18.81 41.85 -2.92
N GLU A 11 19.72 42.82 -3.00
CA GLU A 11 20.93 42.66 -3.80
C GLU A 11 21.84 41.54 -3.32
N ALA A 12 21.81 41.24 -2.03
CA ALA A 12 22.66 40.21 -1.46
C ALA A 12 22.09 38.81 -1.70
N GLY A 13 20.86 38.75 -2.20
CA GLY A 13 20.25 37.47 -2.52
C GLY A 13 19.65 36.79 -1.30
N GLN A 14 19.11 35.59 -1.55
CA GLN A 14 18.43 34.83 -0.53
C GLN A 14 19.13 33.50 -0.32
N VAL A 15 19.74 33.31 0.85
CA VAL A 15 20.46 32.09 1.14
C VAL A 15 19.47 30.99 1.50
N THR A 16 19.60 29.83 0.85
CA THR A 16 18.69 28.73 1.10
C THR A 16 19.31 27.72 2.04
N SER A 17 18.57 26.65 2.34
CA SER A 17 19.04 25.59 3.22
C SER A 17 19.72 24.49 2.41
N ILE A 18 19.90 24.74 1.13
CA ILE A 18 20.49 23.75 0.24
C ILE A 18 21.98 23.96 0.08
N ILE A 19 22.76 22.99 0.52
CA ILE A 19 24.19 23.00 0.26
C ILE A 19 24.45 22.07 -0.89
N TYR A 20 24.77 22.62 -2.05
CA TYR A 20 25.00 21.77 -3.21
C TYR A 20 26.31 21.03 -3.05
N ASN A 21 26.22 19.71 -3.11
CA ASN A 21 27.39 18.85 -3.00
C ASN A 21 27.64 18.12 -4.31
N PRO A 22 28.91 17.80 -4.59
CA PRO A 22 29.26 17.06 -5.81
C PRO A 22 28.36 15.85 -6.02
N GLY A 23 27.79 15.73 -7.21
CA GLY A 23 26.93 14.62 -7.56
C GLY A 23 25.47 14.85 -7.27
N ASP A 24 25.16 15.88 -6.50
CA ASP A 24 23.78 16.20 -6.17
C ASP A 24 22.96 16.50 -7.43
N VAL A 25 21.75 15.97 -7.46
CA VAL A 25 20.78 16.32 -8.49
C VAL A 25 19.72 17.19 -7.82
N ILE A 26 19.44 18.35 -8.39
CA ILE A 26 18.46 19.24 -7.76
C ILE A 26 17.36 19.65 -8.72
N THR A 27 16.21 20.00 -8.14
CA THR A 27 15.13 20.56 -8.91
C THR A 27 14.75 21.90 -8.30
N ILE A 28 14.56 22.88 -9.17
CA ILE A 28 14.07 24.20 -8.75
C ILE A 28 12.87 24.58 -9.58
N VAL A 29 11.84 25.10 -8.94
CA VAL A 29 10.71 25.65 -9.66
C VAL A 29 10.42 27.04 -9.10
N ALA A 30 10.45 28.03 -9.98
CA ALA A 30 10.25 29.41 -9.58
C ALA A 30 8.98 29.97 -10.21
N ALA A 31 8.28 30.81 -9.46
CA ALA A 31 7.05 31.43 -9.91
C ALA A 31 6.92 32.84 -9.34
N GLY A 32 6.03 33.63 -9.91
CA GLY A 32 5.72 34.94 -9.38
C GLY A 32 6.08 36.09 -10.30
N TRP A 33 5.97 37.30 -9.75
CA TRP A 33 6.13 38.52 -10.54
C TRP A 33 7.00 39.53 -9.81
N ALA A 34 7.95 40.11 -10.53
CA ALA A 34 8.85 41.09 -9.95
C ALA A 34 9.22 42.16 -10.96
N SER A 35 9.78 43.26 -10.47
CA SER A 35 10.22 44.34 -11.35
C SER A 35 11.61 44.84 -10.95
N TYR A 36 12.38 45.26 -11.93
CA TYR A 36 13.69 45.84 -11.68
C TYR A 36 13.63 47.37 -11.69
N GLY A 37 12.41 47.91 -11.69
CA GLY A 37 12.24 49.36 -11.70
C GLY A 37 10.89 49.81 -12.23
N PRO A 38 10.58 49.47 -13.49
CA PRO A 38 9.31 49.85 -14.12
C PRO A 38 8.08 49.36 -13.35
N THR A 39 6.93 49.99 -13.59
CA THR A 39 5.70 49.58 -12.91
C THR A 39 5.24 48.20 -13.39
N GLN A 40 5.67 47.85 -14.61
CA GLN A 40 5.39 46.52 -15.16
C GLN A 40 6.15 45.46 -14.37
N LYS A 41 5.62 44.24 -14.35
CA LYS A 41 6.31 43.12 -13.68
C LYS A 41 6.55 41.96 -14.65
N TRP A 42 7.61 41.21 -14.39
CA TRP A 42 8.00 40.08 -15.23
C TRP A 42 8.15 38.81 -14.40
N GLY A 43 8.07 37.67 -15.09
CA GLY A 43 8.24 36.38 -14.44
C GLY A 43 9.71 36.04 -14.24
N PRO A 44 9.98 34.81 -13.81
CA PRO A 44 11.32 34.30 -13.47
C PRO A 44 12.32 34.32 -14.63
N GLN A 45 11.84 34.44 -15.87
CA GLN A 45 12.74 34.53 -17.01
C GLN A 45 13.13 35.99 -17.27
N GLY A 46 12.48 36.90 -16.56
CA GLY A 46 12.81 38.31 -16.64
C GLY A 46 12.26 39.01 -17.87
N ASP A 47 12.91 40.11 -18.24
CA ASP A 47 12.46 40.96 -19.33
C ASP A 47 13.29 40.71 -20.59
N ARG A 48 12.66 40.06 -21.56
CA ARG A 48 13.35 39.64 -22.79
C ARG A 48 13.61 40.82 -23.73
N GLU A 49 13.07 41.99 -23.41
CA GLU A 49 13.22 43.14 -24.28
C GLU A 49 14.26 44.14 -23.77
N HIS A 50 14.78 43.90 -22.57
CA HIS A 50 15.67 44.88 -21.95
C HIS A 50 17.14 44.53 -22.12
N PRO A 51 17.93 45.44 -22.70
CA PRO A 51 19.35 45.19 -22.89
C PRO A 51 20.13 45.05 -21.58
N ASP A 52 21.15 44.19 -21.60
CA ASP A 52 22.06 43.95 -20.49
C ASP A 52 22.97 45.15 -20.28
N GLN A 53 22.71 45.91 -19.22
CA GLN A 53 23.48 47.12 -18.91
C GLN A 53 24.47 46.92 -17.77
N GLY A 54 24.85 45.67 -17.52
CA GLY A 54 25.79 45.36 -16.45
C GLY A 54 25.21 44.43 -15.39
N LEU A 55 24.43 43.47 -15.83
CA LEU A 55 23.73 42.55 -14.92
C LEU A 55 24.70 41.63 -14.19
N ILE A 56 24.29 41.16 -13.01
CA ILE A 56 25.11 40.23 -12.25
C ILE A 56 25.21 38.89 -12.98
N CYS A 57 24.23 38.59 -13.83
CA CYS A 57 24.30 37.40 -14.68
C CYS A 57 24.07 37.75 -16.14
N HIS A 58 25.13 37.67 -16.93
CA HIS A 58 25.07 38.02 -18.35
C HIS A 58 24.47 36.91 -19.21
N ASP A 59 24.02 35.83 -18.57
CA ASP A 59 23.44 34.70 -19.29
C ASP A 59 21.95 34.54 -19.01
N ALA A 60 21.35 35.58 -18.44
CA ALA A 60 19.91 35.62 -18.21
C ALA A 60 19.43 37.05 -18.42
N PHE A 61 18.14 37.21 -18.73
CA PHE A 61 17.60 38.54 -18.91
C PHE A 61 17.60 39.32 -17.60
N CYS A 62 17.51 40.63 -17.72
CA CYS A 62 17.30 41.48 -16.56
C CYS A 62 15.98 41.07 -15.90
N GLY A 63 16.03 40.85 -14.60
CA GLY A 63 14.83 40.53 -13.84
C GLY A 63 14.55 39.04 -13.79
N ALA A 64 15.48 38.25 -14.32
CA ALA A 64 15.34 36.81 -14.25
C ALA A 64 15.86 36.30 -12.89
N LEU A 65 15.46 35.11 -12.51
CA LEU A 65 16.01 34.49 -11.32
C LEU A 65 17.32 33.80 -11.64
N VAL A 66 18.34 34.09 -10.85
CA VAL A 66 19.64 33.45 -11.02
C VAL A 66 20.10 32.92 -9.67
N MET A 67 21.24 32.24 -9.65
CA MET A 67 21.76 31.73 -8.38
C MET A 67 23.28 31.70 -8.33
N LYS A 68 23.79 31.59 -7.12
CA LYS A 68 25.20 31.28 -6.89
C LYS A 68 25.25 30.02 -6.06
N ILE A 69 26.23 29.17 -6.36
CA ILE A 69 26.48 28.01 -5.52
C ILE A 69 27.85 28.17 -4.89
N GLY A 70 27.88 28.39 -3.58
CA GLY A 70 29.12 28.69 -2.91
C GLY A 70 29.66 30.02 -3.43
N ASN A 71 30.94 30.05 -3.78
CA ASN A 71 31.56 31.27 -4.31
C ASN A 71 31.57 31.28 -5.82
N SER A 72 30.64 30.55 -6.45
CA SER A 72 30.60 30.46 -7.90
C SER A 72 30.12 31.76 -8.54
N GLY A 73 30.21 31.83 -9.86
CA GLY A 73 29.62 32.92 -10.60
C GLY A 73 28.13 32.69 -10.67
N THR A 74 27.39 33.68 -11.16
CA THR A 74 25.94 33.54 -11.28
C THR A 74 25.59 32.48 -12.32
N ILE A 75 24.56 31.69 -11.99
CA ILE A 75 24.05 30.64 -12.85
C ILE A 75 22.57 30.90 -13.06
N PRO A 76 22.12 30.89 -14.32
CA PRO A 76 20.71 31.17 -14.58
C PRO A 76 19.80 30.06 -14.04
N VAL A 77 18.73 30.46 -13.36
CA VAL A 77 17.71 29.53 -12.88
C VAL A 77 16.44 29.70 -13.70
N ASN A 78 16.06 30.96 -13.91
CA ASN A 78 14.84 31.29 -14.64
C ASN A 78 13.63 30.60 -14.01
N THR A 79 12.82 29.89 -14.80
CA THR A 79 11.63 29.24 -14.28
C THR A 79 11.97 28.01 -13.44
N GLY A 80 13.17 27.49 -13.60
CA GLY A 80 13.62 26.38 -12.77
C GLY A 80 14.64 25.47 -13.41
N LEU A 81 15.06 24.48 -12.64
CA LEU A 81 16.01 23.49 -13.13
C LEU A 81 15.40 22.11 -12.91
N PHE A 82 15.48 21.28 -13.93
CA PHE A 82 14.88 19.96 -13.86
C PHE A 82 15.96 18.89 -13.72
N ARG A 83 16.08 18.33 -12.51
CA ARG A 83 17.05 17.27 -12.24
C ARG A 83 18.42 17.67 -12.77
N TRP A 84 18.90 18.78 -12.19
CA TRP A 84 20.06 19.51 -12.66
C TRP A 84 21.31 19.14 -11.88
N VAL A 85 22.42 19.00 -12.60
CA VAL A 85 23.70 18.74 -11.98
C VAL A 85 24.68 19.87 -12.29
N ALA A 86 25.37 20.36 -11.26
CA ALA A 86 26.25 21.52 -11.41
C ALA A 86 27.48 21.19 -12.26
N PRO A 87 28.16 22.24 -12.75
CA PRO A 87 29.44 22.08 -13.44
C PRO A 87 30.49 21.53 -12.49
N ASN A 88 31.61 21.06 -13.02
CA ASN A 88 32.65 20.46 -12.19
C ASN A 88 33.18 21.42 -11.12
N ASN A 89 33.43 20.87 -9.94
CA ASN A 89 34.00 21.62 -8.81
C ASN A 89 33.18 22.83 -8.40
N VAL A 90 31.87 22.79 -8.69
CA VAL A 90 30.95 23.80 -8.18
C VAL A 90 30.16 23.21 -7.01
N GLN A 91 30.35 23.78 -5.83
CA GLN A 91 29.65 23.29 -4.63
C GLN A 91 29.46 24.39 -3.58
N GLY A 92 28.58 24.13 -2.62
CA GLY A 92 28.33 25.06 -1.54
C GLY A 92 26.88 25.45 -1.41
N ALA A 93 26.58 26.37 -0.50
CA ALA A 93 25.20 26.81 -0.29
C ALA A 93 24.64 27.53 -1.51
N ILE A 94 23.38 27.22 -1.84
CA ILE A 94 22.70 27.89 -2.94
C ILE A 94 22.11 29.21 -2.49
N THR A 95 22.55 30.29 -3.13
CA THR A 95 21.97 31.61 -2.92
C THR A 95 21.16 31.99 -4.15
N LEU A 96 19.90 32.34 -3.93
CA LEU A 96 19.02 32.77 -5.02
C LEU A 96 19.09 34.28 -5.14
N ILE A 97 19.11 34.78 -6.36
CA ILE A 97 19.26 36.21 -6.58
C ILE A 97 18.44 36.72 -7.75
N TYR A 98 17.82 37.86 -7.53
CA TYR A 98 17.18 38.60 -8.62
C TYR A 98 18.26 39.21 -9.49
N ASN A 99 18.11 39.09 -10.80
CA ASN A 99 19.11 39.56 -11.74
C ASN A 99 18.92 41.03 -12.09
N ASP A 100 19.80 41.89 -11.56
CA ASP A 100 19.76 43.31 -11.85
C ASP A 100 21.18 43.87 -11.87
N VAL A 101 21.32 45.15 -12.16
CA VAL A 101 22.64 45.78 -12.16
C VAL A 101 23.05 46.16 -10.74
N PRO A 102 24.30 45.86 -10.38
CA PRO A 102 24.81 46.22 -9.05
C PRO A 102 24.58 47.70 -8.73
N GLY A 103 23.99 47.97 -7.57
CA GLY A 103 23.75 49.34 -7.13
C GLY A 103 22.36 49.86 -7.48
N THR A 104 21.62 49.07 -8.26
CA THR A 104 20.32 49.51 -8.75
C THR A 104 19.15 48.69 -8.21
N TYR A 105 19.37 47.96 -7.12
CA TYR A 105 18.32 47.11 -6.57
C TYR A 105 17.28 47.90 -5.77
N GLY A 106 17.64 49.12 -5.37
CA GLY A 106 16.81 49.90 -4.47
C GLY A 106 15.40 50.17 -4.96
N ASN A 107 15.21 50.19 -6.27
CA ASN A 107 13.90 50.51 -6.83
C ASN A 107 13.16 49.28 -7.35
N ASN A 108 13.64 48.11 -6.96
CA ASN A 108 13.02 46.86 -7.38
C ASN A 108 11.82 46.51 -6.50
N SER A 109 10.89 45.73 -7.05
CA SER A 109 9.68 45.37 -6.33
C SER A 109 9.23 43.95 -6.64
N GLY A 110 8.36 43.42 -5.79
CA GLY A 110 7.87 42.07 -5.96
C GLY A 110 8.88 41.00 -5.59
N SER A 111 8.49 39.75 -5.82
CA SER A 111 9.33 38.63 -5.44
C SER A 111 8.98 37.40 -6.26
N PHE A 112 9.88 36.42 -6.25
CA PHE A 112 9.59 35.10 -6.80
C PHE A 112 9.42 34.11 -5.67
N SER A 113 8.39 33.27 -5.76
CA SER A 113 8.27 32.13 -4.87
C SER A 113 9.03 30.97 -5.48
N VAL A 114 9.85 30.31 -4.67
CA VAL A 114 10.72 29.26 -5.18
C VAL A 114 10.70 28.03 -4.30
N ASN A 115 10.72 26.86 -4.95
CA ASN A 115 10.97 25.58 -4.30
C ASN A 115 12.28 24.99 -4.80
N ILE A 116 13.09 24.49 -3.86
CA ILE A 116 14.29 23.74 -4.22
C ILE A 116 14.35 22.43 -3.44
N GLY A 117 14.73 21.36 -4.11
CA GLY A 117 14.91 20.10 -3.43
C GLY A 117 16.04 19.30 -4.05
N LYS A 118 16.58 18.35 -3.30
CA LYS A 118 17.51 17.40 -3.87
C LYS A 118 16.75 16.17 -4.37
N ASP A 119 17.13 15.69 -5.54
CA ASP A 119 16.43 14.58 -6.18
C ASP A 119 17.14 13.27 -5.93
N GLN A 120 16.50 12.18 -6.34
CA GLN A 120 17.15 10.88 -6.32
C GLN A 120 18.35 10.92 -7.25
N SER A 121 19.46 10.32 -6.83
CA SER A 121 20.67 10.28 -7.65
C SER A 121 21.55 9.08 -7.28
N ALA B 1 24.27 7.03 -8.44
CA ALA B 1 24.20 5.77 -7.72
C ALA B 1 25.51 4.97 -7.90
N TRP B 2 25.81 4.13 -6.92
CA TRP B 2 27.03 3.32 -6.93
C TRP B 2 26.64 1.86 -6.90
N LYS B 3 27.09 1.10 -7.89
CA LYS B 3 26.77 -0.32 -7.99
C LYS B 3 28.05 -1.13 -8.04
N GLY B 4 28.28 -1.94 -7.01
CA GLY B 4 29.50 -2.72 -6.92
C GLY B 4 29.38 -3.84 -5.91
N GLU B 5 30.48 -4.14 -5.23
CA GLU B 5 30.49 -5.26 -4.30
C GLU B 5 31.52 -5.11 -3.21
N VAL B 6 31.42 -5.99 -2.23
CA VAL B 6 32.38 -6.08 -1.14
C VAL B 6 32.76 -7.54 -0.98
N LEU B 7 34.06 -7.82 -0.94
CA LEU B 7 34.54 -9.18 -0.69
C LEU B 7 34.54 -9.47 0.80
N ALA B 8 34.15 -10.69 1.17
CA ALA B 8 34.10 -11.09 2.57
C ALA B 8 35.48 -11.14 3.22
N ASN B 9 36.51 -11.42 2.42
CA ASN B 9 37.86 -11.60 2.95
C ASN B 9 38.68 -10.30 2.96
N ASN B 10 38.00 -9.17 2.76
CA ASN B 10 38.68 -7.86 2.72
C ASN B 10 38.45 -7.10 4.02
N GLU B 11 39.42 -7.15 4.92
CA GLU B 11 39.27 -6.56 6.24
C GLU B 11 39.15 -5.03 6.18
N ALA B 12 39.75 -4.44 5.15
CA ALA B 12 39.71 -3.01 4.97
C ALA B 12 38.37 -2.55 4.42
N GLY B 13 37.66 -3.48 3.78
CA GLY B 13 36.37 -3.17 3.18
C GLY B 13 36.51 -2.41 1.88
N GLN B 14 35.37 -2.12 1.25
CA GLN B 14 35.34 -1.47 -0.06
C GLN B 14 34.91 -0.01 0.08
N VAL B 15 35.81 0.90 -0.27
CA VAL B 15 35.49 2.34 -0.26
C VAL B 15 34.69 2.67 -1.52
N THR B 16 33.46 3.14 -1.33
CA THR B 16 32.62 3.48 -2.46
C THR B 16 32.87 4.93 -2.88
N SER B 17 32.30 5.33 -4.01
CA SER B 17 32.46 6.70 -4.49
C SER B 17 31.36 7.58 -3.93
N ILE B 18 30.53 6.98 -3.08
CA ILE B 18 29.42 7.70 -2.45
C ILE B 18 29.89 8.45 -1.21
N ILE B 19 29.73 9.77 -1.22
CA ILE B 19 30.02 10.57 -0.05
C ILE B 19 28.72 10.93 0.65
N TYR B 20 28.51 10.44 1.86
CA TYR B 20 27.31 10.82 2.61
C TYR B 20 27.50 12.22 3.20
N ASN B 21 26.66 13.14 2.77
CA ASN B 21 26.74 14.52 3.24
C ASN B 21 25.59 14.82 4.19
N PRO B 22 25.74 15.86 5.01
CA PRO B 22 24.68 16.25 5.96
C PRO B 22 23.33 16.43 5.27
N GLY B 23 22.30 15.78 5.81
CA GLY B 23 20.97 15.86 5.27
C GLY B 23 20.64 14.79 4.25
N ASP B 24 21.67 14.09 3.75
CA ASP B 24 21.45 13.07 2.73
C ASP B 24 20.51 11.96 3.20
N VAL B 25 19.63 11.55 2.29
CA VAL B 25 18.85 10.34 2.49
C VAL B 25 19.32 9.31 1.46
N ILE B 26 19.61 8.09 1.92
CA ILE B 26 20.18 7.10 1.03
C ILE B 26 19.42 5.77 1.05
N THR B 27 19.54 5.03 -0.03
CA THR B 27 19.00 3.68 -0.09
C THR B 27 20.12 2.70 -0.42
N ILE B 28 20.17 1.59 0.31
CA ILE B 28 21.14 0.54 0.03
C ILE B 28 20.40 -0.77 -0.12
N VAL B 29 20.74 -1.54 -1.15
CA VAL B 29 20.19 -2.89 -1.31
C VAL B 29 21.35 -3.84 -1.55
N ALA B 30 21.45 -4.86 -0.71
CA ALA B 30 22.57 -5.80 -0.81
C ALA B 30 22.06 -7.23 -1.03
N ALA B 31 22.83 -8.01 -1.75
CA ALA B 31 22.46 -9.38 -2.05
C ALA B 31 23.71 -10.23 -2.20
N GLY B 32 23.54 -11.54 -2.14
CA GLY B 32 24.66 -12.42 -2.36
C GLY B 32 24.92 -13.37 -1.21
N TRP B 33 25.99 -14.15 -1.37
CA TRP B 33 26.32 -15.19 -0.41
C TRP B 33 27.77 -15.10 0.00
N ALA B 34 28.01 -15.18 1.30
CA ALA B 34 29.38 -15.12 1.80
C ALA B 34 29.53 -15.94 3.06
N SER B 35 30.78 -16.26 3.39
CA SER B 35 31.06 -17.02 4.59
C SER B 35 32.19 -16.38 5.36
N TYR B 36 32.11 -16.44 6.68
CA TYR B 36 33.18 -15.98 7.56
C TYR B 36 34.11 -17.14 7.92
N GLY B 37 33.97 -18.26 7.23
CA GLY B 37 34.80 -19.42 7.50
C GLY B 37 34.19 -20.76 7.14
N PRO B 38 33.01 -21.06 7.72
CA PRO B 38 32.33 -22.34 7.45
C PRO B 38 32.05 -22.58 5.97
N THR B 39 31.83 -23.83 5.60
CA THR B 39 31.50 -24.16 4.21
C THR B 39 30.16 -23.55 3.83
N GLN B 40 29.27 -23.42 4.81
CA GLN B 40 27.99 -22.78 4.58
C GLN B 40 28.17 -21.30 4.27
N LYS B 41 27.30 -20.76 3.44
CA LYS B 41 27.31 -19.33 3.16
C LYS B 41 26.01 -18.69 3.65
N TRP B 42 26.10 -17.42 4.06
CA TRP B 42 24.93 -16.69 4.53
C TRP B 42 24.70 -15.45 3.68
N GLY B 43 23.47 -14.94 3.72
CA GLY B 43 23.13 -13.70 3.05
C GLY B 43 23.62 -12.50 3.84
N PRO B 44 23.29 -11.29 3.37
CA PRO B 44 23.73 -10.01 3.92
C PRO B 44 23.35 -9.77 5.39
N GLN B 45 22.42 -10.54 5.93
CA GLN B 45 22.07 -10.41 7.35
C GLN B 45 23.01 -11.22 8.23
N GLY B 46 23.84 -12.05 7.60
CA GLY B 46 24.78 -12.88 8.33
C GLY B 46 24.14 -14.10 8.96
N ASP B 47 24.74 -14.57 10.04
CA ASP B 47 24.35 -15.82 10.68
C ASP B 47 23.85 -15.55 12.08
N ARG B 48 22.54 -15.66 12.26
CA ARG B 48 21.87 -15.23 13.48
C ARG B 48 22.27 -16.06 14.70
N GLU B 49 22.71 -17.29 14.45
CA GLU B 49 22.99 -18.24 15.53
C GLU B 49 24.43 -18.21 16.03
N HIS B 50 25.29 -17.43 15.36
CA HIS B 50 26.69 -17.38 15.71
C HIS B 50 26.95 -16.28 16.75
N PRO B 51 27.63 -16.63 17.84
CA PRO B 51 27.97 -15.66 18.88
C PRO B 51 28.94 -14.58 18.41
N ASP B 52 28.80 -13.39 18.99
CA ASP B 52 29.71 -12.27 18.74
C ASP B 52 31.01 -12.48 19.50
N GLN B 53 32.07 -12.81 18.77
CA GLN B 53 33.36 -13.08 19.38
C GLN B 53 34.35 -11.94 19.16
N GLY B 54 33.82 -10.72 19.03
CA GLY B 54 34.64 -9.54 18.84
C GLY B 54 34.47 -8.89 17.47
N LEU B 55 33.25 -8.94 16.95
CA LEU B 55 32.94 -8.40 15.63
C LEU B 55 33.22 -6.90 15.54
N ILE B 56 33.48 -6.42 14.33
CA ILE B 56 33.72 -5.00 14.13
C ILE B 56 32.42 -4.20 14.33
N CYS B 57 31.29 -4.89 14.24
CA CYS B 57 30.00 -4.25 14.50
C CYS B 57 29.16 -5.13 15.42
N HIS B 58 28.98 -4.68 16.66
CA HIS B 58 28.28 -5.48 17.66
C HIS B 58 26.77 -5.35 17.53
N ASP B 59 26.31 -4.56 16.57
CA ASP B 59 24.88 -4.40 16.34
C ASP B 59 24.47 -5.14 15.06
N ALA B 60 25.29 -6.09 14.64
CA ALA B 60 24.94 -6.93 13.50
C ALA B 60 25.52 -8.32 13.69
N PHE B 61 24.92 -9.30 13.02
CA PHE B 61 25.37 -10.68 13.15
C PHE B 61 26.68 -10.88 12.40
N CYS B 62 27.41 -11.91 12.79
CA CYS B 62 28.61 -12.31 12.07
C CYS B 62 28.27 -12.64 10.63
N GLY B 63 29.03 -12.08 9.70
CA GLY B 63 28.77 -12.31 8.29
C GLY B 63 27.72 -11.39 7.70
N ALA B 64 27.31 -10.39 8.47
CA ALA B 64 26.41 -9.36 7.96
C ALA B 64 27.19 -8.28 7.21
N LEU B 65 26.48 -7.56 6.36
CA LEU B 65 27.03 -6.37 5.71
C LEU B 65 26.92 -5.18 6.64
N VAL B 66 28.01 -4.46 6.84
CA VAL B 66 27.96 -3.23 7.62
C VAL B 66 28.72 -2.15 6.89
N MET B 67 28.74 -0.95 7.44
CA MET B 67 29.45 0.14 6.79
C MET B 67 30.01 1.14 7.78
N LYS B 68 30.90 1.99 7.29
CA LYS B 68 31.32 3.19 7.99
C LYS B 68 31.05 4.37 7.07
N ILE B 69 30.59 5.47 7.65
CA ILE B 69 30.46 6.72 6.91
C ILE B 69 31.55 7.67 7.40
N GLY B 70 32.48 8.00 6.52
CA GLY B 70 33.70 8.68 6.93
C GLY B 70 34.47 7.74 7.82
N ASN B 71 34.96 8.25 8.94
CA ASN B 71 35.57 7.39 9.95
C ASN B 71 34.63 7.25 11.14
N SER B 72 33.36 6.95 10.84
CA SER B 72 32.37 6.73 11.88
C SER B 72 32.54 5.33 12.46
N GLY B 73 31.82 5.05 13.54
CA GLY B 73 31.75 3.70 14.05
C GLY B 73 31.03 2.87 13.01
N THR B 74 31.10 1.54 13.14
CA THR B 74 30.40 0.68 12.20
C THR B 74 28.90 0.82 12.33
N ILE B 75 28.22 0.76 11.20
CA ILE B 75 26.77 0.88 11.11
C ILE B 75 26.20 -0.32 10.38
N PRO B 76 25.20 -0.98 10.98
CA PRO B 76 24.60 -2.16 10.33
C PRO B 76 23.95 -1.80 9.01
N VAL B 77 24.11 -2.65 8.00
CA VAL B 77 23.41 -2.46 6.73
C VAL B 77 22.54 -3.68 6.43
N ASN B 78 23.08 -4.87 6.64
CA ASN B 78 22.33 -6.12 6.40
C ASN B 78 21.84 -6.17 4.96
N THR B 79 20.55 -6.50 4.75
CA THR B 79 20.04 -6.59 3.39
C THR B 79 19.84 -5.19 2.78
N GLY B 80 19.96 -4.16 3.61
CA GLY B 80 19.91 -2.80 3.09
C GLY B 80 19.21 -1.79 3.98
N LEU B 81 19.25 -0.54 3.52
CA LEU B 81 18.62 0.56 4.24
C LEU B 81 17.65 1.28 3.30
N PHE B 82 16.42 1.52 3.76
CA PHE B 82 15.39 2.11 2.92
C PHE B 82 15.19 3.57 3.29
N ARG B 83 15.61 4.47 2.41
CA ARG B 83 15.40 5.92 2.60
C ARG B 83 15.82 6.33 4.00
N TRP B 84 17.11 6.17 4.24
CA TRP B 84 17.70 6.16 5.57
C TRP B 84 18.58 7.39 5.78
N VAL B 85 18.50 7.97 6.98
CA VAL B 85 19.33 9.11 7.35
C VAL B 85 20.26 8.72 8.49
N ALA B 86 21.52 9.13 8.40
CA ALA B 86 22.52 8.74 9.40
C ALA B 86 22.41 9.56 10.67
N PRO B 87 22.95 9.02 11.77
CA PRO B 87 23.07 9.71 13.08
C PRO B 87 23.88 10.99 13.01
N ASN B 88 23.76 11.83 14.04
CA ASN B 88 24.36 13.16 14.05
C ASN B 88 25.86 13.18 13.82
N ASN B 89 26.33 14.20 13.10
CA ASN B 89 27.75 14.42 12.89
C ASN B 89 28.42 13.33 12.04
N VAL B 90 27.60 12.46 11.46
CA VAL B 90 28.11 11.40 10.61
C VAL B 90 28.13 11.86 9.16
N GLN B 91 29.30 11.80 8.54
CA GLN B 91 29.44 12.19 7.14
C GLN B 91 30.78 11.73 6.58
N GLY B 92 30.84 11.57 5.27
CA GLY B 92 32.05 11.14 4.61
C GLY B 92 31.77 9.98 3.67
N ALA B 93 32.82 9.50 3.02
CA ALA B 93 32.66 8.41 2.07
C ALA B 93 32.10 7.17 2.76
N ILE B 94 31.25 6.45 2.05
CA ILE B 94 30.73 5.19 2.56
C ILE B 94 31.70 4.06 2.25
N THR B 95 32.11 3.35 3.29
CA THR B 95 32.93 2.16 3.13
C THR B 95 32.13 0.94 3.55
N LEU B 96 31.96 0.00 2.64
CA LEU B 96 31.24 -1.24 2.93
C LEU B 96 32.19 -2.29 3.49
N ILE B 97 31.75 -2.99 4.54
CA ILE B 97 32.61 -3.96 5.20
C ILE B 97 31.84 -5.18 5.65
N TYR B 98 32.41 -6.36 5.39
CA TYR B 98 31.91 -7.62 5.90
C TYR B 98 32.12 -7.68 7.41
N ASN B 99 31.09 -8.10 8.14
CA ASN B 99 31.17 -8.14 9.60
C ASN B 99 31.84 -9.41 10.10
N ASP B 100 33.07 -9.29 10.59
CA ASP B 100 33.78 -10.43 11.15
C ASP B 100 34.74 -9.91 12.22
N VAL B 101 35.43 -10.83 12.89
CA VAL B 101 36.38 -10.46 13.92
C VAL B 101 37.70 -10.06 13.27
N PRO B 102 38.21 -8.87 13.63
CA PRO B 102 39.49 -8.38 13.14
C PRO B 102 40.59 -9.45 13.24
N GLY B 103 41.36 -9.59 12.17
CA GLY B 103 42.43 -10.58 12.13
C GLY B 103 41.96 -11.94 11.64
N THR B 104 40.66 -12.10 11.38
CA THR B 104 40.13 -13.40 10.98
C THR B 104 39.44 -13.37 9.61
N TYR B 105 39.74 -12.38 8.79
CA TYR B 105 39.12 -12.27 7.47
C TYR B 105 39.73 -13.24 6.45
N GLY B 106 40.87 -13.82 6.82
CA GLY B 106 41.66 -14.63 5.90
C GLY B 106 41.01 -15.90 5.36
N ASN B 107 40.04 -16.44 6.09
CA ASN B 107 39.38 -17.66 5.65
C ASN B 107 37.98 -17.39 5.10
N ASN B 108 37.67 -16.13 4.86
CA ASN B 108 36.35 -15.76 4.36
C ASN B 108 36.27 -15.94 2.85
N SER B 109 35.04 -16.09 2.35
CA SER B 109 34.83 -16.23 0.92
C SER B 109 33.47 -15.69 0.50
N GLY B 110 33.32 -15.45 -0.81
CA GLY B 110 32.10 -14.90 -1.33
C GLY B 110 32.08 -13.39 -1.25
N SER B 111 30.93 -12.81 -1.53
CA SER B 111 30.82 -11.36 -1.57
C SER B 111 29.37 -10.94 -1.56
N PHE B 112 29.14 -9.65 -1.33
CA PHE B 112 27.81 -9.08 -1.48
C PHE B 112 27.82 -8.04 -2.58
N SER B 113 26.84 -8.13 -3.47
CA SER B 113 26.58 -7.07 -4.41
C SER B 113 25.79 -5.99 -3.69
N VAL B 114 26.17 -4.73 -3.89
CA VAL B 114 25.56 -3.62 -3.15
C VAL B 114 25.32 -2.45 -4.10
N ASN B 115 24.21 -1.72 -3.91
CA ASN B 115 23.75 -0.75 -4.93
C ASN B 115 23.50 0.73 -4.57
N ILE B 116 23.88 1.16 -3.37
CA ILE B 116 23.71 2.54 -2.87
C ILE B 116 23.24 3.69 -3.80
N GLY B 117 22.19 4.38 -3.40
CA GLY B 117 21.74 5.58 -4.10
C GLY B 117 21.25 6.65 -3.14
N LYS B 118 21.28 7.91 -3.59
CA LYS B 118 20.75 8.99 -2.77
C LYS B 118 19.29 9.26 -3.15
N ASP B 119 18.49 9.63 -2.15
CA ASP B 119 17.06 9.78 -2.33
C ASP B 119 16.61 11.23 -2.22
N GLN B 120 15.32 11.45 -2.44
CA GLN B 120 14.70 12.77 -2.37
C GLN B 120 14.80 13.39 -0.97
N SER B 121 15.11 14.68 -0.91
CA SER B 121 15.15 15.39 0.35
C SER B 121 15.03 16.90 0.15
N ALA C 1 4.92 5.21 0.03
CA ALA C 1 5.63 3.97 0.32
C ALA C 1 4.81 3.05 1.23
N TRP C 2 5.26 1.79 1.34
CA TRP C 2 4.56 0.79 2.13
C TRP C 2 5.55 0.05 3.04
N LYS C 3 5.14 -0.21 4.27
CA LYS C 3 5.95 -1.03 5.16
C LYS C 3 5.08 -2.04 5.87
N GLY C 4 5.54 -3.28 5.91
CA GLY C 4 4.77 -4.33 6.53
C GLY C 4 5.54 -5.62 6.58
N GLU C 5 4.82 -6.71 6.83
CA GLU C 5 5.45 -8.01 6.98
C GLU C 5 4.66 -9.07 6.24
N VAL C 6 5.35 -10.11 5.81
CA VAL C 6 4.73 -11.25 5.14
C VAL C 6 5.07 -12.52 5.89
N LEU C 7 4.05 -13.31 6.23
CA LEU C 7 4.28 -14.53 7.00
C LEU C 7 4.70 -15.69 6.10
N ALA C 8 5.63 -16.49 6.60
CA ALA C 8 6.10 -17.66 5.86
C ALA C 8 5.02 -18.72 5.70
N ASN C 9 4.01 -18.70 6.57
CA ASN C 9 2.99 -19.75 6.56
C ASN C 9 1.76 -19.40 5.72
N ASN C 10 1.80 -18.26 5.06
CA ASN C 10 0.63 -17.77 4.35
C ASN C 10 0.72 -17.98 2.84
N GLU C 11 0.00 -18.98 2.33
CA GLU C 11 0.00 -19.26 0.90
C GLU C 11 -0.61 -18.12 0.09
N ALA C 12 -1.51 -17.37 0.74
CA ALA C 12 -2.15 -16.24 0.10
C ALA C 12 -1.21 -15.04 -0.02
N GLY C 13 -0.22 -14.98 0.86
CA GLY C 13 0.75 -13.89 0.87
C GLY C 13 0.19 -12.61 1.46
N GLN C 14 0.95 -11.52 1.32
CA GLN C 14 0.54 -10.23 1.83
C GLN C 14 0.28 -9.26 0.69
N VAL C 15 -0.96 -8.79 0.58
CA VAL C 15 -1.31 -7.83 -0.46
C VAL C 15 -1.02 -6.42 0.04
N THR C 16 -0.06 -5.76 -0.60
CA THR C 16 0.32 -4.41 -0.21
C THR C 16 -0.61 -3.38 -0.83
N SER C 17 -0.46 -2.12 -0.42
CA SER C 17 -1.25 -1.04 -0.97
C SER C 17 -0.51 -0.35 -2.12
N ILE C 18 0.61 -0.94 -2.53
CA ILE C 18 1.37 -0.42 -3.67
C ILE C 18 0.85 -1.00 -4.98
N ILE C 19 0.39 -0.13 -5.86
CA ILE C 19 -0.07 -0.55 -7.19
C ILE C 19 1.03 -0.27 -8.20
N TYR C 20 1.64 -1.32 -8.73
CA TYR C 20 2.66 -1.13 -9.75
C TYR C 20 2.00 -0.80 -11.09
N ASN C 21 2.39 0.33 -11.67
CA ASN C 21 1.89 0.78 -12.97
C ASN C 21 3.00 0.77 -14.01
N PRO C 22 2.62 0.65 -15.28
CA PRO C 22 3.58 0.64 -16.39
C PRO C 22 4.56 1.80 -16.27
N GLY C 23 5.85 1.53 -16.42
CA GLY C 23 6.86 2.56 -16.31
C GLY C 23 7.37 2.81 -14.90
N ASP C 24 6.67 2.28 -13.91
CA ASP C 24 7.04 2.53 -12.51
C ASP C 24 8.42 1.97 -12.19
N VAL C 25 9.20 2.76 -11.45
CA VAL C 25 10.47 2.30 -10.90
C VAL C 25 10.27 2.12 -9.41
N ILE C 26 10.59 0.95 -8.88
CA ILE C 26 10.37 0.72 -7.46
C ILE C 26 11.63 0.27 -6.76
N THR C 27 11.64 0.45 -5.45
CA THR C 27 12.69 -0.10 -4.59
C THR C 27 12.03 -0.92 -3.49
N ILE C 28 12.53 -2.14 -3.31
CA ILE C 28 12.12 -2.98 -2.19
C ILE C 28 13.33 -3.33 -1.35
N VAL C 29 13.19 -3.26 -0.04
CA VAL C 29 14.20 -3.81 0.86
C VAL C 29 13.52 -4.79 1.81
N ALA C 30 14.03 -6.02 1.84
CA ALA C 30 13.43 -7.08 2.63
C ALA C 30 14.40 -7.59 3.68
N ALA C 31 13.88 -7.91 4.86
CA ALA C 31 14.70 -8.44 5.96
C ALA C 31 13.90 -9.45 6.79
N GLY C 32 14.58 -10.13 7.70
CA GLY C 32 13.91 -11.05 8.59
C GLY C 32 14.35 -12.50 8.41
N TRP C 33 13.73 -13.38 9.18
CA TRP C 33 14.10 -14.78 9.21
C TRP C 33 12.88 -15.68 9.07
N ALA C 34 12.99 -16.70 8.24
CA ALA C 34 11.86 -17.59 7.99
C ALA C 34 12.31 -19.01 7.70
N SER C 35 11.42 -19.97 7.93
CA SER C 35 11.70 -21.36 7.62
C SER C 35 10.52 -21.98 6.87
N TYR C 36 10.84 -22.83 5.91
CA TYR C 36 9.83 -23.57 5.17
C TYR C 36 9.59 -24.93 5.82
N GLY C 37 10.12 -25.10 7.02
CA GLY C 37 9.94 -26.36 7.73
C GLY C 37 11.09 -26.70 8.66
N PRO C 38 12.33 -26.71 8.13
CA PRO C 38 13.51 -27.05 8.94
C PRO C 38 13.67 -26.16 10.16
N THR C 39 14.40 -26.66 11.15
CA THR C 39 14.67 -25.93 12.37
C THR C 39 15.37 -24.61 12.07
N GLN C 40 16.29 -24.64 11.11
CA GLN C 40 17.04 -23.45 10.70
C GLN C 40 16.13 -22.40 10.07
N LYS C 41 16.53 -21.13 10.18
CA LYS C 41 15.85 -20.08 9.44
C LYS C 41 16.77 -19.41 8.44
N TRP C 42 16.18 -18.93 7.35
CA TRP C 42 16.91 -18.29 6.28
C TRP C 42 16.41 -16.86 6.06
N GLY C 43 17.26 -16.05 5.45
CA GLY C 43 16.87 -14.70 5.06
C GLY C 43 16.03 -14.75 3.80
N PRO C 44 15.71 -13.57 3.24
CA PRO C 44 14.81 -13.35 2.09
C PRO C 44 15.30 -13.99 0.80
N GLN C 45 16.57 -14.42 0.76
CA GLN C 45 17.08 -15.13 -0.41
C GLN C 45 16.75 -16.63 -0.32
N GLY C 46 16.35 -17.07 0.86
CA GLY C 46 16.00 -18.46 1.08
C GLY C 46 17.18 -19.39 1.25
N ASP C 47 16.96 -20.67 0.96
CA ASP C 47 17.93 -21.72 1.16
C ASP C 47 18.53 -22.18 -0.18
N ARG C 48 19.78 -21.80 -0.42
CA ARG C 48 20.43 -22.03 -1.70
C ARG C 48 20.74 -23.50 -1.96
N GLU C 49 20.53 -24.35 -0.96
CA GLU C 49 20.95 -25.74 -1.03
C GLU C 49 19.78 -26.73 -1.10
N HIS C 50 18.56 -26.20 -1.13
CA HIS C 50 17.37 -27.05 -1.16
C HIS C 50 16.81 -27.14 -2.58
N PRO C 51 16.52 -28.36 -3.03
CA PRO C 51 16.00 -28.56 -4.39
C PRO C 51 14.58 -28.03 -4.60
N ASP C 52 14.25 -27.71 -5.84
CA ASP C 52 12.92 -27.24 -6.21
C ASP C 52 11.94 -28.40 -6.36
N GLN C 53 11.01 -28.50 -5.42
CA GLN C 53 10.04 -29.60 -5.44
C GLN C 53 8.63 -29.11 -5.80
N GLY C 54 8.56 -28.10 -6.66
CA GLY C 54 7.28 -27.56 -7.08
C GLY C 54 6.97 -26.22 -6.43
N LEU C 55 8.01 -25.41 -6.28
CA LEU C 55 7.88 -24.08 -5.70
C LEU C 55 6.97 -23.19 -6.53
N ILE C 56 6.29 -22.23 -5.88
CA ILE C 56 5.47 -21.28 -6.62
C ILE C 56 6.34 -20.37 -7.51
N CYS C 57 7.63 -20.28 -7.18
CA CYS C 57 8.57 -19.55 -8.03
C CYS C 57 9.81 -20.38 -8.30
N HIS C 58 10.01 -20.74 -9.56
CA HIS C 58 11.12 -21.60 -9.94
C HIS C 58 12.39 -20.80 -10.22
N ASP C 59 12.29 -19.47 -10.12
CA ASP C 59 13.44 -18.60 -10.35
C ASP C 59 14.00 -18.05 -9.03
N ALA C 60 13.49 -18.57 -7.92
CA ALA C 60 14.00 -18.21 -6.61
C ALA C 60 14.12 -19.46 -5.75
N PHE C 61 14.99 -19.43 -4.76
CA PHE C 61 15.21 -20.56 -3.87
C PHE C 61 13.99 -20.82 -2.97
N CYS C 62 13.92 -22.02 -2.42
CA CYS C 62 12.91 -22.33 -1.42
C CYS C 62 13.14 -21.43 -0.20
N GLY C 63 12.07 -20.77 0.25
CA GLY C 63 12.16 -19.91 1.41
C GLY C 63 12.53 -18.48 1.05
N ALA C 64 12.51 -18.18 -0.25
CA ALA C 64 12.82 -16.85 -0.72
C ALA C 64 11.57 -15.96 -0.77
N LEU C 65 11.79 -14.66 -0.68
CA LEU C 65 10.71 -13.71 -0.86
C LEU C 65 10.46 -13.50 -2.36
N VAL C 66 9.22 -13.70 -2.78
CA VAL C 66 8.83 -13.42 -4.16
C VAL C 66 7.61 -12.52 -4.16
N MET C 67 7.16 -12.11 -5.33
CA MET C 67 5.99 -11.27 -5.40
C MET C 67 5.17 -11.54 -6.65
N LYS C 68 3.94 -11.07 -6.63
CA LYS C 68 3.14 -10.97 -7.83
C LYS C 68 2.74 -9.51 -8.01
N ILE C 69 2.68 -9.07 -9.26
CA ILE C 69 2.14 -7.76 -9.58
C ILE C 69 0.84 -8.01 -10.31
N GLY C 70 -0.28 -7.62 -9.70
CA GLY C 70 -1.57 -7.97 -10.23
C GLY C 70 -1.68 -9.48 -10.28
N ASN C 71 -2.20 -10.01 -11.38
CA ASN C 71 -2.31 -11.46 -11.56
C ASN C 71 -1.13 -12.03 -12.34
N SER C 72 0.03 -11.40 -12.21
CA SER C 72 1.24 -11.90 -12.86
C SER C 72 1.68 -13.24 -12.25
N GLY C 73 2.66 -13.87 -12.89
CA GLY C 73 3.32 -15.01 -12.29
C GLY C 73 4.26 -14.50 -11.21
N THR C 74 4.88 -15.42 -10.49
CA THR C 74 5.76 -15.03 -9.40
C THR C 74 7.06 -14.41 -9.90
N ILE C 75 7.50 -13.37 -9.20
CA ILE C 75 8.69 -12.61 -9.54
C ILE C 75 9.63 -12.61 -8.34
N PRO C 76 10.90 -12.99 -8.54
CA PRO C 76 11.83 -13.01 -7.41
C PRO C 76 12.05 -11.62 -6.82
N VAL C 77 12.07 -11.54 -5.50
CA VAL C 77 12.40 -10.30 -4.79
C VAL C 77 13.70 -10.49 -4.02
N ASN C 78 13.80 -11.64 -3.33
CA ASN C 78 14.96 -11.92 -2.49
C ASN C 78 15.19 -10.79 -1.49
N THR C 79 16.41 -10.26 -1.42
CA THR C 79 16.72 -9.21 -0.44
C THR C 79 16.12 -7.86 -0.84
N GLY C 80 15.62 -7.76 -2.07
CA GLY C 80 14.99 -6.54 -2.53
C GLY C 80 15.35 -6.16 -3.95
N LEU C 81 14.80 -5.02 -4.39
CA LEU C 81 15.02 -4.54 -5.75
C LEU C 81 15.50 -3.10 -5.71
N PHE C 82 16.60 -2.80 -6.40
CA PHE C 82 17.12 -1.44 -6.43
C PHE C 82 16.70 -0.73 -7.72
N ARG C 83 15.78 0.22 -7.60
CA ARG C 83 15.35 1.06 -8.72
C ARG C 83 15.04 0.20 -9.94
N TRP C 84 14.07 -0.68 -9.73
CA TRP C 84 13.72 -1.76 -10.64
C TRP C 84 12.50 -1.42 -11.48
N VAL C 85 12.59 -1.72 -12.78
CA VAL C 85 11.44 -1.58 -13.67
C VAL C 85 11.11 -2.97 -14.21
N ALA C 86 9.83 -3.31 -14.18
CA ALA C 86 9.41 -4.66 -14.55
C ALA C 86 9.63 -4.96 -16.03
N PRO C 87 9.99 -6.22 -16.35
CA PRO C 87 9.75 -6.74 -17.71
C PRO C 87 8.25 -6.72 -17.94
N ASN C 88 7.78 -5.65 -18.57
CA ASN C 88 6.43 -5.14 -18.37
C ASN C 88 5.26 -5.93 -18.96
N ASN C 89 4.20 -5.19 -19.27
CA ASN C 89 2.87 -5.73 -19.49
C ASN C 89 2.33 -6.24 -18.15
N VAL C 90 3.06 -5.90 -17.09
CA VAL C 90 2.69 -6.27 -15.72
C VAL C 90 2.18 -5.06 -14.96
N GLN C 91 1.05 -5.20 -14.27
CA GLN C 91 0.49 -4.07 -13.54
C GLN C 91 -0.55 -4.52 -12.52
N GLY C 92 -0.59 -3.84 -11.38
CA GLY C 92 -1.53 -4.19 -10.34
C GLY C 92 -0.91 -4.16 -8.95
N ALA C 93 -1.69 -4.53 -7.94
CA ALA C 93 -1.21 -4.52 -6.57
C ALA C 93 -0.06 -5.50 -6.39
N ILE C 94 0.96 -5.08 -5.65
CA ILE C 94 2.03 -5.99 -5.32
C ILE C 94 1.61 -6.89 -4.18
N THR C 95 1.66 -8.20 -4.41
CA THR C 95 1.44 -9.17 -3.36
C THR C 95 2.77 -9.81 -3.00
N LEU C 96 3.14 -9.79 -1.72
CA LEU C 96 4.36 -10.43 -1.30
C LEU C 96 4.07 -11.86 -0.88
N ILE C 97 4.91 -12.81 -1.31
CA ILE C 97 4.69 -14.22 -0.97
C ILE C 97 5.96 -14.97 -0.61
N TYR C 98 5.86 -15.84 0.38
CA TYR C 98 6.94 -16.74 0.75
C TYR C 98 7.00 -17.90 -0.24
N ASN C 99 8.19 -18.18 -0.74
CA ASN C 99 8.36 -19.21 -1.76
C ASN C 99 8.44 -20.62 -1.17
N ASP C 100 7.35 -21.37 -1.32
CA ASP C 100 7.32 -22.75 -0.84
C ASP C 100 6.42 -23.56 -1.77
N VAL C 101 6.34 -24.86 -1.53
CA VAL C 101 5.47 -25.72 -2.32
C VAL C 101 4.06 -25.66 -1.79
N PRO C 102 3.08 -25.37 -2.66
CA PRO C 102 1.67 -25.26 -2.29
C PRO C 102 1.17 -26.47 -1.51
N GLY C 103 0.45 -26.24 -0.43
CA GLY C 103 -0.04 -27.32 0.40
C GLY C 103 0.97 -27.76 1.45
N THR C 104 2.17 -27.16 1.41
CA THR C 104 3.23 -27.50 2.35
C THR C 104 3.58 -26.35 3.30
N TYR C 105 2.77 -25.30 3.31
CA TYR C 105 3.06 -24.13 4.14
C TYR C 105 2.77 -24.35 5.61
N GLY C 106 2.18 -25.50 5.94
CA GLY C 106 1.74 -25.78 7.29
C GLY C 106 2.83 -25.72 8.36
N ASN C 107 4.03 -26.14 8.00
CA ASN C 107 5.14 -26.20 8.97
C ASN C 107 6.09 -25.02 8.85
N ASN C 108 5.68 -24.00 8.13
CA ASN C 108 6.50 -22.80 7.95
C ASN C 108 6.41 -21.88 9.16
N SER C 109 7.48 -21.14 9.43
CA SER C 109 7.48 -20.20 10.54
C SER C 109 8.28 -18.95 10.21
N GLY C 110 7.99 -17.87 10.92
CA GLY C 110 8.70 -16.62 10.72
C GLY C 110 8.04 -15.74 9.67
N SER C 111 8.75 -14.67 9.31
CA SER C 111 8.20 -13.67 8.42
C SER C 111 9.29 -12.76 7.91
N PHE C 112 8.98 -12.01 6.86
CA PHE C 112 9.88 -10.97 6.38
C PHE C 112 9.26 -9.61 6.54
N SER C 113 10.04 -8.66 7.01
CA SER C 113 9.66 -7.27 7.00
C SER C 113 10.11 -6.61 5.70
N VAL C 114 9.24 -5.82 5.09
CA VAL C 114 9.48 -5.34 3.75
C VAL C 114 9.11 -3.87 3.61
N ASN C 115 10.02 -3.10 3.03
CA ASN C 115 9.76 -1.72 2.62
C ASN C 115 9.62 -1.64 1.09
N ILE C 116 8.58 -0.95 0.62
CA ILE C 116 8.42 -0.74 -0.82
C ILE C 116 8.14 0.74 -1.10
N GLY C 117 8.82 1.29 -2.10
CA GLY C 117 8.61 2.67 -2.48
C GLY C 117 8.80 2.88 -3.98
N LYS C 118 8.10 3.88 -4.52
CA LYS C 118 8.25 4.23 -5.92
C LYS C 118 9.35 5.26 -6.09
N ASP C 119 10.08 5.15 -7.19
CA ASP C 119 11.27 5.95 -7.42
C ASP C 119 11.11 6.95 -8.54
N GLN C 120 12.12 7.81 -8.68
CA GLN C 120 12.21 8.77 -9.77
C GLN C 120 12.16 8.08 -11.13
N SER C 121 11.38 8.62 -12.05
CA SER C 121 11.30 8.04 -13.39
C SER C 121 10.77 9.05 -14.42
N ALA D 1 -20.60 -0.89 9.75
CA ALA D 1 -20.77 0.26 8.87
C ALA D 1 -21.38 1.44 9.62
N TRP D 2 -21.19 2.63 9.06
CA TRP D 2 -21.67 3.85 9.70
C TRP D 2 -22.33 4.73 8.66
N LYS D 3 -23.42 5.37 9.05
CA LYS D 3 -24.06 6.37 8.20
C LYS D 3 -24.52 7.54 9.07
N GLY D 4 -24.21 8.74 8.63
CA GLY D 4 -24.56 9.92 9.40
C GLY D 4 -24.43 11.19 8.60
N GLU D 5 -24.68 12.30 9.27
CA GLU D 5 -24.60 13.61 8.64
C GLU D 5 -23.35 14.36 9.11
N VAL D 6 -22.70 15.04 8.19
CA VAL D 6 -21.57 15.92 8.52
C VAL D 6 -21.98 17.36 8.26
N LEU D 7 -21.99 18.19 9.31
CA LEU D 7 -22.42 19.56 9.17
C LEU D 7 -21.29 20.46 8.72
N ALA D 8 -21.57 21.32 7.74
CA ALA D 8 -20.57 22.22 7.17
C ALA D 8 -19.97 23.17 8.21
N ASN D 9 -20.78 23.57 9.19
CA ASN D 9 -20.32 24.52 10.20
C ASN D 9 -19.73 23.85 11.42
N ASN D 10 -19.55 22.54 11.36
CA ASN D 10 -18.93 21.79 12.45
C ASN D 10 -17.41 21.76 12.31
N GLU D 11 -16.74 22.76 12.90
CA GLU D 11 -15.30 22.90 12.71
C GLU D 11 -14.52 21.71 13.26
N ALA D 12 -15.05 21.06 14.28
CA ALA D 12 -14.37 19.95 14.93
C ALA D 12 -14.56 18.65 14.14
N GLY D 13 -15.56 18.64 13.27
CA GLY D 13 -15.83 17.47 12.46
C GLY D 13 -16.71 16.45 13.15
N GLN D 14 -17.27 15.53 12.34
CA GLN D 14 -18.15 14.50 12.85
C GLN D 14 -17.38 13.21 13.11
N VAL D 15 -17.27 12.83 14.38
CA VAL D 15 -16.64 11.56 14.72
C VAL D 15 -17.57 10.40 14.35
N THR D 16 -17.08 9.47 13.54
CA THR D 16 -17.87 8.29 13.18
C THR D 16 -17.60 7.15 14.14
N SER D 17 -18.34 6.06 13.98
CA SER D 17 -18.14 4.87 14.80
C SER D 17 -17.12 3.94 14.16
N ILE D 18 -16.57 4.38 13.04
CA ILE D 18 -15.59 3.59 12.30
C ILE D 18 -14.18 3.79 12.84
N ILE D 19 -13.56 2.68 13.26
CA ILE D 19 -12.16 2.72 13.65
C ILE D 19 -11.32 2.08 12.55
N TYR D 20 -10.57 2.90 11.82
CA TYR D 20 -9.73 2.36 10.76
C TYR D 20 -8.52 1.65 11.34
N ASN D 21 -8.36 0.38 11.00
CA ASN D 21 -7.23 -0.42 11.45
C ASN D 21 -6.34 -0.77 10.28
N PRO D 22 -5.06 -1.07 10.56
CA PRO D 22 -4.10 -1.45 9.50
C PRO D 22 -4.65 -2.56 8.60
N GLY D 23 -4.49 -2.41 7.29
CA GLY D 23 -4.94 -3.42 6.35
C GLY D 23 -6.40 -3.29 5.94
N ASP D 24 -7.15 -2.46 6.64
CA ASP D 24 -8.57 -2.27 6.33
C ASP D 24 -8.77 -1.70 4.93
N VAL D 25 -9.74 -2.24 4.22
CA VAL D 25 -10.21 -1.65 2.99
C VAL D 25 -11.55 -1.01 3.30
N ILE D 26 -11.70 0.27 2.95
CA ILE D 26 -12.96 0.95 3.23
C ILE D 26 -13.60 1.53 1.99
N THR D 27 -14.91 1.75 2.07
CA THR D 27 -15.64 2.42 1.01
C THR D 27 -16.41 3.56 1.64
N ILE D 28 -16.33 4.73 1.02
CA ILE D 28 -17.09 5.87 1.48
C ILE D 28 -17.91 6.41 0.32
N VAL D 29 -19.18 6.70 0.57
CA VAL D 29 -19.99 7.43 -0.39
C VAL D 29 -20.64 8.62 0.32
N ALA D 30 -20.48 9.79 -0.29
CA ALA D 30 -21.00 11.02 0.29
C ALA D 30 -21.89 11.74 -0.69
N ALA D 31 -22.96 12.33 -0.18
CA ALA D 31 -23.87 13.11 -1.00
C ALA D 31 -24.36 14.34 -0.25
N GLY D 32 -25.00 15.25 -0.96
CA GLY D 32 -25.60 16.40 -0.31
C GLY D 32 -25.00 17.72 -0.74
N TRP D 33 -25.43 18.78 -0.07
CA TRP D 33 -25.09 20.14 -0.46
C TRP D 33 -24.64 20.96 0.73
N ALA D 34 -23.59 21.74 0.55
CA ALA D 34 -23.06 22.57 1.62
C ALA D 34 -22.36 23.81 1.09
N SER D 35 -22.24 24.83 1.94
CA SER D 35 -21.53 26.04 1.56
C SER D 35 -20.56 26.48 2.66
N TYR D 36 -19.46 27.09 2.22
CA TYR D 36 -18.45 27.61 3.15
C TYR D 36 -18.71 29.09 3.47
N GLY D 37 -19.83 29.62 3.00
CA GLY D 37 -20.17 31.00 3.26
C GLY D 37 -21.20 31.54 2.29
N PRO D 38 -20.88 31.53 0.99
CA PRO D 38 -21.78 32.04 -0.05
C PRO D 38 -23.15 31.39 -0.03
N THR D 39 -24.10 32.01 -0.71
CA THR D 39 -25.46 31.50 -0.77
C THR D 39 -25.51 30.18 -1.53
N GLN D 40 -24.71 30.08 -2.59
CA GLN D 40 -24.65 28.85 -3.38
C GLN D 40 -24.15 27.69 -2.53
N LYS D 41 -24.54 26.48 -2.89
CA LYS D 41 -24.06 25.29 -2.21
C LYS D 41 -23.38 24.37 -3.21
N TRP D 42 -22.38 23.61 -2.74
CA TRP D 42 -21.62 22.70 -3.59
C TRP D 42 -21.73 21.28 -3.07
N GLY D 43 -21.41 20.30 -3.92
CA GLY D 43 -21.40 18.90 -3.53
C GLY D 43 -20.15 18.57 -2.75
N PRO D 44 -19.95 17.27 -2.46
CA PRO D 44 -18.83 16.77 -1.65
C PRO D 44 -17.45 17.06 -2.24
N GLN D 45 -17.39 17.40 -3.52
CA GLN D 45 -16.12 17.77 -4.15
C GLN D 45 -15.78 19.23 -3.87
N GLY D 46 -16.75 19.99 -3.39
CA GLY D 46 -16.52 21.39 -3.07
C GLY D 46 -16.55 22.34 -4.25
N ASP D 47 -15.82 23.43 -4.12
CA ASP D 47 -15.79 24.49 -5.13
C ASP D 47 -14.45 24.54 -5.85
N ARG D 48 -14.42 24.05 -7.09
CA ARG D 48 -13.17 24.00 -7.85
C ARG D 48 -12.62 25.39 -8.18
N GLU D 49 -13.49 26.40 -8.12
CA GLU D 49 -13.13 27.75 -8.54
C GLU D 49 -12.50 28.59 -7.43
N HIS D 50 -12.80 28.25 -6.18
CA HIS D 50 -12.38 29.06 -5.03
C HIS D 50 -10.92 28.76 -4.63
N PRO D 51 -10.11 29.81 -4.45
CA PRO D 51 -8.70 29.63 -4.07
C PRO D 51 -8.53 29.08 -2.66
N ASP D 52 -7.42 28.36 -2.44
CA ASP D 52 -7.07 27.84 -1.13
C ASP D 52 -6.52 28.96 -0.26
N GLN D 53 -7.30 29.40 0.72
CA GLN D 53 -6.89 30.49 1.61
C GLN D 53 -6.56 30.00 3.01
N GLY D 54 -5.95 28.82 3.10
CA GLY D 54 -5.56 28.25 4.37
C GLY D 54 -6.48 27.14 4.82
N LEU D 55 -7.01 26.40 3.85
CA LEU D 55 -7.90 25.26 4.12
C LEU D 55 -7.22 24.20 4.99
N ILE D 56 -8.02 23.45 5.75
CA ILE D 56 -7.48 22.39 6.59
C ILE D 56 -6.90 21.24 5.76
N CYS D 57 -7.35 21.13 4.51
CA CYS D 57 -6.82 20.13 3.59
C CYS D 57 -6.46 20.78 2.27
N HIS D 58 -5.16 20.80 1.98
CA HIS D 58 -4.67 21.48 0.79
C HIS D 58 -4.81 20.60 -0.45
N ASP D 59 -5.19 19.35 -0.27
CA ASP D 59 -5.32 18.40 -1.37
C ASP D 59 -6.78 18.20 -1.75
N ALA D 60 -7.63 19.13 -1.34
CA ALA D 60 -9.03 19.13 -1.72
C ALA D 60 -9.50 20.56 -1.89
N PHE D 61 -10.58 20.76 -2.64
CA PHE D 61 -11.11 22.10 -2.85
C PHE D 61 -11.84 22.62 -1.62
N CYS D 62 -12.04 23.92 -1.57
CA CYS D 62 -12.83 24.53 -0.50
C CYS D 62 -14.25 23.99 -0.58
N GLY D 63 -14.76 23.51 0.54
CA GLY D 63 -16.12 22.96 0.59
C GLY D 63 -16.16 21.47 0.31
N ALA D 64 -14.99 20.87 0.16
CA ALA D 64 -14.93 19.43 -0.08
C ALA D 64 -15.03 18.65 1.22
N LEU D 65 -15.53 17.42 1.12
CA LEU D 65 -15.52 16.53 2.28
C LEU D 65 -14.13 15.96 2.45
N VAL D 66 -13.59 16.04 3.66
CA VAL D 66 -12.32 15.43 3.97
C VAL D 66 -12.46 14.66 5.27
N MET D 67 -11.39 14.00 5.69
CA MET D 67 -11.42 13.27 6.93
C MET D 67 -10.08 13.27 7.61
N LYS D 68 -10.10 12.93 8.89
CA LYS D 68 -8.90 12.56 9.62
C LYS D 68 -9.10 11.14 10.11
N ILE D 69 -8.04 10.34 10.07
CA ILE D 69 -8.09 9.01 10.64
C ILE D 69 -7.20 9.01 11.88
N GLY D 70 -7.84 8.95 13.04
CA GLY D 70 -7.12 9.17 14.29
C GLY D 70 -6.75 10.64 14.32
N ASN D 71 -5.49 10.93 14.53
CA ASN D 71 -5.03 12.31 14.48
C ASN D 71 -4.19 12.54 13.23
N SER D 72 -4.46 11.78 12.17
CA SER D 72 -3.71 11.93 10.92
C SER D 72 -3.90 13.32 10.33
N GLY D 73 -3.10 13.63 9.32
CA GLY D 73 -3.33 14.84 8.53
C GLY D 73 -4.64 14.65 7.77
N THR D 74 -5.17 15.73 7.21
CA THR D 74 -6.43 15.62 6.49
C THR D 74 -6.28 14.79 5.22
N ILE D 75 -7.29 13.98 4.96
CA ILE D 75 -7.33 13.13 3.78
C ILE D 75 -8.57 13.47 2.97
N PRO D 76 -8.41 13.73 1.68
CA PRO D 76 -9.55 14.05 0.83
C PRO D 76 -10.52 12.86 0.71
N VAL D 77 -11.81 13.15 0.82
CA VAL D 77 -12.84 12.15 0.64
C VAL D 77 -13.66 12.46 -0.61
N ASN D 78 -14.05 13.72 -0.72
CA ASN D 78 -14.90 14.16 -1.84
C ASN D 78 -16.17 13.32 -1.93
N THR D 79 -16.50 12.86 -3.12
CA THR D 79 -17.74 12.09 -3.29
C THR D 79 -17.61 10.70 -2.68
N GLY D 80 -16.39 10.30 -2.36
CA GLY D 80 -16.18 9.04 -1.69
C GLY D 80 -14.90 8.32 -2.09
N LEU D 81 -14.71 7.16 -1.50
CA LEU D 81 -13.51 6.36 -1.72
C LEU D 81 -13.93 4.93 -2.03
N PHE D 82 -13.39 4.38 -3.10
CA PHE D 82 -13.80 3.06 -3.58
C PHE D 82 -12.76 2.03 -3.22
N ARG D 83 -13.09 1.19 -2.24
CA ARG D 83 -12.23 0.10 -1.80
C ARG D 83 -10.82 0.59 -1.56
N TRP D 84 -10.73 1.52 -0.61
CA TRP D 84 -9.56 2.36 -0.40
C TRP D 84 -8.74 1.91 0.82
N VAL D 85 -7.42 1.97 0.69
CA VAL D 85 -6.53 1.66 1.81
C VAL D 85 -5.73 2.90 2.19
N ALA D 86 -5.57 3.13 3.49
CA ALA D 86 -4.92 4.32 3.99
C ALA D 86 -3.41 4.27 3.78
N PRO D 87 -2.73 5.42 3.98
CA PRO D 87 -1.27 5.52 4.04
C PRO D 87 -0.69 4.81 5.26
N ASN D 88 0.60 4.52 5.22
CA ASN D 88 1.25 3.80 6.31
C ASN D 88 1.15 4.54 7.64
N ASN D 89 0.96 3.78 8.72
CA ASN D 89 0.93 4.32 10.07
C ASN D 89 -0.32 5.16 10.35
N VAL D 90 -1.29 5.14 9.44
CA VAL D 90 -2.55 5.83 9.67
C VAL D 90 -3.56 4.88 10.30
N GLN D 91 -4.15 5.28 11.42
CA GLN D 91 -5.10 4.43 12.11
C GLN D 91 -5.85 5.18 13.19
N GLY D 92 -7.05 4.71 13.52
CA GLY D 92 -7.86 5.33 14.54
C GLY D 92 -9.25 5.67 14.04
N ALA D 93 -10.03 6.33 14.89
CA ALA D 93 -11.40 6.70 14.56
C ALA D 93 -11.43 7.61 13.35
N ILE D 94 -12.39 7.39 12.46
CA ILE D 94 -12.54 8.26 11.31
C ILE D 94 -13.41 9.45 11.66
N THR D 95 -12.86 10.63 11.46
CA THR D 95 -13.58 11.88 11.67
C THR D 95 -13.80 12.57 10.33
N LEU D 96 -15.05 12.86 10.00
CA LEU D 96 -15.36 13.53 8.74
C LEU D 96 -15.41 15.04 8.96
N ILE D 97 -14.83 15.80 8.04
CA ILE D 97 -14.76 17.25 8.24
C ILE D 97 -15.01 18.03 6.96
N TYR D 98 -15.77 19.11 7.07
CA TYR D 98 -15.97 20.03 5.97
C TYR D 98 -14.69 20.83 5.75
N ASN D 99 -14.25 20.92 4.50
CA ASN D 99 -13.00 21.60 4.19
C ASN D 99 -13.18 23.11 4.13
N ASP D 100 -12.70 23.80 5.15
CA ASP D 100 -12.77 25.25 5.19
C ASP D 100 -11.58 25.77 5.97
N VAL D 101 -11.41 27.09 5.98
CA VAL D 101 -10.34 27.74 6.73
C VAL D 101 -10.67 27.76 8.22
N PRO D 102 -9.70 27.38 9.07
CA PRO D 102 -9.91 27.40 10.52
C PRO D 102 -10.42 28.76 11.00
N GLY D 103 -11.39 28.76 11.90
CA GLY D 103 -11.94 29.98 12.46
C GLY D 103 -13.00 30.63 11.60
N THR D 104 -13.30 30.02 10.45
CA THR D 104 -14.29 30.58 9.54
C THR D 104 -15.48 29.66 9.30
N TYR D 105 -15.68 28.69 10.18
CA TYR D 105 -16.77 27.72 10.00
C TYR D 105 -18.13 28.28 10.39
N GLY D 106 -18.14 29.39 11.13
CA GLY D 106 -19.35 29.96 11.68
C GLY D 106 -20.42 30.33 10.68
N ASN D 107 -20.02 30.68 9.46
CA ASN D 107 -20.97 31.10 8.43
C ASN D 107 -21.30 30.01 7.42
N ASN D 108 -20.91 28.78 7.73
CA ASN D 108 -21.18 27.66 6.84
C ASN D 108 -22.60 27.16 6.97
N SER D 109 -23.07 26.45 5.95
CA SER D 109 -24.42 25.90 5.96
C SER D 109 -24.44 24.59 5.19
N GLY D 110 -25.50 23.82 5.38
CA GLY D 110 -25.64 22.55 4.69
C GLY D 110 -24.92 21.43 5.39
N SER D 111 -24.92 20.27 4.76
CA SER D 111 -24.38 19.04 5.33
C SER D 111 -24.22 17.99 4.25
N PHE D 112 -23.35 17.01 4.49
CA PHE D 112 -23.24 15.84 3.61
C PHE D 112 -23.73 14.61 4.34
N SER D 113 -24.49 13.77 3.63
CA SER D 113 -24.88 12.47 4.16
C SER D 113 -23.82 11.47 3.74
N VAL D 114 -23.31 10.70 4.68
CA VAL D 114 -22.15 9.86 4.39
C VAL D 114 -22.32 8.42 4.85
N ASN D 115 -21.98 7.49 3.98
CA ASN D 115 -21.89 6.08 4.35
C ASN D 115 -20.43 5.64 4.37
N ILE D 116 -20.06 4.90 5.40
CA ILE D 116 -18.75 4.29 5.47
C ILE D 116 -18.88 2.82 5.85
N GLY D 117 -18.13 1.97 5.17
CA GLY D 117 -18.11 0.56 5.49
C GLY D 117 -16.74 -0.02 5.22
N LYS D 118 -16.46 -1.16 5.85
CA LYS D 118 -15.24 -1.88 5.58
C LYS D 118 -15.53 -2.97 4.56
N ASP D 119 -14.57 -3.22 3.67
CA ASP D 119 -14.79 -4.13 2.56
C ASP D 119 -14.03 -5.43 2.76
N GLN D 120 -14.34 -6.40 1.90
CA GLN D 120 -13.66 -7.69 1.90
C GLN D 120 -12.16 -7.53 1.68
N SER D 121 -11.38 -8.32 2.42
CA SER D 121 -9.92 -8.30 2.31
C SER D 121 -9.34 -9.62 2.80
N ALA E 1 -6.12 -11.59 3.39
CA ALA E 1 -6.55 -12.96 3.61
C ALA E 1 -5.40 -13.86 4.01
N TRP E 2 -5.74 -15.01 4.59
CA TRP E 2 -4.74 -15.99 4.99
C TRP E 2 -5.17 -17.36 4.51
N LYS E 3 -4.24 -18.08 3.90
CA LYS E 3 -4.49 -19.44 3.47
C LYS E 3 -3.30 -20.31 3.82
N GLY E 4 -3.57 -21.49 4.35
CA GLY E 4 -2.49 -22.39 4.74
C GLY E 4 -3.03 -23.64 5.40
N GLU E 5 -2.18 -24.29 6.19
CA GLU E 5 -2.58 -25.50 6.89
C GLU E 5 -2.33 -25.37 8.38
N VAL E 6 -3.13 -26.08 9.16
CA VAL E 6 -2.93 -26.16 10.60
C VAL E 6 -2.59 -27.61 10.94
N LEU E 7 -1.36 -27.83 11.38
CA LEU E 7 -0.88 -29.17 11.72
C LEU E 7 -1.46 -29.67 13.03
N ALA E 8 -1.97 -30.90 13.02
CA ALA E 8 -2.65 -31.45 14.18
C ALA E 8 -1.71 -31.59 15.37
N ASN E 9 -0.41 -31.74 15.11
CA ASN E 9 0.56 -31.95 16.18
C ASN E 9 1.24 -30.67 16.67
N ASN E 10 0.78 -29.52 16.19
CA ASN E 10 1.34 -28.23 16.61
C ASN E 10 0.60 -27.71 17.85
N GLU E 11 1.17 -27.96 19.02
CA GLU E 11 0.51 -27.66 20.29
C GLU E 11 0.29 -26.16 20.47
N ALA E 12 1.15 -25.35 19.85
CA ALA E 12 1.07 -23.89 20.00
C ALA E 12 0.17 -23.25 18.95
N GLY E 13 -0.40 -24.07 18.06
CA GLY E 13 -1.29 -23.57 17.04
C GLY E 13 -0.58 -22.88 15.88
N GLN E 14 -1.37 -22.35 14.97
CA GLN E 14 -0.86 -21.69 13.77
C GLN E 14 -1.25 -20.21 13.76
N VAL E 15 -0.27 -19.34 13.97
CA VAL E 15 -0.53 -17.90 14.00
C VAL E 15 -0.75 -17.37 12.57
N THR E 16 -1.89 -16.72 12.35
CA THR E 16 -2.24 -16.21 11.03
C THR E 16 -1.95 -14.72 10.86
N SER E 17 -2.13 -14.24 9.64
CA SER E 17 -1.89 -12.84 9.31
C SER E 17 -3.12 -12.00 9.63
N ILE E 18 -4.14 -12.65 10.18
CA ILE E 18 -5.39 -11.97 10.49
C ILE E 18 -5.40 -11.37 11.89
N ILE E 19 -5.39 -10.05 11.97
CA ILE E 19 -5.56 -9.38 13.26
C ILE E 19 -7.01 -9.01 13.43
N TYR E 20 -7.72 -9.72 14.30
CA TYR E 20 -9.13 -9.45 14.49
C TYR E 20 -9.34 -8.21 15.34
N ASN E 21 -10.05 -7.25 14.78
CA ASN E 21 -10.36 -6.00 15.48
C ASN E 21 -11.85 -5.89 15.71
N PRO E 22 -12.24 -5.16 16.77
CA PRO E 22 -13.65 -4.98 17.14
C PRO E 22 -14.51 -4.57 15.95
N GLY E 23 -15.63 -5.27 15.76
CA GLY E 23 -16.51 -4.99 14.64
C GLY E 23 -16.17 -5.77 13.38
N ASP E 24 -15.01 -6.41 13.35
CA ASP E 24 -14.60 -7.19 12.18
C ASP E 24 -15.56 -8.35 11.95
N VAL E 25 -15.92 -8.56 10.69
CA VAL E 25 -16.64 -9.75 10.28
C VAL E 25 -15.71 -10.65 9.48
N ILE E 26 -15.61 -11.91 9.87
CA ILE E 26 -14.67 -12.81 9.21
C ILE E 26 -15.32 -14.11 8.77
N THR E 27 -14.69 -14.75 7.79
CA THR E 27 -15.12 -16.04 7.32
C THR E 27 -13.95 -17.00 7.39
N ILE E 28 -14.23 -18.20 7.89
CA ILE E 28 -13.23 -19.26 7.95
C ILE E 28 -13.84 -20.50 7.30
N VAL E 29 -13.09 -21.12 6.40
CA VAL E 29 -13.50 -22.43 5.89
C VAL E 29 -12.36 -23.41 6.11
N ALA E 30 -12.67 -24.54 6.72
CA ALA E 30 -11.66 -25.53 7.04
C ALA E 30 -12.00 -26.88 6.42
N ALA E 31 -10.99 -27.55 5.89
CA ALA E 31 -11.16 -28.87 5.29
C ALA E 31 -10.02 -29.78 5.70
N GLY E 32 -10.19 -31.07 5.46
CA GLY E 32 -9.10 -32.02 5.66
C GLY E 32 -9.35 -33.05 6.73
N TRP E 33 -8.33 -33.88 6.95
CA TRP E 33 -8.42 -35.01 7.84
C TRP E 33 -7.22 -35.03 8.79
N ALA E 34 -7.49 -35.30 10.06
CA ALA E 34 -6.45 -35.30 11.08
C ALA E 34 -6.79 -36.28 12.20
N SER E 35 -5.79 -36.61 13.00
CA SER E 35 -5.99 -37.50 14.14
C SER E 35 -5.32 -36.97 15.39
N TYR E 36 -5.95 -37.19 16.53
CA TYR E 36 -5.35 -36.88 17.83
C TYR E 36 -4.58 -38.08 18.37
N GLY E 37 -4.41 -39.10 17.53
CA GLY E 37 -3.63 -40.27 17.93
C GLY E 37 -4.03 -41.58 17.28
N PRO E 38 -5.33 -41.90 17.33
CA PRO E 38 -5.79 -43.16 16.74
C PRO E 38 -5.57 -43.23 15.23
N THR E 39 -5.55 -44.44 14.68
CA THR E 39 -5.25 -44.64 13.27
C THR E 39 -6.29 -43.97 12.37
N GLN E 40 -7.51 -43.81 12.88
CA GLN E 40 -8.56 -43.16 12.12
C GLN E 40 -8.33 -41.65 12.07
N LYS E 41 -8.95 -40.99 11.10
CA LYS E 41 -8.89 -39.53 11.03
C LYS E 41 -10.29 -38.93 11.02
N TRP E 42 -10.38 -37.69 11.51
CA TRP E 42 -11.65 -36.98 11.59
C TRP E 42 -11.55 -35.64 10.87
N GLY E 43 -12.71 -35.09 10.52
CA GLY E 43 -12.78 -33.78 9.92
C GLY E 43 -12.61 -32.68 10.96
N PRO E 44 -12.78 -31.43 10.52
CA PRO E 44 -12.57 -30.26 11.39
C PRO E 44 -13.56 -30.17 12.55
N GLN E 45 -14.59 -31.02 12.55
CA GLN E 45 -15.53 -31.05 13.66
C GLN E 45 -15.07 -31.99 14.75
N GLY E 46 -14.04 -32.77 14.46
CA GLY E 46 -13.49 -33.68 15.46
C GLY E 46 -14.22 -35.00 15.59
N ASP E 47 -13.98 -35.67 16.72
CA ASP E 47 -14.52 -37.00 17.01
C ASP E 47 -15.68 -36.90 18.00
N ARG E 48 -16.89 -37.06 17.49
CA ARG E 48 -18.10 -36.87 18.30
C ARG E 48 -18.29 -37.94 19.37
N GLU E 49 -17.49 -39.01 19.28
CA GLU E 49 -17.65 -40.13 20.20
C GLU E 49 -16.62 -40.13 21.34
N HIS E 50 -15.64 -39.24 21.25
CA HIS E 50 -14.53 -39.24 22.22
C HIS E 50 -14.78 -38.29 23.39
N PRO E 51 -14.61 -38.81 24.63
CA PRO E 51 -14.83 -38.01 25.84
C PRO E 51 -13.83 -36.86 25.99
N ASP E 52 -14.26 -35.82 26.67
CA ASP E 52 -13.39 -34.67 26.94
C ASP E 52 -12.52 -34.97 28.15
N GLN E 53 -11.23 -35.19 27.91
CA GLN E 53 -10.28 -35.52 28.97
C GLN E 53 -9.35 -34.34 29.28
N GLY E 54 -9.86 -33.13 29.11
CA GLY E 54 -9.08 -31.93 29.38
C GLY E 54 -8.63 -31.22 28.11
N LEU E 55 -9.54 -31.10 27.15
CA LEU E 55 -9.27 -30.41 25.89
C LEU E 55 -9.03 -28.92 26.12
N ILE E 56 -8.26 -28.30 25.23
CA ILE E 56 -8.03 -26.86 25.32
C ILE E 56 -9.30 -26.09 25.03
N CYS E 57 -10.24 -26.73 24.33
CA CYS E 57 -11.56 -26.16 24.13
C CYS E 57 -12.63 -27.15 24.58
N HIS E 58 -13.37 -26.78 25.63
CA HIS E 58 -14.40 -27.66 26.17
C HIS E 58 -15.72 -27.54 25.41
N ASP E 59 -15.74 -26.67 24.40
CA ASP E 59 -16.96 -26.45 23.61
C ASP E 59 -16.81 -26.97 22.18
N ALA E 60 -15.81 -27.81 21.97
CA ALA E 60 -15.61 -28.50 20.71
C ALA E 60 -15.16 -29.92 20.99
N PHE E 61 -15.36 -30.80 20.01
CA PHE E 61 -14.93 -32.19 20.16
C PHE E 61 -13.41 -32.29 20.08
N CYS E 62 -12.86 -33.36 20.65
CA CYS E 62 -11.46 -33.70 20.45
C CYS E 62 -11.19 -33.82 18.96
N GLY E 63 -10.13 -33.18 18.48
CA GLY E 63 -9.77 -33.24 17.08
C GLY E 63 -10.47 -32.21 16.21
N ALA E 64 -11.20 -31.29 16.84
CA ALA E 64 -11.86 -30.21 16.12
C ALA E 64 -10.91 -29.02 15.94
N LEU E 65 -11.23 -28.18 14.98
CA LEU E 65 -10.49 -26.94 14.79
C LEU E 65 -11.04 -25.87 15.70
N VAL E 66 -10.16 -25.23 16.47
CA VAL E 66 -10.57 -24.13 17.34
C VAL E 66 -9.64 -22.94 17.11
N MET E 67 -9.90 -21.83 17.78
CA MET E 67 -9.02 -20.69 17.62
C MET E 67 -8.97 -19.82 18.86
N LYS E 68 -7.93 -19.00 18.92
CA LYS E 68 -7.85 -17.92 19.90
C LYS E 68 -7.69 -16.62 19.13
N ILE E 69 -8.24 -15.54 19.68
CA ILE E 69 -8.03 -14.21 19.13
C ILE E 69 -7.23 -13.39 20.14
N GLY E 70 -6.02 -12.99 19.77
CA GLY E 70 -5.11 -12.38 20.71
C GLY E 70 -4.88 -13.37 21.84
N ASN E 71 -5.17 -12.94 23.07
CA ASN E 71 -5.01 -13.81 24.23
C ASN E 71 -6.34 -14.21 24.83
N SER E 72 -7.32 -14.48 23.97
CA SER E 72 -8.64 -14.90 24.43
C SER E 72 -8.65 -16.38 24.76
N GLY E 73 -9.75 -16.85 25.34
CA GLY E 73 -9.95 -18.28 25.52
C GLY E 73 -10.17 -18.93 24.17
N THR E 74 -10.18 -20.25 24.13
CA THR E 74 -10.41 -20.95 22.86
C THR E 74 -11.84 -20.73 22.36
N ILE E 75 -11.96 -20.61 21.04
CA ILE E 75 -13.24 -20.41 20.38
C ILE E 75 -13.42 -21.49 19.31
N PRO E 76 -14.56 -22.21 19.34
CA PRO E 76 -14.80 -23.28 18.36
C PRO E 76 -14.86 -22.75 16.93
N VAL E 77 -14.17 -23.42 16.01
CA VAL E 77 -14.24 -23.09 14.60
C VAL E 77 -14.90 -24.23 13.82
N ASN E 78 -14.48 -25.45 14.09
CA ASN E 78 -15.04 -26.61 13.40
C ASN E 78 -14.87 -26.46 11.88
N THR E 79 -15.95 -26.64 11.12
CA THR E 79 -15.83 -26.55 9.66
C THR E 79 -15.61 -25.12 9.19
N GLY E 80 -15.85 -24.16 10.07
CA GLY E 80 -15.61 -22.76 9.74
C GLY E 80 -16.62 -21.81 10.33
N LEU E 81 -16.45 -20.54 9.99
CA LEU E 81 -17.31 -19.49 10.49
C LEU E 81 -17.81 -18.67 9.32
N PHE E 82 -19.11 -18.41 9.29
CA PHE E 82 -19.69 -17.68 8.17
C PHE E 82 -20.05 -16.26 8.58
N ARG E 83 -19.25 -15.31 8.10
CA ARG E 83 -19.46 -13.88 8.37
C ARG E 83 -19.73 -13.67 9.85
N TRP E 84 -18.70 -14.00 10.62
CA TRP E 84 -18.79 -14.14 12.06
C TRP E 84 -18.18 -12.92 12.75
N VAL E 85 -18.85 -12.46 13.81
CA VAL E 85 -18.32 -11.36 14.60
C VAL E 85 -18.12 -11.84 16.04
N ALA E 86 -16.99 -11.49 16.63
CA ALA E 86 -16.67 -11.95 17.98
C ALA E 86 -17.49 -11.21 19.03
N PRO E 87 -17.89 -11.93 20.10
CA PRO E 87 -18.44 -11.29 21.30
C PRO E 87 -17.34 -10.96 22.30
N ASN E 88 -17.62 -11.14 23.59
CA ASN E 88 -16.65 -10.98 24.68
C ASN E 88 -15.57 -9.92 24.47
N ASN E 89 -15.84 -8.98 23.56
CA ASN E 89 -14.88 -7.98 23.07
C ASN E 89 -13.42 -8.45 23.11
N VAL E 90 -13.03 -9.15 22.05
CA VAL E 90 -11.72 -9.75 21.94
C VAL E 90 -10.97 -9.16 20.74
N GLN E 91 -9.64 -9.18 20.80
CA GLN E 91 -8.84 -8.54 19.77
C GLN E 91 -7.44 -9.13 19.68
N GLY E 92 -6.89 -9.15 18.47
CA GLY E 92 -5.54 -9.63 18.26
C GLY E 92 -5.44 -10.62 17.11
N ALA E 93 -4.24 -11.17 16.90
CA ALA E 93 -4.04 -12.13 15.82
C ALA E 93 -4.83 -13.40 16.06
N ILE E 94 -5.42 -13.93 15.00
CA ILE E 94 -6.08 -15.22 15.10
C ILE E 94 -5.06 -16.34 15.07
N THR E 95 -5.07 -17.17 16.10
CA THR E 95 -4.28 -18.39 16.12
C THR E 95 -5.19 -19.59 15.99
N LEU E 96 -4.97 -20.38 14.94
CA LEU E 96 -5.73 -21.61 14.72
C LEU E 96 -5.07 -22.76 15.48
N ILE E 97 -5.89 -23.59 16.12
CA ILE E 97 -5.36 -24.67 16.94
C ILE E 97 -6.18 -25.96 16.80
N TYR E 98 -5.48 -27.08 16.70
CA TYR E 98 -6.09 -28.40 16.78
C TYR E 98 -6.50 -28.65 18.23
N ASN E 99 -7.72 -29.16 18.44
CA ASN E 99 -8.26 -29.35 19.78
C ASN E 99 -7.84 -30.69 20.37
N ASP E 100 -6.93 -30.64 21.34
CA ASP E 100 -6.42 -31.85 21.98
C ASP E 100 -6.06 -31.51 23.42
N VAL E 101 -5.67 -32.52 24.19
CA VAL E 101 -5.26 -32.29 25.57
C VAL E 101 -3.81 -31.78 25.60
N PRO E 102 -3.56 -30.69 26.33
CA PRO E 102 -2.20 -30.17 26.45
C PRO E 102 -1.23 -31.25 26.91
N GLY E 103 -0.10 -31.38 26.21
CA GLY E 103 0.87 -32.41 26.50
C GLY E 103 0.77 -33.65 25.63
N THR E 104 -0.29 -33.76 24.84
CA THR E 104 -0.53 -34.97 24.07
C THR E 104 -0.58 -34.75 22.55
N TYR E 105 -0.07 -33.61 22.08
CA TYR E 105 -0.10 -33.31 20.65
C TYR E 105 0.94 -34.10 19.85
N GLY E 106 1.93 -34.64 20.55
CA GLY E 106 3.05 -35.34 19.91
C GLY E 106 2.67 -36.50 19.01
N ASN E 107 1.58 -37.19 19.32
CA ASN E 107 1.20 -38.36 18.53
C ASN E 107 0.14 -38.05 17.48
N ASN E 108 -0.13 -36.75 17.30
CA ASN E 108 -1.10 -36.29 16.32
C ASN E 108 -0.55 -36.34 14.89
N SER E 109 -1.44 -36.44 13.92
CA SER E 109 -1.02 -36.47 12.53
C SER E 109 -2.06 -35.80 11.65
N GLY E 110 -1.68 -35.47 10.43
CA GLY E 110 -2.59 -34.83 9.50
C GLY E 110 -2.67 -33.34 9.73
N SER E 111 -3.58 -32.69 9.03
CA SER E 111 -3.71 -31.25 9.10
C SER E 111 -5.01 -30.81 8.45
N PHE E 112 -5.43 -29.59 8.77
CA PHE E 112 -6.58 -28.97 8.14
C PHE E 112 -6.11 -27.87 7.21
N SER E 113 -6.64 -27.86 5.99
CA SER E 113 -6.46 -26.73 5.09
C SER E 113 -7.45 -25.66 5.50
N VAL E 114 -6.98 -24.43 5.64
CA VAL E 114 -7.84 -23.37 6.17
C VAL E 114 -7.69 -22.05 5.43
N ASN E 115 -8.84 -21.42 5.15
CA ASN E 115 -8.86 -20.09 4.58
C ASN E 115 -9.52 -19.14 5.56
N ILE E 116 -8.91 -17.97 5.76
CA ILE E 116 -9.53 -16.92 6.57
C ILE E 116 -9.50 -15.60 5.81
N GLY E 117 -10.59 -14.84 5.91
CA GLY E 117 -10.64 -13.54 5.29
C GLY E 117 -11.54 -12.60 6.06
N LYS E 118 -11.32 -11.30 5.92
CA LYS E 118 -12.21 -10.33 6.52
C LYS E 118 -13.30 -10.00 5.52
N ASP E 119 -14.53 -9.89 6.01
CA ASP E 119 -15.68 -9.68 5.13
C ASP E 119 -16.15 -8.23 5.19
N GLN E 120 -17.11 -7.91 4.35
CA GLN E 120 -17.73 -6.59 4.36
C GLN E 120 -18.46 -6.39 5.69
N SER E 121 -18.32 -5.20 6.27
CA SER E 121 -18.96 -4.89 7.54
C SER E 121 -19.28 -3.39 7.65
N ALA F 1 -82.18 32.52 -24.66
CA ALA F 1 -81.36 31.58 -23.91
C ALA F 1 -82.21 30.40 -23.46
N TRP F 2 -81.54 29.33 -23.03
CA TRP F 2 -82.23 28.16 -22.51
C TRP F 2 -81.55 27.70 -21.24
N LYS F 3 -82.36 27.34 -20.24
CA LYS F 3 -81.85 26.81 -18.99
C LYS F 3 -82.78 25.72 -18.51
N GLY F 4 -82.21 24.59 -18.12
CA GLY F 4 -83.03 23.48 -17.68
C GLY F 4 -82.20 22.28 -17.29
N GLU F 5 -82.85 21.13 -17.29
CA GLU F 5 -82.20 19.89 -16.88
C GLU F 5 -82.25 18.86 -18.00
N VAL F 6 -81.21 18.06 -18.09
CA VAL F 6 -81.15 16.96 -19.04
C VAL F 6 -81.17 15.66 -18.26
N LEU F 7 -82.25 14.91 -18.38
CA LEU F 7 -82.40 13.65 -17.64
C LEU F 7 -81.55 12.54 -18.26
N ALA F 8 -80.80 11.83 -17.40
CA ALA F 8 -79.94 10.74 -17.85
C ALA F 8 -80.74 9.60 -18.50
N ASN F 9 -81.97 9.39 -18.06
CA ASN F 9 -82.77 8.30 -18.59
C ASN F 9 -83.66 8.70 -19.75
N ASN F 10 -83.45 9.91 -20.28
CA ASN F 10 -84.22 10.39 -21.43
C ASN F 10 -83.47 10.13 -22.73
N GLU F 11 -83.73 8.97 -23.33
CA GLU F 11 -82.99 8.53 -24.53
C GLU F 11 -83.23 9.41 -25.75
N ALA F 12 -84.40 10.04 -25.81
CA ALA F 12 -84.73 10.91 -26.93
C ALA F 12 -84.06 12.27 -26.80
N GLY F 13 -83.53 12.55 -25.61
CA GLY F 13 -82.81 13.79 -25.39
C GLY F 13 -83.74 14.93 -25.04
N GLN F 14 -83.14 16.10 -24.79
CA GLN F 14 -83.89 17.26 -24.36
C GLN F 14 -83.79 18.36 -25.41
N VAL F 15 -84.90 18.66 -26.08
CA VAL F 15 -84.88 19.70 -27.10
C VAL F 15 -84.86 21.08 -26.44
N THR F 16 -83.98 21.94 -26.92
CA THR F 16 -83.85 23.26 -26.33
C THR F 16 -84.55 24.31 -27.17
N SER F 17 -84.49 25.57 -26.72
CA SER F 17 -85.09 26.68 -27.43
C SER F 17 -84.09 27.34 -28.38
N ILE F 18 -82.92 26.72 -28.51
CA ILE F 18 -81.86 27.27 -29.35
C ILE F 18 -81.88 26.65 -30.73
N ILE F 19 -82.12 27.47 -31.75
CA ILE F 19 -81.96 27.03 -33.12
C ILE F 19 -80.60 27.51 -33.60
N TYR F 20 -79.67 26.58 -33.79
CA TYR F 20 -78.36 26.99 -34.24
C TYR F 20 -78.42 27.37 -35.70
N ASN F 21 -77.94 28.57 -35.99
CA ASN F 21 -77.91 29.08 -37.36
C ASN F 21 -76.47 29.32 -37.78
N PRO F 22 -76.18 29.18 -39.09
CA PRO F 22 -74.85 29.46 -39.61
C PRO F 22 -74.31 30.80 -39.10
N GLY F 23 -73.10 30.80 -38.57
CA GLY F 23 -72.49 32.00 -38.04
C GLY F 23 -72.66 32.17 -36.54
N ASP F 24 -73.65 31.49 -35.97
CA ASP F 24 -73.95 31.62 -34.54
C ASP F 24 -72.76 31.22 -33.68
N VAL F 25 -72.54 31.98 -32.61
CA VAL F 25 -71.56 31.63 -31.59
C VAL F 25 -72.33 31.31 -30.31
N ILE F 26 -72.09 30.13 -29.75
CA ILE F 26 -72.87 29.74 -28.58
C ILE F 26 -72.00 29.37 -27.39
N THR F 27 -72.58 29.53 -26.20
CA THR F 27 -71.92 29.11 -24.98
C THR F 27 -72.83 28.15 -24.23
N ILE F 28 -72.25 27.04 -23.77
CA ILE F 28 -72.97 26.11 -22.94
C ILE F 28 -72.16 25.86 -21.66
N VAL F 29 -72.85 25.85 -20.52
CA VAL F 29 -72.22 25.43 -19.26
C VAL F 29 -73.09 24.35 -18.64
N ALA F 30 -72.50 23.21 -18.35
CA ALA F 30 -73.24 22.07 -17.80
C ALA F 30 -72.69 21.68 -16.43
N ALA F 31 -73.60 21.33 -15.53
CA ALA F 31 -73.23 20.96 -14.18
C ALA F 31 -74.11 19.82 -13.70
N GLY F 32 -73.70 19.14 -12.64
CA GLY F 32 -74.57 18.16 -12.02
C GLY F 32 -74.03 16.74 -12.00
N TRP F 33 -74.88 15.81 -11.59
CA TRP F 33 -74.49 14.42 -11.39
C TRP F 33 -75.53 13.46 -11.96
N ALA F 34 -75.06 12.46 -12.71
CA ALA F 34 -75.95 11.46 -13.27
C ALA F 34 -75.24 10.12 -13.38
N SER F 35 -76.03 9.07 -13.61
CA SER F 35 -75.49 7.72 -13.76
C SER F 35 -76.11 7.00 -14.95
N TYR F 36 -75.32 6.13 -15.57
CA TYR F 36 -75.78 5.32 -16.69
C TYR F 36 -76.18 3.91 -16.23
N GLY F 37 -76.22 3.71 -14.91
CA GLY F 37 -76.57 2.41 -14.37
C GLY F 37 -76.11 2.22 -12.94
N PRO F 38 -74.78 2.28 -12.72
CA PRO F 38 -74.19 2.11 -11.40
C PRO F 38 -74.73 3.08 -10.36
N THR F 39 -74.60 2.74 -9.08
CA THR F 39 -75.08 3.62 -8.02
C THR F 39 -74.25 4.90 -7.95
N GLN F 40 -72.98 4.81 -8.35
CA GLN F 40 -72.10 5.97 -8.44
C GLN F 40 -72.67 6.98 -9.43
N LYS F 41 -72.27 8.25 -9.28
CA LYS F 41 -72.68 9.28 -10.22
C LYS F 41 -71.47 10.03 -10.78
N TRP F 42 -71.59 10.51 -12.02
CA TRP F 42 -70.52 11.22 -12.67
C TRP F 42 -71.00 12.58 -13.18
N GLY F 43 -70.06 13.49 -13.42
CA GLY F 43 -70.37 14.80 -13.96
C GLY F 43 -70.50 14.80 -15.47
N PRO F 44 -70.62 16.00 -16.06
CA PRO F 44 -70.89 16.20 -17.50
C PRO F 44 -69.85 15.58 -18.43
N GLN F 45 -68.66 15.28 -17.92
CA GLN F 45 -67.63 14.65 -18.76
C GLN F 45 -67.82 13.13 -18.79
N GLY F 46 -68.71 12.64 -17.95
CA GLY F 46 -68.99 11.22 -17.91
C GLY F 46 -67.97 10.39 -17.14
N ASP F 47 -67.95 9.10 -17.42
CA ASP F 47 -67.11 8.13 -16.73
C ASP F 47 -65.87 7.78 -17.57
N ARG F 48 -64.72 8.29 -17.14
CA ARG F 48 -63.49 8.16 -17.90
C ARG F 48 -62.91 6.76 -17.84
N GLU F 49 -63.55 5.88 -17.07
CA GLU F 49 -63.02 4.54 -16.85
C GLU F 49 -63.83 3.47 -17.56
N HIS F 50 -64.97 3.87 -18.13
CA HIS F 50 -65.89 2.90 -18.73
C HIS F 50 -65.70 2.80 -20.24
N PRO F 51 -65.40 1.60 -20.74
CA PRO F 51 -65.23 1.41 -22.18
C PRO F 51 -66.50 1.72 -22.98
N ASP F 52 -66.30 2.17 -24.20
CA ASP F 52 -67.37 2.47 -25.15
C ASP F 52 -67.94 1.16 -25.70
N GLN F 53 -69.19 0.87 -25.32
CA GLN F 53 -69.84 -0.39 -25.73
C GLN F 53 -70.94 -0.14 -26.75
N GLY F 54 -70.83 0.94 -27.50
CA GLY F 54 -71.84 1.29 -28.50
C GLY F 54 -72.60 2.56 -28.15
N LEU F 55 -71.88 3.55 -27.64
CA LEU F 55 -72.48 4.82 -27.23
C LEU F 55 -72.99 5.62 -28.43
N ILE F 56 -73.99 6.48 -28.19
CA ILE F 56 -74.50 7.34 -29.25
C ILE F 56 -73.45 8.36 -29.69
N CYS F 57 -72.51 8.67 -28.81
CA CYS F 57 -71.39 9.54 -29.18
C CYS F 57 -70.07 8.86 -28.84
N HIS F 58 -69.34 8.45 -29.89
CA HIS F 58 -68.07 7.76 -29.71
C HIS F 58 -66.92 8.72 -29.45
N ASP F 59 -67.25 10.01 -29.34
CA ASP F 59 -66.23 11.03 -29.10
C ASP F 59 -66.34 11.60 -27.70
N ALA F 60 -67.20 11.00 -26.87
CA ALA F 60 -67.33 11.40 -25.47
C ALA F 60 -67.46 10.16 -24.60
N PHE F 61 -67.13 10.30 -23.33
CA PHE F 61 -67.23 9.17 -22.39
C PHE F 61 -68.68 8.78 -22.16
N CYS F 62 -68.89 7.54 -21.69
CA CYS F 62 -70.21 7.11 -21.28
C CYS F 62 -70.66 7.98 -20.13
N GLY F 63 -71.86 8.54 -20.24
CA GLY F 63 -72.40 9.37 -19.18
C GLY F 63 -72.03 10.84 -19.35
N ALA F 64 -71.35 11.16 -20.43
CA ALA F 64 -71.04 12.56 -20.73
C ALA F 64 -72.24 13.25 -21.37
N LEU F 65 -72.28 14.57 -21.30
CA LEU F 65 -73.31 15.33 -21.99
C LEU F 65 -72.90 15.54 -23.45
N VAL F 66 -73.82 15.27 -24.36
CA VAL F 66 -73.57 15.46 -25.78
C VAL F 66 -74.74 16.20 -26.39
N MET F 67 -74.65 16.52 -27.68
CA MET F 67 -75.75 17.20 -28.35
C MET F 67 -75.88 16.83 -29.82
N LYS F 68 -77.05 17.13 -30.37
CA LYS F 68 -77.27 17.10 -31.81
C LYS F 68 -77.75 18.49 -32.23
N ILE F 69 -77.30 18.93 -33.39
CA ILE F 69 -77.82 20.16 -33.96
C ILE F 69 -78.61 19.79 -35.22
N GLY F 70 -79.92 19.88 -35.12
CA GLY F 70 -80.79 19.41 -36.18
C GLY F 70 -80.54 17.93 -36.42
N ASN F 71 -80.38 17.54 -37.68
CA ASN F 71 -80.14 16.14 -38.05
C ASN F 71 -78.68 15.74 -37.98
N SER F 72 -77.87 16.50 -37.25
CA SER F 72 -76.43 16.23 -37.20
C SER F 72 -76.13 14.96 -36.42
N GLY F 73 -74.91 14.47 -36.53
CA GLY F 73 -74.45 13.42 -35.65
C GLY F 73 -74.27 14.01 -34.26
N THR F 74 -73.99 13.15 -33.28
CA THR F 74 -73.77 13.65 -31.93
C THR F 74 -72.47 14.45 -31.83
N ILE F 75 -72.51 15.51 -31.04
CA ILE F 75 -71.34 16.35 -30.79
C ILE F 75 -71.13 16.45 -29.30
N PRO F 76 -69.88 16.21 -28.83
CA PRO F 76 -69.61 16.24 -27.39
C PRO F 76 -69.76 17.64 -26.82
N VAL F 77 -70.41 17.76 -25.67
CA VAL F 77 -70.51 19.03 -24.98
C VAL F 77 -69.71 18.98 -23.68
N ASN F 78 -69.84 17.88 -22.95
CA ASN F 78 -69.16 17.72 -21.67
C ASN F 78 -69.52 18.86 -20.72
N THR F 79 -68.52 19.51 -20.11
CA THR F 79 -68.78 20.58 -19.14
C THR F 79 -69.33 21.84 -19.82
N GLY F 80 -69.15 21.92 -21.14
CA GLY F 80 -69.67 23.05 -21.89
C GLY F 80 -68.85 23.44 -23.08
N LEU F 81 -69.32 24.44 -23.79
CA LEU F 81 -68.64 24.97 -24.96
C LEU F 81 -68.44 26.46 -24.73
N PHE F 82 -67.24 26.95 -25.03
CA PHE F 82 -66.92 28.35 -24.81
C PHE F 82 -66.86 29.11 -26.13
N ARG F 83 -67.89 29.92 -26.37
CA ARG F 83 -67.99 30.72 -27.59
C ARG F 83 -67.67 29.87 -28.81
N TRP F 84 -68.52 28.87 -28.99
CA TRP F 84 -68.32 27.77 -29.94
C TRP F 84 -69.07 28.00 -31.24
N VAL F 85 -68.42 27.64 -32.34
CA VAL F 85 -69.03 27.70 -33.67
C VAL F 85 -69.12 26.30 -34.29
N ALA F 86 -70.26 25.98 -34.87
CA ALA F 86 -70.49 24.65 -35.41
C ALA F 86 -69.66 24.39 -36.66
N PRO F 87 -69.51 23.12 -37.03
CA PRO F 87 -68.88 22.75 -38.29
C PRO F 87 -69.73 23.22 -39.47
N ASN F 88 -69.15 23.27 -40.65
CA ASN F 88 -69.85 23.78 -41.82
C ASN F 88 -71.15 23.02 -42.11
N ASN F 89 -72.19 23.78 -42.46
CA ASN F 89 -73.49 23.23 -42.83
C ASN F 89 -74.15 22.39 -41.74
N VAL F 90 -73.79 22.67 -40.49
CA VAL F 90 -74.53 22.14 -39.35
C VAL F 90 -75.48 23.21 -38.85
N GLN F 91 -76.75 22.88 -38.71
CA GLN F 91 -77.77 23.88 -38.41
C GLN F 91 -79.03 23.24 -37.84
N GLY F 92 -79.78 23.99 -37.06
CA GLY F 92 -81.05 23.51 -36.54
C GLY F 92 -81.14 23.53 -35.04
N ALA F 93 -82.21 22.95 -34.52
CA ALA F 93 -82.48 22.95 -33.08
C ALA F 93 -81.45 22.14 -32.31
N ILE F 94 -81.00 22.68 -31.19
CA ILE F 94 -80.06 21.97 -30.34
C ILE F 94 -80.81 21.02 -29.41
N THR F 95 -80.49 19.74 -29.53
CA THR F 95 -81.01 18.73 -28.61
C THR F 95 -79.89 18.22 -27.72
N LEU F 96 -80.06 18.34 -26.41
CA LEU F 96 -79.09 17.82 -25.46
C LEU F 96 -79.38 16.36 -25.14
N ILE F 97 -78.35 15.55 -25.04
CA ILE F 97 -78.54 14.13 -24.77
C ILE F 97 -77.49 13.57 -23.81
N TYR F 98 -77.94 12.71 -22.92
CA TYR F 98 -77.04 11.92 -22.07
C TYR F 98 -76.43 10.83 -22.94
N ASN F 99 -75.11 10.65 -22.83
CA ASN F 99 -74.39 9.69 -23.65
C ASN F 99 -74.43 8.29 -23.04
N ASP F 100 -75.19 7.40 -23.68
CA ASP F 100 -75.31 6.02 -23.24
C ASP F 100 -75.53 5.10 -24.45
N VAL F 101 -75.63 3.80 -24.22
CA VAL F 101 -75.89 2.86 -25.31
C VAL F 101 -77.39 2.81 -25.62
N PRO F 102 -77.75 2.91 -26.90
CA PRO F 102 -79.17 2.82 -27.29
C PRO F 102 -79.83 1.57 -26.73
N GLY F 103 -80.96 1.74 -26.06
CA GLY F 103 -81.69 0.63 -25.48
C GLY F 103 -81.44 0.47 -24.00
N THR F 104 -80.47 1.21 -23.47
CA THR F 104 -80.04 0.99 -22.09
C THR F 104 -80.25 2.19 -21.17
N TYR F 105 -81.10 3.12 -21.56
CA TYR F 105 -81.33 4.32 -20.76
C TYR F 105 -82.28 4.11 -19.59
N GLY F 106 -82.98 2.97 -19.59
CA GLY F 106 -84.01 2.71 -18.59
C GLY F 106 -83.51 2.68 -17.16
N ASN F 107 -82.24 2.35 -16.97
CA ASN F 107 -81.68 2.22 -15.64
C ASN F 107 -80.81 3.42 -15.24
N ASN F 108 -80.94 4.51 -16.00
CA ASN F 108 -80.18 5.73 -15.72
C ASN F 108 -80.85 6.58 -14.66
N SER F 109 -80.07 7.45 -14.02
CA SER F 109 -80.62 8.31 -12.99
C SER F 109 -79.88 9.65 -12.94
N GLY F 110 -80.47 10.60 -12.21
CA GLY F 110 -79.89 11.93 -12.10
C GLY F 110 -80.04 12.74 -13.37
N SER F 111 -79.45 13.93 -13.36
CA SER F 111 -79.57 14.84 -14.49
C SER F 111 -78.46 15.87 -14.48
N PHE F 112 -78.26 16.53 -15.60
CA PHE F 112 -77.34 17.66 -15.64
C PHE F 112 -78.14 18.96 -15.77
N SER F 113 -77.73 19.97 -15.02
CA SER F 113 -78.28 21.31 -15.18
C SER F 113 -77.48 22.03 -16.27
N VAL F 114 -78.18 22.66 -17.20
CA VAL F 114 -77.50 23.24 -18.36
C VAL F 114 -78.00 24.63 -18.71
N ASN F 115 -77.05 25.51 -19.05
CA ASN F 115 -77.32 26.83 -19.61
C ASN F 115 -76.81 26.90 -21.04
N ILE F 116 -77.63 27.39 -21.96
CA ILE F 116 -77.20 27.67 -23.33
C ILE F 116 -77.61 29.07 -23.76
N GLY F 117 -76.69 29.80 -24.37
CA GLY F 117 -77.02 31.11 -24.91
C GLY F 117 -76.28 31.37 -26.21
N LYS F 118 -76.81 32.30 -27.01
CA LYS F 118 -76.08 32.79 -28.17
C LYS F 118 -75.25 33.99 -27.75
N ASP F 119 -74.02 34.06 -28.25
CA ASP F 119 -73.09 35.11 -27.85
C ASP F 119 -73.01 36.19 -28.90
N GLN F 120 -72.32 37.28 -28.56
CA GLN F 120 -71.97 38.28 -29.56
C GLN F 120 -71.17 37.62 -30.67
N SER F 121 -71.46 38.00 -31.91
CA SER F 121 -70.74 37.45 -33.06
C SER F 121 -70.79 38.40 -34.24
N ALA G 1 20.55 11.67 18.97
CA ALA G 1 20.36 13.12 19.07
C ALA G 1 20.59 13.78 17.72
N TRP G 2 20.03 14.98 17.56
CA TRP G 2 20.20 15.75 16.33
C TRP G 2 20.58 17.17 16.67
N LYS G 3 21.51 17.73 15.89
CA LYS G 3 21.85 19.15 16.03
C LYS G 3 21.88 19.78 14.65
N GLY G 4 21.25 20.93 14.51
CA GLY G 4 21.23 21.59 13.21
C GLY G 4 20.72 23.01 13.29
N GLU G 5 20.44 23.58 12.14
CA GLU G 5 19.98 24.94 12.04
C GLU G 5 18.64 25.00 11.32
N VAL G 6 17.85 26.01 11.64
CA VAL G 6 16.61 26.28 10.93
C VAL G 6 16.63 27.72 10.44
N LEU G 7 16.46 27.92 9.14
CA LEU G 7 16.45 29.25 8.54
C LEU G 7 15.11 29.96 8.73
N ALA G 8 15.17 31.23 9.10
CA ALA G 8 13.97 32.03 9.26
C ALA G 8 13.22 32.14 7.93
N ASN G 9 13.96 32.05 6.82
CA ASN G 9 13.37 32.30 5.52
C ASN G 9 12.78 31.05 4.85
N ASN G 10 12.82 29.91 5.53
CA ASN G 10 12.40 28.65 4.92
C ASN G 10 11.02 28.19 5.34
N GLU G 11 10.04 28.35 4.46
CA GLU G 11 8.67 27.93 4.73
C GLU G 11 8.57 26.41 4.86
N ALA G 12 9.50 25.70 4.23
CA ALA G 12 9.50 24.24 4.25
C ALA G 12 10.09 23.70 5.55
N GLY G 13 10.83 24.54 6.25
CA GLY G 13 11.44 24.16 7.51
C GLY G 13 12.57 23.15 7.35
N GLN G 14 13.09 22.72 8.49
CA GLN G 14 14.21 21.78 8.54
C GLN G 14 13.74 20.43 9.01
N VAL G 15 13.83 19.43 8.14
CA VAL G 15 13.45 18.08 8.48
C VAL G 15 14.60 17.39 9.19
N THR G 16 14.38 17.02 10.44
CA THR G 16 15.42 16.38 11.22
C THR G 16 15.40 14.87 11.03
N SER G 17 16.38 14.20 11.63
CA SER G 17 16.49 12.76 11.58
C SER G 17 15.80 12.13 12.79
N ILE G 18 15.20 12.97 13.62
CA ILE G 18 14.47 12.46 14.79
C ILE G 18 13.05 12.04 14.40
N ILE G 19 12.75 10.77 14.61
CA ILE G 19 11.40 10.26 14.40
C ILE G 19 10.67 10.18 15.74
N TYR G 20 9.67 11.01 15.95
CA TYR G 20 8.92 10.95 17.19
C TYR G 20 7.90 9.81 17.19
N ASN G 21 8.02 8.92 18.15
CA ASN G 21 7.07 7.82 18.31
C ASN G 21 6.22 7.99 19.56
N PRO G 22 4.99 7.45 19.53
CA PRO G 22 4.08 7.55 20.68
C PRO G 22 4.77 7.18 21.99
N GLY G 23 4.60 8.03 23.00
CA GLY G 23 5.19 7.78 24.31
C GLY G 23 6.58 8.35 24.49
N ASP G 24 7.21 8.77 23.39
CA ASP G 24 8.56 9.31 23.45
C ASP G 24 8.64 10.57 24.30
N VAL G 25 9.70 10.67 25.09
CA VAL G 25 10.02 11.87 25.84
C VAL G 25 11.21 12.56 25.19
N ILE G 26 11.06 13.82 24.80
CA ILE G 26 12.15 14.49 24.10
C ILE G 26 12.56 15.78 24.78
N THR G 27 13.79 16.20 24.52
CA THR G 27 14.27 17.51 24.93
C THR G 27 14.70 18.29 23.71
N ILE G 28 14.28 19.54 23.65
CA ILE G 28 14.76 20.46 22.63
C ILE G 28 15.29 21.71 23.26
N VAL G 29 16.49 22.14 22.86
CA VAL G 29 16.97 23.46 23.22
C VAL G 29 17.25 24.26 21.95
N ALA G 30 16.71 25.47 21.88
CA ALA G 30 16.89 26.32 20.71
C ALA G 30 17.50 27.67 21.10
N ALA G 31 18.42 28.16 20.27
CA ALA G 31 19.03 29.46 20.48
C ALA G 31 19.17 30.21 19.16
N GLY G 32 19.65 31.43 19.21
CA GLY G 32 19.91 32.18 17.99
C GLY G 32 19.04 33.40 17.83
N TRP G 33 19.23 34.11 16.71
CA TRP G 33 18.56 35.37 16.45
C TRP G 33 18.02 35.40 15.03
N ALA G 34 16.78 35.85 14.88
CA ALA G 34 16.15 35.89 13.56
C ALA G 34 15.10 36.99 13.50
N SER G 35 14.74 37.39 12.29
CA SER G 35 13.71 38.39 12.09
C SER G 35 12.73 37.97 11.02
N TYR G 36 11.45 38.30 11.25
CA TYR G 36 10.41 38.06 10.27
C TYR G 36 10.29 39.25 9.33
N GLY G 37 11.20 40.21 9.44
CA GLY G 37 11.18 41.37 8.57
C GLY G 37 11.86 42.61 9.11
N PRO G 38 11.43 43.08 10.30
CA PRO G 38 12.00 44.29 10.91
C PRO G 38 13.52 44.20 11.06
N THR G 39 14.18 45.34 11.21
CA THR G 39 15.64 45.35 11.32
C THR G 39 16.11 44.68 12.59
N GLN G 40 15.27 44.73 13.62
CA GLN G 40 15.58 44.08 14.88
C GLN G 40 15.55 42.56 14.72
N LYS G 41 16.13 41.85 15.69
CA LYS G 41 16.02 40.41 15.71
C LYS G 41 15.52 39.92 17.06
N TRP G 42 14.90 38.75 17.05
CA TRP G 42 14.32 38.15 18.25
C TRP G 42 14.85 36.74 18.44
N GLY G 43 14.76 36.25 19.67
CA GLY G 43 15.11 34.89 19.97
C GLY G 43 13.98 33.97 19.56
N PRO G 44 14.09 32.69 19.92
CA PRO G 44 13.22 31.57 19.54
C PRO G 44 11.78 31.73 20.03
N GLN G 45 11.54 32.69 20.92
CA GLN G 45 10.18 32.97 21.39
C GLN G 45 9.48 33.97 20.49
N GLY G 46 10.24 34.56 19.58
CA GLY G 46 9.68 35.51 18.64
C GLY G 46 9.38 36.86 19.26
N ASP G 47 8.54 37.64 18.57
CA ASP G 47 8.21 39.00 18.97
C ASP G 47 6.83 39.03 19.66
N ARG G 48 6.84 39.20 20.97
CA ARG G 48 5.62 39.13 21.76
C ARG G 48 4.70 40.31 21.48
N GLU G 49 5.25 41.37 20.89
CA GLU G 49 4.50 42.58 20.61
C GLU G 49 3.71 42.51 19.30
N HIS G 50 4.05 41.53 18.46
CA HIS G 50 3.47 41.46 17.11
C HIS G 50 2.15 40.68 17.07
N PRO G 51 1.13 41.27 16.44
CA PRO G 51 -0.16 40.60 16.27
C PRO G 51 -0.08 39.38 15.36
N ASP G 52 -0.97 38.42 15.58
CA ASP G 52 -1.08 37.23 14.73
C ASP G 52 -1.85 37.58 13.45
N GLN G 53 -1.15 37.60 12.32
CA GLN G 53 -1.77 37.93 11.05
C GLN G 53 -1.80 36.73 10.12
N GLY G 54 -2.17 35.57 10.66
CA GLY G 54 -2.26 34.34 9.87
C GLY G 54 -1.00 33.50 9.94
N LEU G 55 -0.45 33.38 11.14
CA LEU G 55 0.78 32.62 11.36
C LEU G 55 0.56 31.12 11.19
N ILE G 56 1.59 30.40 10.77
CA ILE G 56 1.46 28.94 10.63
C ILE G 56 1.23 28.30 11.99
N CYS G 57 1.63 28.98 13.06
CA CYS G 57 1.30 28.52 14.40
C CYS G 57 0.67 29.62 15.24
N HIS G 58 -0.62 29.44 15.55
CA HIS G 58 -1.38 30.45 16.28
C HIS G 58 -1.17 30.37 17.78
N ASP G 59 -0.41 29.37 18.23
CA ASP G 59 -0.11 29.21 19.65
C ASP G 59 1.31 29.68 19.99
N ALA G 60 1.94 30.37 19.05
CA ALA G 60 3.25 30.97 19.30
C ALA G 60 3.32 32.33 18.65
N PHE G 61 4.20 33.19 19.17
CA PHE G 61 4.39 34.51 18.61
C PHE G 61 5.04 34.45 17.24
N CYS G 62 4.89 35.53 16.49
CA CYS G 62 5.58 35.69 15.22
C CYS G 62 7.07 35.72 15.46
N GLY G 63 7.82 34.96 14.66
CA GLY G 63 9.26 34.86 14.84
C GLY G 63 9.67 33.74 15.79
N ALA G 64 8.70 32.98 16.27
CA ALA G 64 8.98 31.89 17.20
C ALA G 64 9.36 30.62 16.45
N LEU G 65 10.09 29.74 17.15
CA LEU G 65 10.39 28.43 16.61
C LEU G 65 9.24 27.47 16.90
N VAL G 66 8.76 26.77 15.87
CA VAL G 66 7.73 25.76 16.05
C VAL G 66 8.12 24.49 15.32
N MET G 67 7.29 23.47 15.40
CA MET G 67 7.62 22.21 14.74
C MET G 67 6.38 21.47 14.28
N LYS G 68 6.58 20.49 13.41
CA LYS G 68 5.57 19.50 13.10
C LYS G 68 6.14 18.13 13.38
N ILE G 69 5.29 17.22 13.84
CA ILE G 69 5.69 15.84 14.01
C ILE G 69 4.91 15.05 12.97
N GLY G 70 5.63 14.44 12.03
CA GLY G 70 4.99 13.81 10.90
C GLY G 70 4.17 14.85 10.17
N ASN G 71 2.89 14.55 9.93
CA ASN G 71 1.99 15.52 9.30
C ASN G 71 1.04 16.18 10.29
N SER G 72 1.50 16.34 11.54
CA SER G 72 0.72 17.02 12.56
C SER G 72 0.58 18.50 12.23
N GLY G 73 -0.30 19.19 12.93
CA GLY G 73 -0.34 20.65 12.88
C GLY G 73 0.89 21.19 13.59
N THR G 74 1.10 22.50 13.54
CA THR G 74 2.27 23.08 14.18
C THR G 74 2.19 23.02 15.70
N ILE G 75 3.36 22.83 16.32
CA ILE G 75 3.49 22.71 17.76
C ILE G 75 4.54 23.71 18.25
N PRO G 76 4.20 24.53 19.25
CA PRO G 76 5.17 25.52 19.73
C PRO G 76 6.42 24.87 20.33
N VAL G 77 7.59 25.39 19.97
CA VAL G 77 8.83 24.94 20.55
C VAL G 77 9.45 26.07 21.38
N ASN G 78 9.46 27.27 20.81
CA ASN G 78 10.02 28.44 21.48
C ASN G 78 11.48 28.19 21.86
N THR G 79 11.87 28.49 23.10
CA THR G 79 13.25 28.26 23.53
C THR G 79 13.57 26.77 23.67
N GLY G 80 12.54 25.94 23.67
CA GLY G 80 12.74 24.51 23.76
C GLY G 80 11.69 23.79 24.60
N LEU G 81 11.85 22.48 24.69
CA LEU G 81 10.93 21.63 25.43
C LEU G 81 11.70 20.77 26.41
N PHE G 82 11.24 20.69 27.65
CA PHE G 82 11.95 19.94 28.67
C PHE G 82 11.24 18.61 29.00
N ARG G 83 11.84 17.51 28.57
CA ARG G 83 11.30 16.17 28.84
C ARG G 83 9.81 16.12 28.50
N TRP G 84 9.56 16.38 27.23
CA TRP G 84 8.24 16.67 26.72
C TRP G 84 7.62 15.46 26.02
N VAL G 85 6.35 15.22 26.31
CA VAL G 85 5.59 14.21 25.61
C VAL G 85 4.47 14.89 24.84
N ALA G 86 4.28 14.47 23.59
CA ALA G 86 3.28 15.08 22.73
C ALA G 86 1.90 14.99 23.37
N PRO G 87 1.20 16.14 23.48
CA PRO G 87 -0.12 16.21 24.10
C PRO G 87 -1.17 15.45 23.30
N ASN G 88 -1.05 15.47 21.98
CA ASN G 88 -1.95 14.73 21.11
C ASN G 88 -1.25 13.52 20.52
N ASN G 89 -2.02 12.66 19.86
CA ASN G 89 -1.43 11.50 19.23
C ASN G 89 -0.74 11.88 17.92
N VAL G 90 0.59 11.92 17.95
CA VAL G 90 1.39 12.28 16.79
C VAL G 90 2.57 11.34 16.63
N GLN G 91 2.99 11.16 15.39
CA GLN G 91 4.14 10.32 15.10
C GLN G 91 4.79 10.72 13.79
N GLY G 92 6.12 10.66 13.76
CA GLY G 92 6.84 10.91 12.52
C GLY G 92 8.04 11.80 12.73
N ALA G 93 8.70 12.14 11.63
CA ALA G 93 9.89 12.97 11.67
C ALA G 93 9.56 14.37 12.20
N ILE G 94 10.46 14.91 12.99
CA ILE G 94 10.32 16.28 13.48
C ILE G 94 10.81 17.26 12.42
N THR G 95 9.93 18.16 12.01
CA THR G 95 10.30 19.26 11.12
C THR G 95 10.27 20.58 11.88
N LEU G 96 11.41 21.26 11.91
CA LEU G 96 11.50 22.54 12.60
C LEU G 96 11.17 23.67 11.64
N ILE G 97 10.32 24.60 12.08
CA ILE G 97 9.90 25.69 11.22
C ILE G 97 9.84 27.04 11.94
N TYR G 98 10.21 28.10 11.22
CA TYR G 98 10.10 29.46 11.71
C TYR G 98 8.65 29.92 11.58
N ASN G 99 8.12 30.56 12.63
CA ASN G 99 6.73 30.98 12.63
C ASN G 99 6.51 32.34 11.98
N ASP G 100 5.94 32.31 10.78
CA ASP G 100 5.62 33.54 10.07
C ASP G 100 4.38 33.27 9.22
N VAL G 101 3.90 34.28 8.50
CA VAL G 101 2.75 34.11 7.62
C VAL G 101 3.23 33.54 6.29
N PRO G 102 2.60 32.44 5.81
CA PRO G 102 2.96 31.86 4.52
C PRO G 102 3.00 32.91 3.42
N GLY G 103 4.05 32.87 2.60
CA GLY G 103 4.20 33.81 1.50
C GLY G 103 4.92 35.08 1.89
N THR G 104 5.22 35.24 3.18
CA THR G 104 5.86 36.47 3.66
C THR G 104 7.26 36.24 4.21
N TYR G 105 7.79 35.04 3.97
CA TYR G 105 9.09 34.65 4.51
C TYR G 105 10.24 35.33 3.75
N GLY G 106 9.93 36.00 2.65
CA GLY G 106 10.96 36.60 1.81
C GLY G 106 11.91 37.58 2.48
N ASN G 107 11.40 38.37 3.42
CA ASN G 107 12.22 39.38 4.10
C ASN G 107 12.74 38.90 5.45
N ASN G 108 12.62 37.59 5.69
CA ASN G 108 13.14 36.98 6.91
C ASN G 108 14.65 36.80 6.85
N SER G 109 15.29 36.86 8.00
CA SER G 109 16.73 36.64 8.07
C SER G 109 17.14 35.99 9.39
N GLY G 110 18.33 35.41 9.41
CA GLY G 110 18.80 34.75 10.60
C GLY G 110 18.31 33.32 10.69
N SER G 111 18.65 32.67 11.80
CA SER G 111 18.41 31.24 11.95
C SER G 111 18.56 30.83 13.41
N PHE G 112 17.87 29.77 13.80
CA PHE G 112 18.04 29.20 15.14
C PHE G 112 18.86 27.92 15.08
N SER G 113 19.75 27.74 16.04
CA SER G 113 20.46 26.48 16.20
C SER G 113 19.72 25.66 17.24
N VAL G 114 19.50 24.39 16.93
CA VAL G 114 18.61 23.55 17.72
C VAL G 114 19.23 22.19 18.02
N ASN G 115 19.07 21.75 19.26
CA ASN G 115 19.41 20.39 19.68
C ASN G 115 18.14 19.63 20.02
N ILE G 116 18.08 18.36 19.61
CA ILE G 116 16.95 17.50 19.93
C ILE G 116 17.47 16.14 20.34
N GLY G 117 16.91 15.59 21.42
CA GLY G 117 17.29 14.26 21.85
C GLY G 117 16.16 13.55 22.54
N LYS G 118 16.10 12.23 22.38
CA LYS G 118 15.13 11.42 23.09
C LYS G 118 15.64 11.13 24.50
N ASP G 119 14.75 11.23 25.47
CA ASP G 119 15.10 11.09 26.88
C ASP G 119 14.65 9.76 27.45
N GLN G 120 15.05 9.50 28.69
CA GLN G 120 14.53 8.38 29.45
C GLN G 120 13.02 8.50 29.55
N SER G 121 12.34 7.37 29.43
CA SER G 121 10.89 7.35 29.51
C SER G 121 10.40 5.99 29.99
N ALA H 1 42.74 -27.06 -20.03
CA ALA H 1 42.26 -28.32 -19.46
C ALA H 1 43.38 -29.36 -19.46
N TRP H 2 43.22 -30.37 -18.61
CA TRP H 2 44.19 -31.46 -18.53
C TRP H 2 43.47 -32.79 -18.52
N LYS H 3 44.03 -33.77 -19.21
CA LYS H 3 43.48 -35.12 -19.20
C LYS H 3 44.62 -36.11 -19.07
N GLY H 4 44.44 -37.11 -18.23
CA GLY H 4 45.48 -38.10 -18.07
C GLY H 4 45.06 -39.16 -17.09
N GLU H 5 46.04 -39.92 -16.60
CA GLU H 5 45.74 -41.00 -15.70
C GLU H 5 46.59 -40.90 -14.44
N VAL H 6 46.07 -41.49 -13.38
CA VAL H 6 46.80 -41.62 -12.12
C VAL H 6 46.88 -43.09 -11.78
N LEU H 7 48.10 -43.61 -11.60
CA LEU H 7 48.30 -45.01 -11.23
C LEU H 7 48.00 -45.27 -9.75
N ALA H 8 47.31 -46.37 -9.47
CA ALA H 8 47.04 -46.76 -8.10
C ALA H 8 48.33 -47.05 -7.34
N ASN H 9 49.37 -47.47 -8.06
CA ASN H 9 50.60 -47.89 -7.40
C ASN H 9 51.61 -46.76 -7.16
N ASN H 10 51.23 -45.52 -7.50
CA ASN H 10 52.20 -44.42 -7.43
C ASN H 10 51.98 -43.51 -6.23
N GLU H 11 52.84 -43.64 -5.23
CA GLU H 11 52.76 -42.82 -4.02
C GLU H 11 53.04 -41.35 -4.34
N ALA H 12 53.81 -41.12 -5.39
CA ALA H 12 54.18 -39.75 -5.76
C ALA H 12 53.04 -39.06 -6.49
N GLY H 13 52.12 -39.85 -7.03
CA GLY H 13 50.97 -39.31 -7.74
C GLY H 13 51.30 -38.73 -9.10
N GLN H 14 50.29 -38.15 -9.74
CA GLN H 14 50.41 -37.56 -11.06
C GLN H 14 50.34 -36.04 -10.98
N VAL H 15 51.46 -35.38 -11.28
CA VAL H 15 51.49 -33.92 -11.30
C VAL H 15 50.91 -33.39 -12.60
N THR H 16 49.82 -32.65 -12.52
CA THR H 16 49.15 -32.14 -13.72
C THR H 16 49.72 -30.80 -14.12
N SER H 17 49.30 -30.32 -15.30
CA SER H 17 49.70 -29.00 -15.77
C SER H 17 48.76 -27.93 -15.25
N ILE H 18 47.78 -28.34 -14.43
CA ILE H 18 46.85 -27.38 -13.86
C ILE H 18 47.43 -26.70 -12.63
N ILE H 19 47.58 -25.37 -12.70
CA ILE H 19 47.99 -24.57 -11.55
C ILE H 19 46.78 -23.92 -10.90
N TYR H 20 46.41 -24.38 -9.71
CA TYR H 20 45.26 -23.79 -9.03
C TYR H 20 45.64 -22.48 -8.33
N ASN H 21 44.94 -21.41 -8.70
CA ASN H 21 45.16 -20.11 -8.06
C ASN H 21 43.97 -19.71 -7.20
N PRO H 22 44.19 -18.85 -6.20
CA PRO H 22 43.11 -18.37 -5.32
C PRO H 22 41.89 -17.90 -6.09
N GLY H 23 40.71 -18.36 -5.67
CA GLY H 23 39.47 -17.97 -6.30
C GLY H 23 39.09 -18.82 -7.51
N ASP H 24 40.03 -19.63 -7.99
CA ASP H 24 39.77 -20.50 -9.14
C ASP H 24 38.62 -21.47 -8.87
N VAL H 25 37.74 -21.61 -9.86
CA VAL H 25 36.69 -22.62 -9.84
C VAL H 25 37.08 -23.74 -10.81
N ILE H 26 37.11 -24.97 -10.32
CA ILE H 26 37.52 -26.06 -11.19
C ILE H 26 36.51 -27.19 -11.21
N THR H 27 36.58 -27.99 -12.26
CA THR H 27 35.80 -29.21 -12.34
C THR H 27 36.74 -30.37 -12.56
N ILE H 28 36.49 -31.45 -11.84
CA ILE H 28 37.22 -32.69 -12.04
C ILE H 28 36.21 -33.80 -12.25
N VAL H 29 36.46 -34.65 -13.24
CA VAL H 29 35.70 -35.88 -13.38
C VAL H 29 36.67 -37.03 -13.46
N ALA H 30 36.49 -38.02 -12.60
CA ALA H 30 37.39 -39.17 -12.54
C ALA H 30 36.61 -40.45 -12.76
N ALA H 31 37.25 -41.40 -13.44
CA ALA H 31 36.62 -42.69 -13.72
C ALA H 31 37.67 -43.79 -13.71
N GLY H 32 37.23 -45.04 -13.81
CA GLY H 32 38.15 -46.15 -13.88
C GLY H 32 38.09 -47.08 -12.69
N TRP H 33 38.95 -48.09 -12.70
CA TRP H 33 38.94 -49.12 -11.68
C TRP H 33 40.34 -49.37 -11.12
N ALA H 34 40.43 -49.54 -9.80
CA ALA H 34 41.72 -49.73 -9.16
C ALA H 34 41.56 -50.53 -7.88
N SER H 35 42.66 -51.11 -7.42
CA SER H 35 42.66 -51.85 -6.17
C SER H 35 43.87 -51.48 -5.31
N TYR H 36 43.65 -51.41 -4.01
CA TYR H 36 44.72 -51.18 -3.05
C TYR H 36 45.33 -52.50 -2.59
N GLY H 37 44.96 -53.60 -3.23
CA GLY H 37 45.51 -54.90 -2.89
C GLY H 37 44.60 -56.07 -3.23
N PRO H 38 43.36 -56.05 -2.70
CA PRO H 38 42.40 -57.15 -2.94
C PRO H 38 42.17 -57.40 -4.42
N THR H 39 41.72 -58.61 -4.76
CA THR H 39 41.49 -58.97 -6.15
C THR H 39 40.37 -58.11 -6.72
N GLN H 40 39.45 -57.68 -5.87
CA GLN H 40 38.37 -56.82 -6.28
C GLN H 40 38.90 -55.45 -6.67
N LYS H 41 38.14 -54.72 -7.47
CA LYS H 41 38.50 -53.35 -7.82
C LYS H 41 37.37 -52.38 -7.46
N TRP H 42 37.75 -51.14 -7.16
CA TRP H 42 36.79 -50.11 -6.81
C TRP H 42 36.96 -48.88 -7.70
N GLY H 43 35.91 -48.09 -7.79
CA GLY H 43 35.96 -46.82 -8.48
C GLY H 43 36.69 -45.77 -7.66
N PRO H 44 36.65 -44.52 -8.12
CA PRO H 44 37.36 -43.36 -7.57
C PRO H 44 36.94 -43.00 -6.14
N GLN H 45 35.85 -43.58 -5.65
CA GLN H 45 35.42 -43.34 -4.29
C GLN H 45 36.06 -44.33 -3.33
N GLY H 46 36.71 -45.34 -3.88
CA GLY H 46 37.38 -46.34 -3.07
C GLY H 46 36.42 -47.32 -2.44
N ASP H 47 36.88 -47.96 -1.37
CA ASP H 47 36.14 -49.02 -0.70
C ASP H 47 35.60 -48.54 0.65
N ARG H 48 34.29 -48.31 0.72
CA ARG H 48 33.70 -47.70 1.90
C ARG H 48 33.74 -48.65 3.11
N GLU H 49 33.96 -49.94 2.85
CA GLU H 49 34.01 -50.95 3.90
C GLU H 49 35.32 -50.91 4.69
N HIS H 50 36.41 -50.61 3.99
CA HIS H 50 37.75 -50.70 4.58
C HIS H 50 38.00 -49.63 5.63
N PRO H 51 38.56 -50.04 6.78
CA PRO H 51 38.92 -49.08 7.82
C PRO H 51 40.12 -48.24 7.41
N ASP H 52 40.27 -47.08 8.06
CA ASP H 52 41.42 -46.21 7.85
C ASP H 52 42.59 -46.67 8.70
N GLN H 53 43.65 -47.12 8.04
CA GLN H 53 44.82 -47.61 8.74
C GLN H 53 46.05 -46.75 8.45
N GLY H 54 45.84 -45.44 8.39
CA GLY H 54 46.91 -44.49 8.15
C GLY H 54 46.98 -44.04 6.70
N LEU H 55 45.82 -43.79 6.10
CA LEU H 55 45.75 -43.30 4.73
C LEU H 55 46.32 -41.90 4.60
N ILE H 56 46.80 -41.55 3.41
CA ILE H 56 47.32 -40.20 3.15
C ILE H 56 46.21 -39.16 3.20
N CYS H 57 44.96 -39.62 3.11
CA CYS H 57 43.82 -38.72 3.24
C CYS H 57 42.76 -39.35 4.15
N HIS H 58 42.58 -38.77 5.34
CA HIS H 58 41.65 -39.33 6.32
C HIS H 58 40.22 -38.90 6.04
N ASP H 59 40.02 -38.08 5.01
CA ASP H 59 38.69 -37.61 4.65
C ASP H 59 38.13 -38.35 3.43
N ALA H 60 38.84 -39.39 3.00
CA ALA H 60 38.35 -40.24 1.91
C ALA H 60 38.64 -41.69 2.24
N PHE H 61 37.89 -42.59 1.60
CA PHE H 61 38.07 -44.02 1.79
C PHE H 61 39.36 -44.50 1.16
N CYS H 62 39.82 -45.66 1.63
CA CYS H 62 40.95 -46.35 1.01
C CYS H 62 40.60 -46.70 -0.43
N GLY H 63 41.50 -46.35 -1.36
CA GLY H 63 41.25 -46.60 -2.76
C GLY H 63 40.56 -45.45 -3.49
N ALA H 64 40.35 -44.34 -2.78
CA ALA H 64 39.73 -43.16 -3.38
C ALA H 64 40.79 -42.29 -4.05
N LEU H 65 40.34 -41.52 -5.03
CA LEU H 65 41.18 -40.51 -5.65
C LEU H 65 41.22 -39.26 -4.77
N VAL H 66 42.41 -38.74 -4.52
CA VAL H 66 42.56 -37.50 -3.76
C VAL H 66 43.59 -36.62 -4.47
N MET H 67 43.79 -35.41 -3.96
CA MET H 67 44.74 -34.53 -4.61
C MET H 67 45.46 -33.61 -3.62
N LYS H 68 46.56 -33.02 -4.08
CA LYS H 68 47.20 -31.91 -3.40
C LYS H 68 47.22 -30.72 -4.35
N ILE H 69 47.09 -29.53 -3.78
CA ILE H 69 47.26 -28.30 -4.52
C ILE H 69 48.52 -27.63 -3.98
N GLY H 70 49.56 -27.59 -4.80
CA GLY H 70 50.86 -27.13 -4.33
C GLY H 70 51.30 -28.06 -3.23
N ASN H 71 51.73 -27.48 -2.11
CA ASN H 71 52.18 -28.26 -0.96
C ASN H 71 51.10 -28.43 0.12
N SER H 72 49.84 -28.41 -0.30
CA SER H 72 48.73 -28.54 0.64
C SER H 72 48.66 -29.95 1.22
N GLY H 73 47.82 -30.13 2.23
CA GLY H 73 47.49 -31.48 2.68
C GLY H 73 46.57 -32.11 1.65
N THR H 74 46.28 -33.40 1.80
CA THR H 74 45.44 -34.08 0.81
C THR H 74 43.99 -33.62 0.85
N ILE H 75 43.38 -33.60 -0.32
CA ILE H 75 42.00 -33.15 -0.49
C ILE H 75 41.22 -34.21 -1.25
N PRO H 76 40.04 -34.60 -0.75
CA PRO H 76 39.29 -35.64 -1.44
C PRO H 76 38.81 -35.20 -2.81
N VAL H 77 38.94 -36.08 -3.80
CA VAL H 77 38.40 -35.81 -5.12
C VAL H 77 37.28 -36.81 -5.44
N ASN H 78 37.53 -38.09 -5.15
CA ASN H 78 36.53 -39.12 -5.38
C ASN H 78 36.13 -39.17 -6.86
N THR H 79 34.83 -39.18 -7.13
CA THR H 79 34.35 -39.22 -8.52
C THR H 79 34.59 -37.89 -9.22
N GLY H 80 34.93 -36.86 -8.44
CA GLY H 80 35.23 -35.57 -9.00
C GLY H 80 34.67 -34.40 -8.22
N LEU H 81 34.93 -33.20 -8.74
CA LEU H 81 34.49 -31.96 -8.10
C LEU H 81 33.71 -31.13 -9.10
N PHE H 82 32.56 -30.59 -8.67
CA PHE H 82 31.72 -29.79 -9.55
C PHE H 82 31.82 -28.30 -9.21
N ARG H 83 32.45 -27.54 -10.11
CA ARG H 83 32.61 -26.09 -9.95
C ARG H 83 33.02 -25.78 -8.51
N TRP H 84 34.20 -26.26 -8.19
CA TRP H 84 34.69 -26.36 -6.82
C TRP H 84 35.73 -25.30 -6.55
N VAL H 85 35.58 -24.62 -5.41
CA VAL H 85 36.58 -23.66 -4.97
C VAL H 85 37.24 -24.20 -3.71
N ALA H 86 38.56 -24.10 -3.65
CA ALA H 86 39.32 -24.62 -2.52
C ALA H 86 38.79 -24.08 -1.21
N ASN H 89 41.64 -21.62 0.59
CA ASN H 89 42.96 -21.07 0.25
C ASN H 89 43.72 -21.91 -0.77
N VAL H 90 44.96 -22.30 -0.44
CA VAL H 90 45.83 -23.14 -1.26
C VAL H 90 46.11 -22.64 -2.70
N GLN H 91 47.31 -22.93 -3.18
CA GLN H 91 47.74 -22.49 -4.50
C GLN H 91 48.86 -23.39 -5.03
N GLY H 92 48.84 -23.65 -6.33
CA GLY H 92 49.90 -24.40 -6.96
C GLY H 92 49.41 -25.53 -7.85
N ALA H 93 50.35 -26.32 -8.34
CA ALA H 93 50.03 -27.42 -9.24
C ALA H 93 49.15 -28.45 -8.55
N ILE H 94 48.18 -28.96 -9.29
CA ILE H 94 47.36 -30.07 -8.80
C ILE H 94 48.11 -31.38 -9.04
N THR H 95 48.35 -32.09 -7.95
CA THR H 95 48.87 -33.45 -8.01
C THR H 95 47.75 -34.43 -7.65
N LEU H 96 47.53 -35.41 -8.52
CA LEU H 96 46.51 -36.42 -8.26
C LEU H 96 47.15 -37.65 -7.63
N ILE H 97 46.53 -38.18 -6.59
CA ILE H 97 47.12 -39.30 -5.86
C ILE H 97 46.08 -40.34 -5.44
N TYR H 98 46.49 -41.60 -5.49
CA TYR H 98 45.67 -42.70 -5.04
C TYR H 98 45.75 -42.78 -3.52
N ASN H 99 44.60 -42.91 -2.85
CA ASN H 99 44.57 -42.92 -1.39
C ASN H 99 44.86 -44.32 -0.84
N ASP H 100 46.05 -44.50 -0.27
CA ASP H 100 46.41 -45.75 0.40
C ASP H 100 47.35 -45.38 1.56
N VAL H 101 47.81 -46.38 2.29
CA VAL H 101 48.76 -46.17 3.37
C VAL H 101 50.18 -46.14 2.80
N PRO H 102 50.95 -45.09 3.13
CA PRO H 102 52.32 -45.00 2.62
C PRO H 102 53.11 -46.29 2.86
N GLY H 103 53.84 -46.74 1.84
CA GLY H 103 54.63 -47.95 1.95
C GLY H 103 53.88 -49.23 1.58
N THR H 104 52.58 -49.10 1.33
CA THR H 104 51.77 -50.27 1.02
C THR H 104 51.19 -50.20 -0.40
N TYR H 105 51.79 -49.37 -1.25
CA TYR H 105 51.29 -49.21 -2.61
C TYR H 105 51.76 -50.33 -3.52
N GLY H 106 52.63 -51.19 -3.01
CA GLY H 106 53.26 -52.24 -3.80
C GLY H 106 52.30 -53.23 -4.45
N ASN H 107 51.21 -53.54 -3.76
CA ASN H 107 50.26 -54.53 -4.28
C ASN H 107 49.06 -53.88 -4.96
N ASN H 108 49.19 -52.59 -5.26
CA ASN H 108 48.13 -51.84 -5.93
C ASN H 108 48.11 -52.08 -7.42
N SER H 109 46.93 -51.96 -8.02
CA SER H 109 46.78 -52.15 -9.45
C SER H 109 45.71 -51.24 -10.02
N GLY H 110 45.76 -51.02 -11.32
CA GLY H 110 44.77 -50.20 -11.98
C GLY H 110 45.10 -48.73 -11.94
N SER H 111 44.17 -47.93 -12.44
CA SER H 111 44.40 -46.50 -12.58
C SER H 111 43.08 -45.80 -12.80
N PHE H 112 43.04 -44.51 -12.45
CA PHE H 112 41.87 -43.69 -12.76
C PHE H 112 42.17 -42.74 -13.90
N SER H 113 41.19 -42.58 -14.78
CA SER H 113 41.25 -41.60 -15.86
C SER H 113 40.62 -40.30 -15.35
N VAL H 114 41.30 -39.16 -15.52
CA VAL H 114 40.83 -37.91 -14.94
C VAL H 114 40.88 -36.74 -15.92
N ASN H 115 39.82 -35.93 -15.90
CA ASN H 115 39.78 -34.66 -16.61
C ASN H 115 39.74 -33.52 -15.60
N ILE H 116 40.51 -32.46 -15.85
CA ILE H 116 40.48 -31.27 -15.02
C ILE H 116 40.40 -30.02 -15.88
N GLY H 117 39.56 -29.09 -15.47
CA GLY H 117 39.46 -27.82 -16.17
C GLY H 117 39.06 -26.68 -15.27
N LYS H 118 39.54 -25.49 -15.58
CA LYS H 118 39.12 -24.29 -14.88
C LYS H 118 37.80 -23.80 -15.45
N ASP H 119 36.88 -23.39 -14.58
CA ASP H 119 35.56 -22.95 -14.99
C ASP H 119 35.42 -21.44 -14.90
N GLN H 120 34.29 -20.95 -15.41
CA GLN H 120 33.85 -19.58 -15.21
C GLN H 120 33.84 -19.25 -13.71
N SER H 121 34.37 -18.08 -13.37
CA SER H 121 34.39 -17.62 -11.98
C SER H 121 34.32 -16.10 -11.93
N ALA I 1 -60.13 37.92 -23.39
CA ALA I 1 -60.41 36.60 -22.81
C ALA I 1 -59.12 35.92 -22.38
N TRP I 2 -59.25 34.85 -21.60
CA TRP I 2 -58.11 34.13 -21.06
C TRP I 2 -58.33 32.64 -21.19
N LYS I 3 -57.30 31.93 -21.63
CA LYS I 3 -57.36 30.48 -21.71
C LYS I 3 -56.07 29.93 -21.13
N GLY I 4 -56.19 29.00 -20.19
CA GLY I 4 -55.03 28.43 -19.57
C GLY I 4 -55.32 27.17 -18.81
N GLU I 5 -54.29 26.67 -18.12
CA GLU I 5 -54.42 25.48 -17.30
C GLU I 5 -54.21 25.86 -15.85
N VAL I 6 -54.87 25.14 -14.96
CA VAL I 6 -54.63 25.27 -13.53
C VAL I 6 -54.17 23.93 -13.00
N LEU I 7 -52.95 23.87 -12.49
CA LEU I 7 -52.43 22.61 -11.96
C LEU I 7 -53.04 22.29 -10.61
N ALA I 8 -53.40 21.03 -10.41
CA ALA I 8 -54.02 20.60 -9.17
C ALA I 8 -53.07 20.72 -7.99
N ASN I 9 -51.77 20.60 -8.25
CA ASN I 9 -50.77 20.64 -7.16
C ASN I 9 -50.26 22.04 -6.85
N ASN I 10 -50.85 23.06 -7.47
CA ASN I 10 -50.43 24.43 -7.24
C ASN I 10 -51.31 25.10 -6.19
N GLU I 11 -50.83 25.09 -4.95
CA GLU I 11 -51.60 25.58 -3.81
C GLU I 11 -51.94 27.06 -3.94
N ALA I 12 -51.07 27.81 -4.59
CA ALA I 12 -51.24 29.25 -4.72
C ALA I 12 -52.21 29.60 -5.84
N GLY I 13 -52.49 28.61 -6.68
CA GLY I 13 -53.43 28.78 -7.78
C GLY I 13 -52.79 29.46 -8.98
N GLN I 14 -53.59 29.64 -10.03
CA GLN I 14 -53.14 30.26 -11.27
C GLN I 14 -53.77 31.65 -11.44
N VAL I 15 -52.94 32.69 -11.44
CA VAL I 15 -53.43 34.04 -11.70
C VAL I 15 -53.74 34.18 -13.19
N THR I 16 -54.94 34.66 -13.49
CA THR I 16 -55.32 34.90 -14.88
C THR I 16 -55.12 36.37 -15.22
N SER I 17 -55.28 36.70 -16.50
CA SER I 17 -55.17 38.09 -16.96
C SER I 17 -56.50 38.81 -16.80
N ILE I 18 -57.51 38.11 -16.31
CA ILE I 18 -58.82 38.69 -16.12
C ILE I 18 -58.87 39.51 -14.83
N ILE I 19 -59.17 40.79 -14.97
CA ILE I 19 -59.46 41.63 -13.83
C ILE I 19 -60.96 41.87 -13.76
N TYR I 20 -61.61 41.28 -12.76
CA TYR I 20 -63.05 41.48 -12.61
C TYR I 20 -63.33 42.83 -12.00
N ASN I 21 -64.15 43.62 -12.70
CA ASN I 21 -64.52 44.95 -12.25
C ASN I 21 -66.03 44.98 -11.96
N PRO I 22 -66.46 45.94 -11.12
CA PRO I 22 -67.88 46.08 -10.78
C PRO I 22 -68.76 46.08 -12.02
N GLY I 23 -69.83 45.29 -12.01
CA GLY I 23 -70.76 45.25 -13.12
C GLY I 23 -70.39 44.27 -14.22
N ASP I 24 -69.17 43.72 -14.16
CA ASP I 24 -68.72 42.76 -15.16
C ASP I 24 -69.60 41.52 -15.16
N VAL I 25 -69.86 41.01 -16.36
CA VAL I 25 -70.51 39.71 -16.55
C VAL I 25 -69.48 38.76 -17.15
N ILE I 26 -69.22 37.63 -16.52
CA ILE I 26 -68.19 36.74 -17.03
C ILE I 26 -68.72 35.33 -17.31
N THR I 27 -68.03 34.65 -18.21
CA THR I 27 -68.28 33.25 -18.47
C THR I 27 -67.02 32.45 -18.21
N ILE I 28 -67.18 31.32 -17.53
CA ILE I 28 -66.07 30.41 -17.33
C ILE I 28 -66.51 29.00 -17.74
N VAL I 29 -65.67 28.34 -18.52
CA VAL I 29 -65.88 26.92 -18.83
C VAL I 29 -64.60 26.18 -18.47
N ALA I 30 -64.76 25.17 -17.62
CA ALA I 30 -63.63 24.42 -17.12
C ALA I 30 -63.77 22.95 -17.49
N ALA I 31 -62.69 22.36 -17.96
CA ALA I 31 -62.72 20.95 -18.34
C ALA I 31 -61.45 20.26 -17.87
N GLY I 32 -61.47 18.93 -17.85
CA GLY I 32 -60.26 18.19 -17.55
C GLY I 32 -60.39 17.27 -16.37
N TRP I 33 -59.28 16.61 -16.03
CA TRP I 33 -59.26 15.60 -15.00
C TRP I 33 -58.10 15.84 -14.03
N ALA I 34 -58.38 15.69 -12.74
CA ALA I 34 -57.38 15.99 -11.73
C ALA I 34 -57.62 15.17 -10.47
N SER I 35 -56.59 15.06 -9.65
CA SER I 35 -56.68 14.29 -8.42
C SER I 35 -56.06 15.02 -7.24
N TYR I 36 -56.67 14.85 -6.08
CA TYR I 36 -56.16 15.41 -4.83
C TYR I 36 -55.30 14.38 -4.10
N GLY I 37 -54.97 13.29 -4.78
CA GLY I 37 -54.13 12.26 -4.18
C GLY I 37 -54.27 10.89 -4.82
N PRO I 38 -55.49 10.31 -4.77
CA PRO I 38 -55.74 8.97 -5.29
C PRO I 38 -55.43 8.83 -6.77
N THR I 39 -55.33 7.58 -7.24
CA THR I 39 -55.01 7.34 -8.64
C THR I 39 -56.17 7.75 -9.55
N GLN I 40 -57.40 7.60 -9.05
CA GLN I 40 -58.58 8.06 -9.76
C GLN I 40 -58.51 9.57 -9.98
N LYS I 41 -59.13 10.05 -11.06
CA LYS I 41 -59.20 11.49 -11.28
C LYS I 41 -60.65 11.94 -11.39
N TRP I 42 -60.90 13.18 -10.98
CA TRP I 42 -62.24 13.75 -10.99
C TRP I 42 -62.32 14.98 -11.87
N GLY I 43 -63.53 15.33 -12.30
CA GLY I 43 -63.75 16.54 -13.07
C GLY I 43 -63.74 17.78 -12.20
N PRO I 44 -64.07 18.94 -12.80
CA PRO I 44 -64.02 20.23 -12.11
C PRO I 44 -64.98 20.35 -10.93
N GLN I 45 -65.90 19.40 -10.78
CA GLN I 45 -66.82 19.43 -9.64
C GLN I 45 -66.22 18.71 -8.45
N GLY I 46 -65.10 18.04 -8.66
CA GLY I 46 -64.42 17.32 -7.60
C GLY I 46 -65.07 15.99 -7.28
N ASP I 47 -64.83 15.52 -6.06
CA ASP I 47 -65.31 14.21 -5.62
C ASP I 47 -66.48 14.33 -4.65
N ARG I 48 -67.67 14.03 -5.15
CA ARG I 48 -68.90 14.19 -4.37
C ARG I 48 -68.97 13.25 -3.17
N GLU I 49 -68.05 12.30 -3.09
CA GLU I 49 -68.10 11.28 -2.04
C GLU I 49 -67.16 11.58 -0.87
N HIS I 50 -66.16 12.42 -1.12
CA HIS I 50 -65.11 12.67 -0.14
C HIS I 50 -65.50 13.74 0.88
N PRO I 51 -65.49 13.39 2.17
CA PRO I 51 -65.84 14.34 3.23
C PRO I 51 -64.86 15.51 3.34
N ASP I 52 -65.39 16.69 3.65
CA ASP I 52 -64.62 17.93 3.79
C ASP I 52 -63.94 18.00 5.14
N GLN I 53 -62.61 17.92 5.13
CA GLN I 53 -61.83 17.97 6.37
C GLN I 53 -60.94 19.21 6.45
N GLY I 54 -61.42 20.31 5.88
CA GLY I 54 -60.70 21.58 5.94
C GLY I 54 -60.29 22.12 4.59
N LEU I 55 -61.19 22.04 3.62
CA LEU I 55 -60.90 22.54 2.27
C LEU I 55 -60.83 24.06 2.24
N ILE I 56 -60.14 24.61 1.23
CA ILE I 56 -60.06 26.06 1.08
C ILE I 56 -61.39 26.64 0.65
N CYS I 57 -62.29 25.79 0.18
CA CYS I 57 -63.64 26.20 -0.14
C CYS I 57 -64.64 25.18 0.40
N HIS I 58 -65.42 25.58 1.40
CA HIS I 58 -66.36 24.66 2.03
C HIS I 58 -67.66 24.53 1.25
N ASP I 59 -67.81 25.34 0.20
CA ASP I 59 -69.01 25.32 -0.62
C ASP I 59 -68.78 24.53 -1.92
N ALA I 60 -67.68 23.80 -1.97
CA ALA I 60 -67.37 22.94 -3.09
C ALA I 60 -66.71 21.65 -2.64
N PHE I 61 -66.86 20.61 -3.44
CA PHE I 61 -66.26 19.32 -3.13
C PHE I 61 -64.74 19.37 -3.26
N CYS I 62 -64.07 18.48 -2.53
CA CYS I 62 -62.64 18.27 -2.69
C CYS I 62 -62.33 17.95 -4.15
N GLY I 63 -61.34 18.63 -4.71
CA GLY I 63 -60.97 18.41 -6.09
C GLY I 63 -61.75 19.26 -7.08
N ALA I 64 -62.63 20.11 -6.58
CA ALA I 64 -63.38 21.03 -7.43
C ALA I 64 -62.52 22.24 -7.81
N LEU I 65 -62.89 22.88 -8.92
CA LEU I 65 -62.29 24.16 -9.30
C LEU I 65 -62.97 25.30 -8.56
N VAL I 66 -62.17 26.16 -7.93
CA VAL I 66 -62.71 27.33 -7.25
C VAL I 66 -61.88 28.53 -7.66
N MET I 67 -62.24 29.71 -7.17
CA MET I 67 -61.50 30.89 -7.52
C MET I 67 -61.52 31.94 -6.42
N LYS I 68 -60.54 32.83 -6.48
CA LYS I 68 -60.55 34.06 -5.70
C LYS I 68 -60.56 35.23 -6.67
N ILE I 69 -61.34 36.25 -6.36
CA ILE I 69 -61.36 37.46 -7.17
C ILE I 69 -60.80 38.59 -6.33
N GLY I 70 -59.62 39.07 -6.71
CA GLY I 70 -58.87 39.98 -5.87
C GLY I 70 -58.68 39.37 -4.50
N ASN I 71 -59.00 40.13 -3.46
CA ASN I 71 -58.87 39.66 -2.09
C ASN I 71 -60.19 39.17 -1.53
N SER I 72 -60.93 38.41 -2.33
CA SER I 72 -62.17 37.80 -1.86
C SER I 72 -61.87 36.44 -1.22
N GLY I 73 -62.87 35.87 -0.57
CA GLY I 73 -62.78 34.49 -0.12
C GLY I 73 -62.96 33.58 -1.33
N THR I 74 -62.77 32.28 -1.13
CA THR I 74 -62.91 31.33 -2.23
C THR I 74 -64.36 31.22 -2.72
N ILE I 75 -64.51 31.19 -4.04
CA ILE I 75 -65.82 31.09 -4.69
C ILE I 75 -65.82 29.87 -5.60
N PRO I 76 -66.83 28.99 -5.46
CA PRO I 76 -66.86 27.78 -6.29
C PRO I 76 -66.99 28.12 -7.77
N VAL I 77 -66.23 27.41 -8.61
CA VAL I 77 -66.35 27.57 -10.05
C VAL I 77 -66.93 26.31 -10.65
N ASN I 78 -66.40 25.17 -10.20
CA ASN I 78 -66.85 23.87 -10.68
C ASN I 78 -66.68 23.76 -12.18
N THR I 79 -67.72 23.36 -12.90
CA THR I 79 -67.61 23.18 -14.33
C THR I 79 -67.58 24.51 -15.05
N GLY I 80 -68.02 25.56 -14.37
CA GLY I 80 -67.98 26.89 -14.95
C GLY I 80 -69.09 27.80 -14.49
N LEU I 81 -69.10 29.01 -15.05
CA LEU I 81 -70.06 30.04 -14.70
C LEU I 81 -70.67 30.60 -15.98
N PHE I 82 -71.99 30.73 -16.00
CA PHE I 82 -72.69 31.19 -17.19
C PHE I 82 -73.23 32.60 -17.00
N ARG I 83 -72.62 33.58 -17.67
CA ARG I 83 -73.05 34.98 -17.60
C ARG I 83 -73.28 35.39 -16.17
N TRP I 84 -72.19 35.37 -15.41
CA TRP I 84 -72.22 35.42 -13.96
C TRP I 84 -71.71 36.77 -13.46
N VAL I 85 -72.37 37.28 -12.42
CA VAL I 85 -71.97 38.53 -11.79
C VAL I 85 -71.52 38.22 -10.37
N ALA I 86 -70.40 38.80 -9.97
CA ALA I 86 -69.86 38.57 -8.65
C ALA I 86 -70.69 39.27 -7.59
N PRO I 87 -70.59 38.79 -6.34
CA PRO I 87 -71.22 39.51 -5.23
C PRO I 87 -70.72 40.95 -5.19
N ASN I 88 -71.50 41.85 -4.62
CA ASN I 88 -71.06 43.22 -4.43
C ASN I 88 -69.74 43.27 -3.65
N ASN I 89 -68.94 44.29 -3.92
CA ASN I 89 -67.63 44.49 -3.32
C ASN I 89 -66.68 43.31 -3.54
N VAL I 90 -66.86 42.62 -4.65
CA VAL I 90 -65.87 41.65 -5.10
C VAL I 90 -65.26 42.14 -6.40
N GLN I 91 -63.95 42.36 -6.38
CA GLN I 91 -63.27 42.95 -7.53
C GLN I 91 -61.78 42.60 -7.52
N GLY I 92 -61.18 42.51 -8.70
CA GLY I 92 -59.75 42.25 -8.81
C GLY I 92 -59.43 41.12 -9.76
N ALA I 93 -58.15 40.75 -9.82
CA ALA I 93 -57.72 39.68 -10.70
C ALA I 93 -58.32 38.35 -10.27
N ILE I 94 -58.70 37.55 -11.26
CA ILE I 94 -59.21 36.21 -10.99
C ILE I 94 -58.05 35.23 -10.86
N THR I 95 -58.00 34.55 -9.72
CA THR I 95 -57.04 33.47 -9.51
C THR I 95 -57.80 32.15 -9.41
N LEU I 96 -57.41 31.18 -10.24
CA LEU I 96 -58.04 29.87 -10.23
C LEU I 96 -57.29 28.94 -9.30
N ILE I 97 -58.02 28.16 -8.52
CA ILE I 97 -57.39 27.29 -7.53
C ILE I 97 -58.08 25.94 -7.43
N TYR I 98 -57.27 24.89 -7.29
CA TYR I 98 -57.77 23.56 -7.03
C TYR I 98 -58.22 23.46 -5.57
N ASN I 99 -59.41 22.92 -5.33
CA ASN I 99 -59.93 22.84 -3.97
C ASN I 99 -59.38 21.62 -3.21
N ASP I 100 -58.50 21.88 -2.25
CA ASP I 100 -57.91 20.83 -1.44
C ASP I 100 -57.60 21.41 -0.06
N VAL I 101 -57.16 20.57 0.85
CA VAL I 101 -56.80 21.01 2.19
C VAL I 101 -55.41 21.66 2.17
N PRO I 102 -55.29 22.85 2.79
CA PRO I 102 -53.99 23.52 2.86
C PRO I 102 -52.90 22.59 3.37
N GLY I 103 -51.75 22.58 2.70
CA GLY I 103 -50.66 21.71 3.06
C GLY I 103 -50.66 20.35 2.40
N THR I 104 -51.71 20.02 1.66
CA THR I 104 -51.83 18.69 1.07
C THR I 104 -51.76 18.67 -0.45
N TYR I 105 -51.34 19.78 -1.06
CA TYR I 105 -51.35 19.88 -2.51
C TYR I 105 -50.23 19.11 -3.19
N GLY I 106 -49.24 18.69 -2.41
CA GLY I 106 -48.05 18.07 -2.96
C GLY I 106 -48.27 16.77 -3.73
N ASN I 107 -49.29 16.02 -3.35
CA ASN I 107 -49.56 14.74 -3.99
C ASN I 107 -50.68 14.81 -5.03
N ASN I 108 -51.05 16.03 -5.38
CA ASN I 108 -52.08 16.25 -6.39
C ASN I 108 -51.53 16.07 -7.79
N SER I 109 -52.42 15.82 -8.75
CA SER I 109 -51.99 15.65 -10.12
C SER I 109 -53.08 16.07 -11.09
N GLY I 110 -52.69 16.26 -12.35
CA GLY I 110 -53.63 16.69 -13.36
C GLY I 110 -53.84 18.19 -13.31
N SER I 111 -54.80 18.65 -14.10
CA SER I 111 -55.05 20.07 -14.25
C SER I 111 -56.39 20.28 -14.91
N PHE I 112 -56.93 21.48 -14.77
CA PHE I 112 -58.14 21.84 -15.50
C PHE I 112 -57.78 22.87 -16.55
N SER I 113 -58.28 22.68 -17.78
CA SER I 113 -58.16 23.71 -18.80
C SER I 113 -59.37 24.62 -18.69
N VAL I 114 -59.13 25.92 -18.71
CA VAL I 114 -60.18 26.87 -18.37
C VAL I 114 -60.21 28.05 -19.34
N ASN I 115 -61.42 28.39 -19.78
CA ASN I 115 -61.65 29.60 -20.57
C ASN I 115 -62.41 30.60 -19.72
N ILE I 116 -61.96 31.85 -19.73
CA ILE I 116 -62.67 32.93 -19.06
C ILE I 116 -62.81 34.11 -20.01
N GLY I 117 -64.01 34.68 -20.09
CA GLY I 117 -64.21 35.87 -20.90
C GLY I 117 -65.24 36.80 -20.30
N LYS I 118 -65.16 38.08 -20.66
CA LYS I 118 -66.18 39.02 -20.24
C LYS I 118 -67.30 39.04 -21.28
N ASP I 119 -68.53 39.09 -20.79
CA ASP I 119 -69.69 39.03 -21.66
C ASP I 119 -70.33 40.39 -21.85
N GLN I 120 -71.26 40.45 -22.80
CA GLN I 120 -72.02 41.67 -23.05
C GLN I 120 -72.76 42.10 -21.78
N SER I 121 -72.77 43.41 -21.53
CA SER I 121 -73.43 43.95 -20.35
C SER I 121 -73.78 45.42 -20.55
N ALA J 1 1.57 -11.93 45.81
CA ALA J 1 1.27 -10.52 45.57
C ALA J 1 1.61 -10.12 44.14
N TRP J 2 0.88 -9.14 43.61
CA TRP J 2 1.04 -8.72 42.23
C TRP J 2 1.42 -7.25 42.19
N LYS J 3 2.56 -6.94 41.57
CA LYS J 3 3.00 -5.57 41.40
C LYS J 3 3.12 -5.23 39.92
N GLY J 4 2.36 -4.24 39.49
CA GLY J 4 2.34 -3.86 38.09
C GLY J 4 1.70 -2.51 37.91
N GLU J 5 0.99 -2.35 36.81
CA GLU J 5 0.42 -1.05 36.48
C GLU J 5 -0.72 -1.16 35.49
N VAL J 6 -1.44 -0.06 35.36
CA VAL J 6 -2.53 0.08 34.39
C VAL J 6 -2.31 1.37 33.64
N LEU J 7 -2.32 1.30 32.30
CA LEU J 7 -2.19 2.51 31.49
C LEU J 7 -3.53 3.21 31.37
N ALA J 8 -3.51 4.53 31.43
CA ALA J 8 -4.72 5.34 31.35
C ALA J 8 -5.44 5.15 30.02
N ASN J 9 -4.69 4.92 28.94
CA ASN J 9 -5.29 4.83 27.61
C ASN J 9 -5.68 3.41 27.19
N ASN J 10 -5.72 2.49 28.15
CA ASN J 10 -6.08 1.10 27.87
C ASN J 10 -7.52 0.82 28.26
N GLU J 11 -8.41 0.83 27.27
CA GLU J 11 -9.84 0.64 27.53
C GLU J 11 -10.10 -0.77 28.09
N ALA J 12 -9.27 -1.72 27.67
CA ALA J 12 -9.43 -3.11 28.09
C ALA J 12 -9.01 -3.30 29.53
N GLY J 13 -8.16 -2.41 30.02
CA GLY J 13 -7.64 -2.53 31.37
C GLY J 13 -6.51 -3.54 31.44
N GLN J 14 -5.98 -3.74 32.64
CA GLN J 14 -4.87 -4.65 32.85
C GLN J 14 -5.32 -5.88 33.64
N VAL J 15 -5.29 -7.04 33.00
CA VAL J 15 -5.64 -8.29 33.68
C VAL J 15 -4.48 -8.75 34.55
N THR J 16 -4.68 -8.76 35.86
CA THR J 16 -3.64 -9.18 36.79
C THR J 16 -3.65 -10.69 36.93
N SER J 17 -2.64 -11.23 37.61
CA SER J 17 -2.52 -12.66 37.83
C SER J 17 -3.22 -13.05 39.13
N ILE J 18 -3.85 -12.06 39.76
CA ILE J 18 -4.58 -12.27 41.00
C ILE J 18 -6.00 -12.74 40.77
N ILE J 19 -6.35 -13.90 41.31
CA ILE J 19 -7.72 -14.39 41.22
C ILE J 19 -8.43 -14.19 42.56
N TYR J 20 -9.44 -13.34 42.59
CA TYR J 20 -10.22 -13.19 43.81
C TYR J 20 -11.15 -14.39 43.99
N ASN J 21 -10.89 -15.16 45.05
CA ASN J 21 -11.70 -16.32 45.38
C ASN J 21 -12.60 -16.02 46.58
N PRO J 22 -13.71 -16.76 46.70
CA PRO J 22 -14.66 -16.55 47.80
C PRO J 22 -13.96 -16.56 49.16
N GLY J 23 -14.20 -15.52 49.96
CA GLY J 23 -13.63 -15.43 51.29
C GLY J 23 -12.31 -14.67 51.34
N ASP J 24 -11.71 -14.42 50.18
CA ASP J 24 -10.44 -13.71 50.14
C ASP J 24 -10.57 -12.30 50.72
N VAL J 25 -9.56 -11.89 51.47
CA VAL J 25 -9.40 -10.52 51.89
C VAL J 25 -8.21 -9.96 51.13
N ILE J 26 -8.34 -8.79 50.52
CA ILE J 26 -7.25 -8.26 49.72
C ILE J 26 -6.85 -6.87 50.13
N THR J 27 -5.62 -6.50 49.79
CA THR J 27 -5.20 -5.11 49.91
C THR J 27 -4.71 -4.61 48.57
N ILE J 28 -5.06 -3.36 48.24
CA ILE J 28 -4.59 -2.74 47.03
C ILE J 28 -4.02 -1.38 47.40
N VAL J 29 -2.84 -1.07 46.87
CA VAL J 29 -2.28 0.28 47.01
C VAL J 29 -1.90 0.79 45.63
N ALA J 30 -2.44 1.93 45.26
CA ALA J 30 -2.22 2.50 43.93
C ALA J 30 -1.60 3.88 44.03
N ALA J 31 -0.70 4.19 43.10
CA ALA J 31 -0.02 5.48 43.09
C ALA J 31 0.22 5.94 41.66
N GLY J 32 0.62 7.20 41.50
CA GLY J 32 0.98 7.70 40.19
C GLY J 32 0.09 8.80 39.65
N TRP J 33 0.36 9.17 38.40
CA TRP J 33 -0.32 10.28 37.76
C TRP J 33 -0.81 9.91 36.36
N ALA J 34 -2.05 10.26 36.05
CA ALA J 34 -2.63 9.96 34.76
C ALA J 34 -3.64 11.04 34.38
N SER J 35 -3.98 11.10 33.10
CA SER J 35 -4.94 12.09 32.62
C SER J 35 -5.93 11.46 31.66
N TYR J 36 -7.19 11.90 31.74
CA TYR J 36 -8.23 11.45 30.84
C TYR J 36 -8.34 12.37 29.64
N GLY J 37 -7.35 13.25 29.45
CA GLY J 37 -7.37 14.18 28.34
C GLY J 37 -6.61 15.49 28.57
N PRO J 38 -7.04 16.27 29.57
CA PRO J 38 -6.41 17.55 29.90
C PRO J 38 -4.92 17.43 30.20
N THR J 39 -4.20 18.54 30.10
CA THR J 39 -2.77 18.55 30.34
C THR J 39 -2.45 18.20 31.79
N GLN J 40 -3.35 18.58 32.70
CA GLN J 40 -3.19 18.26 34.11
C GLN J 40 -3.33 16.75 34.32
N LYS J 41 -2.59 16.22 35.29
CA LYS J 41 -2.72 14.82 35.67
C LYS J 41 -3.25 14.71 37.09
N TRP J 42 -4.02 13.68 37.36
CA TRP J 42 -4.58 13.45 38.68
C TRP J 42 -4.08 12.13 39.25
N GLY J 43 -4.22 11.97 40.55
CA GLY J 43 -3.88 10.72 41.22
C GLY J 43 -4.96 9.68 41.03
N PRO J 44 -4.81 8.53 41.71
CA PRO J 44 -5.71 7.37 41.63
C PRO J 44 -7.16 7.66 42.00
N GLN J 45 -7.42 8.77 42.69
CA GLN J 45 -8.80 9.12 43.04
C GLN J 45 -9.49 9.88 41.91
N GLY J 46 -8.71 10.20 40.88
CA GLY J 46 -9.24 10.93 39.75
C GLY J 46 -9.51 12.40 40.05
N ASP J 47 -10.46 12.96 39.30
CA ASP J 47 -10.73 14.40 39.33
C ASP J 47 -12.14 14.68 39.88
N ARG J 48 -12.21 15.10 41.13
CA ARG J 48 -13.49 15.26 41.81
C ARG J 48 -14.38 16.32 41.18
N GLU J 49 -13.78 17.22 40.40
CA GLU J 49 -14.52 18.33 39.81
C GLU J 49 -15.17 17.97 38.48
N HIS J 50 -14.74 16.87 37.88
CA HIS J 50 -15.21 16.51 36.55
C HIS J 50 -16.53 15.74 36.61
N PRO J 51 -17.55 16.26 35.92
CA PRO J 51 -18.85 15.56 35.89
C PRO J 51 -18.76 14.17 35.26
N ASP J 52 -19.68 13.29 35.65
CA ASP J 52 -19.79 11.95 35.10
C ASP J 52 -20.54 12.00 33.78
N GLN J 53 -19.83 11.77 32.67
CA GLN J 53 -20.42 11.80 31.35
C GLN J 53 -20.58 10.40 30.76
N GLY J 54 -20.66 9.39 31.63
CA GLY J 54 -20.85 8.02 31.18
C GLY J 54 -19.65 7.13 31.50
N LEU J 55 -19.03 7.36 32.65
CA LEU J 55 -17.90 6.57 33.09
C LEU J 55 -18.27 5.09 33.23
N ILE J 56 -17.29 4.22 33.02
CA ILE J 56 -17.49 2.79 33.24
C ILE J 56 -17.80 2.49 34.70
N CYS J 57 -17.41 3.39 35.60
CA CYS J 57 -17.76 3.26 37.01
C CYS J 57 -18.37 4.55 37.55
N HIS J 58 -19.65 4.50 37.87
CA HIS J 58 -20.36 5.68 38.37
C HIS J 58 -20.17 5.90 39.87
N ASP J 59 -19.42 5.01 40.53
CA ASP J 59 -19.15 5.19 41.96
C ASP J 59 -17.71 5.66 42.17
N ALA J 60 -17.11 6.22 41.13
CA ALA J 60 -15.77 6.79 41.21
C ALA J 60 -15.65 7.98 40.27
N PHE J 61 -14.76 8.91 40.59
CA PHE J 61 -14.57 10.09 39.77
C PHE J 61 -13.86 9.73 38.47
N CYS J 62 -14.02 10.59 37.47
CA CYS J 62 -13.30 10.42 36.21
C CYS J 62 -11.79 10.44 36.47
N GLY J 63 -11.08 9.48 35.88
CA GLY J 63 -9.64 9.39 36.07
C GLY J 63 -9.22 8.60 37.29
N ALA J 64 -10.18 7.99 37.98
CA ALA J 64 -9.87 7.16 39.14
C ALA J 64 -9.55 5.74 38.72
N LEU J 65 -8.86 5.02 39.60
CA LEU J 65 -8.61 3.60 39.40
C LEU J 65 -9.82 2.79 39.83
N VAL J 66 -10.30 1.92 38.96
CA VAL J 66 -11.33 0.97 39.37
C VAL J 66 -10.93 -0.42 38.93
N MET J 67 -11.79 -1.39 39.20
CA MET J 67 -11.49 -2.75 38.81
C MET J 67 -12.76 -3.53 38.58
N LYS J 68 -12.63 -4.63 37.85
CA LYS J 68 -13.65 -5.67 37.83
C LYS J 68 -13.05 -6.94 38.41
N ILE J 69 -13.87 -7.71 39.12
CA ILE J 69 -13.44 -9.02 39.59
C ILE J 69 -14.22 -10.07 38.80
N GLY J 70 -13.49 -10.86 38.00
CA GLY J 70 -14.13 -11.73 37.03
C GLY J 70 -14.84 -10.86 36.01
N ASN J 71 -16.11 -11.16 35.77
CA ASN J 71 -16.94 -10.28 34.95
C ASN J 71 -17.95 -9.54 35.81
N SER J 72 -17.48 -9.06 36.96
CA SER J 72 -18.30 -8.23 37.84
C SER J 72 -18.48 -6.85 37.24
N GLY J 73 -19.40 -6.07 37.80
CA GLY J 73 -19.49 -4.67 37.45
C GLY J 73 -18.24 -3.99 37.97
N THR J 74 -17.97 -2.77 37.53
CA THR J 74 -16.80 -2.05 38.00
C THR J 74 -16.89 -1.79 39.50
N ILE J 75 -15.73 -1.83 40.16
CA ILE J 75 -15.62 -1.56 41.58
C ILE J 75 -14.58 -0.48 41.81
N PRO J 76 -14.92 0.53 42.62
CA PRO J 76 -13.95 1.60 42.89
C PRO J 76 -12.73 1.06 43.63
N VAL J 77 -11.55 1.52 43.25
CA VAL J 77 -10.34 1.18 43.99
C VAL J 77 -9.69 2.46 44.53
N ASN J 78 -9.62 3.48 43.68
CA ASN J 78 -9.03 4.76 44.05
C ASN J 78 -7.59 4.56 44.53
N THR J 79 -7.20 5.19 45.64
CA THR J 79 -5.83 5.02 46.13
C THR J 79 -5.60 3.60 46.66
N GLY J 80 -6.67 2.86 46.87
CA GLY J 80 -6.52 1.47 47.29
C GLY J 80 -7.62 0.97 48.20
N LEU J 81 -7.52 -0.32 48.53
CA LEU J 81 -8.47 -0.98 49.43
C LEU J 81 -7.71 -1.65 50.56
N PHE J 82 -8.16 -1.42 51.78
CA PHE J 82 -7.45 -1.91 52.97
C PHE J 82 -8.14 -3.12 53.59
N ARG J 83 -7.54 -4.29 53.43
CA ARG J 83 -8.08 -5.54 54.00
C ARG J 83 -9.56 -5.64 53.71
N TRP J 84 -9.86 -5.71 52.42
CA TRP J 84 -11.18 -5.51 51.87
C TRP J 84 -11.74 -6.84 51.37
N VAL J 85 -13.05 -7.03 51.57
CA VAL J 85 -13.75 -8.22 51.10
C VAL J 85 -14.81 -7.84 50.07
N ALA J 86 -14.87 -8.61 48.99
CA ALA J 86 -15.79 -8.30 47.88
C ALA J 86 -17.23 -8.67 48.23
N PRO J 87 -18.20 -8.10 47.48
CA PRO J 87 -19.63 -8.42 47.58
C PRO J 87 -19.95 -9.84 47.12
N ASN J 88 -21.17 -10.29 47.40
CA ASN J 88 -21.56 -11.68 47.18
C ASN J 88 -21.45 -12.14 45.74
N ASN J 89 -20.96 -13.37 45.56
CA ASN J 89 -20.88 -14.02 44.25
C ASN J 89 -19.93 -13.32 43.28
N VAL J 90 -19.06 -12.47 43.82
CA VAL J 90 -18.00 -11.87 43.00
C VAL J 90 -16.73 -12.68 43.17
N GLN J 91 -16.16 -13.10 42.05
CA GLN J 91 -14.94 -13.90 42.06
C GLN J 91 -14.39 -13.99 40.65
N GLY J 92 -13.09 -14.25 40.53
CA GLY J 92 -12.45 -14.32 39.23
C GLY J 92 -11.28 -13.38 39.18
N ALA J 93 -10.64 -13.31 38.02
CA ALA J 93 -9.42 -12.52 37.87
C ALA J 93 -9.70 -11.05 38.13
N ILE J 94 -8.73 -10.38 38.74
CA ILE J 94 -8.82 -8.94 38.96
C ILE J 94 -8.30 -8.22 37.71
N THR J 95 -9.15 -7.40 37.12
CA THR J 95 -8.74 -6.52 36.03
C THR J 95 -8.78 -5.07 36.50
N LEU J 96 -7.65 -4.37 36.36
CA LEU J 96 -7.56 -2.98 36.75
C LEU J 96 -7.87 -2.08 35.56
N ILE J 97 -8.68 -1.05 35.79
CA ILE J 97 -9.08 -0.17 34.69
C ILE J 97 -9.11 1.28 35.10
N TYR J 98 -8.65 2.15 34.20
CA TYR J 98 -8.75 3.59 34.35
C TYR J 98 -10.20 4.01 34.11
N ASN J 99 -10.74 4.82 35.00
CA ASN J 99 -12.14 5.24 34.89
C ASN J 99 -12.30 6.37 33.88
N ASP J 100 -12.86 6.06 32.72
CA ASP J 100 -13.12 7.07 31.70
C ASP J 100 -14.36 6.64 30.93
N VAL J 101 -14.80 7.49 30.01
CA VAL J 101 -15.94 7.14 29.17
C VAL J 101 -15.49 6.21 28.05
N PRO J 102 -16.25 5.12 27.82
CA PRO J 102 -15.95 4.20 26.73
C PRO J 102 -15.79 4.93 25.40
N GLY J 103 -14.79 4.55 24.62
CA GLY J 103 -14.55 5.19 23.34
C GLY J 103 -13.71 6.45 23.43
N THR J 104 -13.39 6.90 24.64
CA THR J 104 -12.63 8.13 24.80
C THR J 104 -11.26 7.92 25.44
N TYR J 105 -10.80 6.68 25.45
CA TYR J 105 -9.53 6.35 26.09
C TYR J 105 -8.31 6.79 25.28
N GLY J 106 -8.54 7.14 24.02
CA GLY J 106 -7.47 7.42 23.08
C GLY J 106 -6.57 8.61 23.39
N ASN J 107 -7.10 9.59 24.12
CA ASN J 107 -6.33 10.79 24.43
C ASN J 107 -5.78 10.77 25.85
N ASN J 108 -5.90 9.62 26.51
CA ASN J 108 -5.44 9.45 27.88
C ASN J 108 -3.93 9.28 27.93
N SER J 109 -3.35 9.59 29.08
CA SER J 109 -1.91 9.47 29.25
C SER J 109 -1.55 9.14 30.69
N GLY J 110 -0.39 8.55 30.88
CA GLY J 110 0.09 8.21 32.20
C GLY J 110 -0.44 6.88 32.67
N SER J 111 -0.19 6.55 33.92
CA SER J 111 -0.58 5.25 34.45
C SER J 111 -0.53 5.25 35.96
N PHE J 112 -1.11 4.20 36.54
CA PHE J 112 -1.00 3.98 37.97
C PHE J 112 -0.21 2.71 38.25
N SER J 113 0.74 2.80 39.15
CA SER J 113 1.40 1.60 39.65
C SER J 113 0.47 1.02 40.70
N VAL J 114 0.28 -0.29 40.64
CA VAL J 114 -0.68 -0.92 41.54
C VAL J 114 -0.08 -2.17 42.15
N ASN J 115 -0.18 -2.27 43.47
CA ASN J 115 0.20 -3.47 44.19
C ASN J 115 -1.03 -4.15 44.77
N ILE J 116 -1.11 -5.46 44.62
CA ILE J 116 -2.24 -6.21 45.13
C ILE J 116 -1.72 -7.40 45.94
N GLY J 117 -2.31 -7.63 47.11
CA GLY J 117 -1.93 -8.77 47.92
C GLY J 117 -3.13 -9.37 48.62
N LYS J 118 -3.02 -10.64 48.99
CA LYS J 118 -4.06 -11.29 49.78
C LYS J 118 -3.69 -11.25 51.26
N ASP J 119 -4.70 -11.13 52.11
CA ASP J 119 -4.51 -10.90 53.53
C ASP J 119 -4.97 -12.10 54.35
N GLN J 120 -4.72 -12.06 55.66
CA GLN J 120 -5.11 -13.16 56.53
C GLN J 120 -6.61 -13.31 56.63
N SER J 121 -7.06 -14.56 56.68
CA SER J 121 -8.47 -14.86 56.83
C SER J 121 -8.65 -16.27 57.39
N ALA K 1 21.88 -24.41 -13.33
CA ALA K 1 22.45 -25.71 -12.96
C ALA K 1 21.53 -26.46 -12.01
N TRP K 2 21.62 -27.79 -12.03
CA TRP K 2 20.75 -28.61 -11.22
C TRP K 2 21.56 -29.52 -10.31
N LYS K 3 21.07 -29.71 -9.10
CA LYS K 3 21.67 -30.65 -8.17
C LYS K 3 20.56 -31.40 -7.45
N GLY K 4 20.71 -32.71 -7.34
CA GLY K 4 19.70 -33.52 -6.70
C GLY K 4 20.14 -34.96 -6.53
N GLU K 5 19.23 -35.77 -5.98
CA GLU K 5 19.50 -37.17 -5.73
C GLU K 5 18.77 -38.06 -6.74
N VAL K 6 19.41 -39.16 -7.11
CA VAL K 6 18.78 -40.16 -7.95
C VAL K 6 18.70 -41.47 -7.17
N LEU K 7 17.47 -41.91 -6.88
CA LEU K 7 17.25 -43.12 -6.10
C LEU K 7 17.39 -44.37 -6.96
N ALA K 8 18.11 -45.37 -6.44
CA ALA K 8 18.35 -46.61 -7.18
C ALA K 8 17.08 -47.40 -7.48
N ASN K 9 16.06 -47.23 -6.63
CA ASN K 9 14.83 -48.01 -6.81
C ASN K 9 13.79 -47.25 -7.60
N ASN K 10 14.15 -46.07 -8.09
CA ASN K 10 13.26 -45.28 -8.93
C ASN K 10 13.36 -45.68 -10.40
N GLU K 11 12.47 -46.60 -10.81
CA GLU K 11 12.53 -47.14 -12.18
C GLU K 11 12.24 -46.08 -13.24
N ALA K 12 11.47 -45.07 -12.89
CA ALA K 12 11.12 -44.02 -13.85
C ALA K 12 12.25 -43.00 -14.00
N GLY K 13 13.11 -42.93 -12.99
CA GLY K 13 14.24 -42.02 -13.02
C GLY K 13 13.90 -40.65 -12.45
N GLN K 14 14.93 -39.85 -12.22
CA GLN K 14 14.73 -38.50 -11.69
C GLN K 14 14.76 -37.48 -12.82
N VAL K 15 13.64 -36.78 -13.01
CA VAL K 15 13.60 -35.69 -13.97
C VAL K 15 14.33 -34.48 -13.39
N THR K 16 15.31 -33.98 -14.12
CA THR K 16 16.05 -32.79 -13.67
C THR K 16 15.43 -31.53 -14.24
N SER K 17 15.89 -30.38 -13.76
CA SER K 17 15.45 -29.09 -14.29
C SER K 17 16.24 -28.71 -15.53
N ILE K 18 17.13 -29.59 -15.95
CA ILE K 18 18.00 -29.33 -17.11
C ILE K 18 17.34 -29.75 -18.41
N ILE K 19 17.15 -28.79 -19.32
CA ILE K 19 16.68 -29.10 -20.66
C ILE K 19 17.86 -29.00 -21.63
N TYR K 20 18.29 -30.15 -22.17
CA TYR K 20 19.37 -30.13 -23.13
C TYR K 20 18.90 -29.62 -24.49
N ASN K 21 19.59 -28.60 -24.99
CA ASN K 21 19.31 -28.01 -26.29
C ASN K 21 20.47 -28.23 -27.25
N PRO K 22 20.20 -28.22 -28.56
CA PRO K 22 21.24 -28.37 -29.58
C PRO K 22 22.47 -27.47 -29.31
N GLY K 23 23.65 -28.03 -29.44
CA GLY K 23 24.87 -27.25 -29.25
C GLY K 23 25.32 -27.12 -27.81
N ASP K 24 24.45 -27.44 -26.86
CA ASP K 24 24.80 -27.34 -25.44
C ASP K 24 26.01 -28.18 -25.10
N VAL K 25 26.89 -27.62 -24.28
CA VAL K 25 27.97 -28.35 -23.64
C VAL K 25 27.60 -28.51 -22.18
N ILE K 26 27.63 -29.74 -21.66
CA ILE K 26 27.25 -29.93 -20.27
C ILE K 26 28.31 -30.67 -19.47
N THR K 27 28.26 -30.50 -18.16
CA THR K 27 29.13 -31.23 -17.25
C THR K 27 28.27 -31.91 -16.21
N ILE K 28 28.54 -33.18 -15.97
CA ILE K 28 27.84 -33.91 -14.93
C ILE K 28 28.87 -34.51 -13.98
N VAL K 29 28.63 -34.39 -12.68
CA VAL K 29 29.44 -35.11 -11.70
C VAL K 29 28.51 -35.89 -10.77
N ALA K 30 28.78 -37.18 -10.63
CA ALA K 30 27.92 -38.04 -9.82
C ALA K 30 28.71 -38.72 -8.72
N ALA K 31 28.11 -38.81 -7.54
CA ALA K 31 28.75 -39.47 -6.41
C ALA K 31 27.73 -40.28 -5.62
N GLY K 32 28.22 -41.15 -4.73
CA GLY K 32 27.35 -41.89 -3.85
C GLY K 32 27.39 -43.39 -4.03
N TRP K 33 26.48 -44.07 -3.35
CA TRP K 33 26.47 -45.52 -3.28
C TRP K 33 25.07 -46.08 -3.51
N ALA K 34 24.98 -47.16 -4.29
CA ALA K 34 23.70 -47.76 -4.60
C ALA K 34 23.85 -49.24 -4.96
N SER K 35 22.76 -49.98 -4.83
CA SER K 35 22.76 -51.39 -5.20
C SER K 35 21.52 -51.78 -5.99
N TYR K 36 21.69 -52.76 -6.88
CA TYR K 36 20.59 -53.28 -7.68
C TYR K 36 19.96 -54.51 -7.02
N GLY K 37 20.26 -54.72 -5.74
CA GLY K 37 19.71 -55.85 -5.02
C GLY K 37 20.60 -56.38 -3.93
N PRO K 38 21.83 -56.78 -4.29
CA PRO K 38 22.81 -57.29 -3.32
C PRO K 38 23.04 -56.31 -2.18
N THR K 39 23.56 -56.82 -1.05
CA THR K 39 23.85 -55.97 0.10
C THR K 39 24.98 -54.99 -0.22
N GLN K 40 25.97 -55.45 -0.97
CA GLN K 40 27.06 -54.56 -1.40
C GLN K 40 26.48 -53.39 -2.20
N LYS K 41 27.13 -52.24 -2.08
CA LYS K 41 26.77 -51.10 -2.92
C LYS K 41 27.94 -50.72 -3.82
N TRP K 42 27.63 -50.10 -4.95
CA TRP K 42 28.62 -49.70 -5.94
C TRP K 42 28.52 -48.21 -6.23
N GLY K 43 29.59 -47.64 -6.78
CA GLY K 43 29.62 -46.24 -7.18
C GLY K 43 28.86 -46.05 -8.49
N PRO K 44 28.85 -44.80 -9.01
CA PRO K 44 28.13 -44.43 -10.23
C PRO K 44 28.54 -45.22 -11.47
N GLN K 45 29.69 -45.89 -11.44
CA GLN K 45 30.09 -46.72 -12.57
C GLN K 45 29.41 -48.08 -12.52
N GLY K 46 28.80 -48.39 -11.38
CA GLY K 46 28.13 -49.66 -11.21
C GLY K 46 29.05 -50.86 -10.96
N ASP K 47 28.55 -52.04 -11.33
CA ASP K 47 29.23 -53.30 -11.05
C ASP K 47 29.79 -53.90 -12.33
N ARG K 48 31.08 -53.71 -12.56
CA ARG K 48 31.71 -54.16 -13.80
C ARG K 48 31.64 -55.68 -13.97
N GLU K 49 31.49 -56.39 -12.86
CA GLU K 49 31.52 -57.85 -12.84
C GLU K 49 30.19 -58.50 -13.21
N HIS K 50 29.08 -57.81 -12.95
CA HIS K 50 27.75 -58.37 -13.18
C HIS K 50 27.44 -58.48 -14.67
N PRO K 51 26.80 -59.59 -15.09
CA PRO K 51 26.41 -59.74 -16.49
C PRO K 51 25.20 -58.89 -16.85
N ASP K 52 25.13 -58.45 -18.11
CA ASP K 52 23.99 -57.68 -18.61
C ASP K 52 22.81 -58.61 -18.86
N GLN K 53 21.77 -58.52 -18.04
CA GLN K 53 20.60 -59.38 -18.15
C GLN K 53 19.38 -58.63 -18.66
N GLY K 54 19.59 -57.68 -19.55
CA GLY K 54 18.50 -56.89 -20.11
C GLY K 54 18.40 -55.49 -19.51
N LEU K 55 19.56 -54.90 -19.25
CA LEU K 55 19.63 -53.56 -18.67
C LEU K 55 19.00 -52.51 -19.58
N ILE K 56 18.53 -51.42 -18.99
CA ILE K 56 17.97 -50.31 -19.77
C ILE K 56 19.04 -49.65 -20.65
N CYS K 57 20.31 -49.81 -20.25
CA CYS K 57 21.43 -49.28 -21.03
C CYS K 57 22.53 -50.32 -21.17
N HIS K 58 22.70 -50.84 -22.38
CA HIS K 58 23.66 -51.89 -22.63
C HIS K 58 25.06 -51.31 -22.79
N ASP K 59 25.16 -49.99 -22.69
CA ASP K 59 26.41 -49.29 -22.87
C ASP K 59 27.00 -48.88 -21.52
N ALA K 60 26.58 -49.57 -20.46
CA ALA K 60 27.04 -49.30 -19.12
C ALA K 60 26.77 -50.50 -18.22
N PHE K 61 27.52 -50.61 -17.13
CA PHE K 61 27.39 -51.75 -16.23
C PHE K 61 26.10 -51.69 -15.42
N CYS K 62 25.71 -52.83 -14.86
CA CYS K 62 24.56 -52.86 -13.96
C CYS K 62 24.83 -51.97 -12.76
N GLY K 63 23.88 -51.09 -12.46
CA GLY K 63 24.02 -50.20 -11.31
C GLY K 63 24.78 -48.93 -11.61
N ALA K 64 25.03 -48.67 -12.89
CA ALA K 64 25.66 -47.41 -13.28
C ALA K 64 24.63 -46.30 -13.45
N LEU K 65 25.09 -45.06 -13.31
CA LEU K 65 24.21 -43.93 -13.59
C LEU K 65 24.11 -43.75 -15.09
N VAL K 66 22.89 -43.68 -15.58
CA VAL K 66 22.67 -43.39 -16.98
C VAL K 66 21.63 -42.29 -17.08
N MET K 67 21.35 -41.84 -18.30
CA MET K 67 20.35 -40.81 -18.48
C MET K 67 19.62 -40.96 -19.81
N LYS K 68 18.49 -40.30 -19.89
CA LYS K 68 17.82 -40.05 -21.15
C LYS K 68 17.74 -38.56 -21.36
N ILE K 69 17.98 -38.11 -22.57
CA ILE K 69 17.76 -36.70 -22.90
C ILE K 69 16.48 -36.60 -23.72
N GLY K 70 15.46 -36.01 -23.12
CA GLY K 70 14.13 -36.05 -23.69
C GLY K 70 13.69 -37.50 -23.69
N ASN K 71 13.36 -38.00 -24.88
CA ASN K 71 12.97 -39.40 -25.03
C ASN K 71 14.02 -40.20 -25.78
N SER K 72 15.28 -39.80 -25.63
CA SER K 72 16.39 -40.50 -26.29
C SER K 72 16.53 -41.91 -25.74
N GLY K 73 17.36 -42.71 -26.41
CA GLY K 73 17.79 -43.98 -25.85
C GLY K 73 18.68 -43.66 -24.67
N THR K 74 18.95 -44.66 -23.83
CA THR K 74 19.77 -44.41 -22.64
C THR K 74 21.21 -44.06 -23.00
N ILE K 75 21.78 -43.14 -22.23
CA ILE K 75 23.15 -42.69 -22.43
C ILE K 75 23.91 -42.86 -21.12
N PRO K 76 25.08 -43.51 -21.17
CA PRO K 76 25.86 -43.71 -19.94
C PRO K 76 26.32 -42.38 -19.35
N VAL K 77 26.23 -42.27 -18.02
CA VAL K 77 26.72 -41.09 -17.32
C VAL K 77 27.89 -41.49 -16.44
N ASN K 78 27.70 -42.58 -15.69
CA ASN K 78 28.72 -43.06 -14.76
C ASN K 78 29.10 -41.99 -13.75
N THR K 79 30.40 -41.76 -13.56
CA THR K 79 30.84 -40.77 -12.58
C THR K 79 30.59 -39.35 -13.09
N GLY K 80 30.32 -39.24 -14.38
CA GLY K 80 30.03 -37.95 -14.95
C GLY K 80 30.55 -37.77 -16.35
N LEU K 81 30.27 -36.60 -16.91
CA LEU K 81 30.64 -36.24 -18.26
C LEU K 81 31.33 -34.88 -18.22
N PHE K 82 32.50 -34.80 -18.84
CA PHE K 82 33.31 -33.59 -18.80
C PHE K 82 33.16 -32.81 -20.09
N ARG K 83 32.44 -31.69 -20.02
CA ARG K 83 32.27 -30.77 -21.15
C ARG K 83 31.80 -31.53 -22.39
N TRP K 84 30.63 -32.14 -22.22
CA TRP K 84 30.13 -33.16 -23.11
C TRP K 84 29.05 -32.63 -24.06
N VAL K 85 29.09 -33.08 -25.30
CA VAL K 85 28.07 -32.73 -26.29
C VAL K 85 27.32 -33.99 -26.73
N ALA K 86 25.99 -33.91 -26.80
CA ALA K 86 25.17 -35.06 -27.12
C ALA K 86 25.17 -35.38 -28.61
N PRO K 87 24.80 -36.63 -28.95
CA PRO K 87 24.62 -37.11 -30.32
C PRO K 87 23.60 -36.31 -31.11
N ASN K 88 23.61 -36.49 -32.43
CA ASN K 88 22.72 -35.75 -33.31
C ASN K 88 21.25 -35.93 -32.95
N ASN K 89 20.50 -34.83 -33.01
CA ASN K 89 19.05 -34.85 -32.86
C ASN K 89 18.57 -35.18 -31.44
N VAL K 90 19.49 -35.26 -30.48
CA VAL K 90 19.11 -35.50 -29.09
C VAL K 90 18.83 -34.19 -28.37
N GLN K 91 17.67 -34.09 -27.72
CA GLN K 91 17.33 -32.89 -26.97
C GLN K 91 16.13 -33.11 -26.04
N GLY K 92 15.98 -32.23 -25.06
CA GLY K 92 14.87 -32.31 -24.13
C GLY K 92 15.36 -32.40 -22.70
N ALA K 93 14.42 -32.59 -21.77
CA ALA K 93 14.74 -32.68 -20.36
C ALA K 93 15.67 -33.86 -20.07
N ILE K 94 16.64 -33.63 -19.18
CA ILE K 94 17.52 -34.73 -18.78
C ILE K 94 16.90 -35.49 -17.63
N THR K 95 16.71 -36.78 -17.82
CA THR K 95 16.27 -37.68 -16.77
C THR K 95 17.41 -38.60 -16.37
N LEU K 96 17.76 -38.59 -15.09
CA LEU K 96 18.81 -39.48 -14.58
C LEU K 96 18.19 -40.80 -14.14
N ILE K 97 18.82 -41.91 -14.50
CA ILE K 97 18.25 -43.22 -14.16
C ILE K 97 19.31 -44.21 -13.69
N TYR K 98 18.94 -45.01 -12.70
CA TYR K 98 19.75 -46.13 -12.25
C TYR K 98 19.67 -47.25 -13.28
N ASN K 99 20.81 -47.76 -13.70
CA ASN K 99 20.84 -48.80 -14.72
C ASN K 99 20.54 -50.17 -14.12
N ASP K 100 19.31 -50.65 -14.34
CA ASP K 100 18.92 -51.99 -13.91
C ASP K 100 18.01 -52.61 -14.96
N VAL K 101 17.60 -53.85 -14.72
CA VAL K 101 16.63 -54.52 -15.58
C VAL K 101 15.23 -54.04 -15.28
N PRO K 102 14.44 -53.74 -16.32
CA PRO K 102 13.06 -53.31 -16.10
C PRO K 102 12.29 -54.30 -15.25
N GLY K 103 11.47 -53.78 -14.33
CA GLY K 103 10.68 -54.63 -13.46
C GLY K 103 11.46 -55.28 -12.34
N THR K 104 12.68 -54.81 -12.10
CA THR K 104 13.48 -55.35 -10.99
C THR K 104 14.03 -54.26 -10.08
N TYR K 105 13.50 -53.04 -10.20
CA TYR K 105 13.97 -51.91 -9.39
C TYR K 105 13.50 -51.95 -7.94
N GLY K 106 12.49 -52.79 -7.67
CA GLY K 106 11.87 -52.84 -6.36
C GLY K 106 12.82 -53.15 -5.20
N ASN K 107 13.81 -53.99 -5.46
CA ASN K 107 14.75 -54.40 -4.42
C ASN K 107 16.03 -53.56 -4.41
N ASN K 108 15.99 -52.41 -5.07
CA ASN K 108 17.18 -51.57 -5.14
C ASN K 108 17.29 -50.68 -3.91
N SER K 109 18.52 -50.22 -3.64
CA SER K 109 18.75 -49.34 -2.50
C SER K 109 19.82 -48.32 -2.83
N GLY K 110 19.84 -47.24 -2.07
CA GLY K 110 20.87 -46.22 -2.23
C GLY K 110 20.50 -45.16 -3.24
N SER K 111 21.43 -44.25 -3.49
CA SER K 111 21.19 -43.09 -4.34
C SER K 111 22.49 -42.49 -4.81
N PHE K 112 22.43 -41.78 -5.94
CA PHE K 112 23.56 -40.97 -6.39
C PHE K 112 23.22 -39.49 -6.26
N SER K 113 24.15 -38.72 -5.71
CA SER K 113 24.00 -37.27 -5.68
C SER K 113 24.63 -36.72 -6.96
N VAL K 114 23.89 -35.89 -7.68
CA VAL K 114 24.32 -35.50 -9.02
C VAL K 114 24.27 -34.00 -9.25
N ASN K 115 25.35 -33.47 -9.82
CA ASN K 115 25.38 -32.09 -10.29
C ASN K 115 25.37 -32.06 -11.81
N ILE K 116 24.55 -31.17 -12.37
CA ILE K 116 24.54 -30.95 -13.81
C ILE K 116 24.59 -29.46 -14.10
N GLY K 117 25.48 -29.07 -14.99
CA GLY K 117 25.57 -27.68 -15.40
C GLY K 117 25.88 -27.55 -16.87
N LYS K 118 25.53 -26.41 -17.45
CA LYS K 118 25.88 -26.11 -18.83
C LYS K 118 27.18 -25.31 -18.85
N ASP K 119 27.97 -25.52 -19.90
CA ASP K 119 29.31 -24.98 -19.95
C ASP K 119 29.44 -23.93 -21.06
N GLN K 120 30.56 -23.21 -21.03
CA GLN K 120 30.85 -22.21 -22.05
C GLN K 120 30.89 -22.81 -23.44
N SER K 121 30.36 -22.08 -24.42
CA SER K 121 30.41 -22.49 -25.82
C SER K 121 30.19 -21.30 -26.76
N ALA L 1 7.79 3.83 30.65
CA ALA L 1 8.31 2.64 31.32
C ALA L 1 7.19 1.66 31.65
N TRP L 2 7.56 0.41 31.86
CA TRP L 2 6.59 -0.62 32.19
C TRP L 2 7.07 -1.47 33.36
N LYS L 3 6.15 -1.79 34.26
CA LYS L 3 6.45 -2.69 35.36
C LYS L 3 5.37 -3.76 35.40
N GLY L 4 5.75 -5.01 35.64
CA GLY L 4 4.77 -6.08 35.65
C GLY L 4 5.29 -7.45 36.01
N GLU L 5 4.42 -8.44 35.87
CA GLU L 5 4.74 -9.81 36.21
C GLU L 5 4.70 -10.70 34.96
N VAL L 6 5.62 -11.65 34.89
CA VAL L 6 5.57 -12.69 33.86
C VAL L 6 5.38 -14.03 34.55
N LEU L 7 4.27 -14.70 34.26
CA LEU L 7 3.99 -16.00 34.90
C LEU L 7 4.65 -17.15 34.16
N ALA L 8 5.29 -18.03 34.92
CA ALA L 8 5.99 -19.18 34.36
C ALA L 8 5.08 -20.13 33.59
N ASN L 9 3.81 -20.18 33.97
CA ASN L 9 2.90 -21.16 33.37
C ASN L 9 2.08 -20.58 32.21
N ASN L 10 2.44 -19.37 31.79
CA ASN L 10 1.77 -18.72 30.68
C ASN L 10 2.55 -18.91 29.39
N GLU L 11 2.14 -19.91 28.59
CA GLU L 11 2.85 -20.22 27.36
C GLU L 11 2.81 -19.05 26.39
N ALA L 12 1.74 -18.25 26.47
CA ALA L 12 1.56 -17.12 25.57
C ALA L 12 2.46 -15.95 25.93
N GLY L 13 2.86 -15.90 27.19
CA GLY L 13 3.72 -14.84 27.67
C GLY L 13 2.97 -13.57 28.02
N GLN L 14 3.72 -12.57 28.47
CA GLN L 14 3.16 -11.30 28.91
C GLN L 14 3.44 -10.21 27.88
N VAL L 15 2.38 -9.72 27.24
CA VAL L 15 2.51 -8.62 26.30
C VAL L 15 2.57 -7.30 27.05
N THR L 16 3.74 -6.67 27.04
CA THR L 16 3.94 -5.40 27.72
C THR L 16 3.37 -4.25 26.91
N SER L 17 3.37 -3.07 27.51
CA SER L 17 2.93 -1.85 26.82
C SER L 17 4.08 -1.17 26.09
N ILE L 18 5.25 -1.80 26.09
CA ILE L 18 6.41 -1.20 25.45
C ILE L 18 6.49 -1.60 23.98
N ILE L 19 6.42 -0.60 23.12
CA ILE L 19 6.62 -0.82 21.69
C ILE L 19 8.05 -0.41 21.32
N TYR L 20 8.86 -1.38 20.94
CA TYR L 20 10.22 -1.06 20.53
C TYR L 20 10.23 -0.47 19.12
N ASN L 21 10.78 0.73 18.99
CA ASN L 21 10.89 1.38 17.69
C ASN L 21 12.35 1.52 17.27
N PRO L 22 12.60 1.63 15.96
CA PRO L 22 13.96 1.76 15.45
C PRO L 22 14.74 2.85 16.16
N GLY L 23 15.95 2.55 16.61
CA GLY L 23 16.77 3.51 17.31
C GLY L 23 16.58 3.48 18.82
N ASP L 24 15.54 2.78 19.29
CA ASP L 24 15.26 2.74 20.71
C ASP L 24 16.38 2.09 21.50
N VAL L 25 16.69 2.69 22.64
CA VAL L 25 17.57 2.08 23.62
C VAL L 25 16.71 1.68 24.80
N ILE L 26 16.85 0.45 25.29
CA ILE L 26 16.03 0.04 26.42
C ILE L 26 16.84 -0.59 27.54
N THR L 27 16.28 -0.52 28.74
CA THR L 27 16.80 -1.28 29.86
C THR L 27 15.72 -2.22 30.38
N ILE L 28 16.12 -3.44 30.70
CA ILE L 28 15.24 -4.37 31.39
C ILE L 28 15.93 -4.90 32.63
N VAL L 29 15.19 -4.95 33.73
CA VAL L 29 15.66 -5.64 34.93
C VAL L 29 14.61 -6.66 35.36
N ALA L 30 15.02 -7.93 35.45
CA ALA L 30 14.11 -9.00 35.86
C ALA L 30 14.55 -9.64 37.17
N ALA L 31 13.59 -9.99 38.01
CA ALA L 31 13.86 -10.60 39.30
C ALA L 31 12.77 -11.61 39.67
N GLY L 32 13.09 -12.49 40.61
CA GLY L 32 12.09 -13.43 41.10
C GLY L 32 12.45 -14.88 40.93
N TRP L 33 11.54 -15.75 41.35
CA TRP L 33 11.77 -17.18 41.36
C TRP L 33 10.64 -17.94 40.66
N ALA L 34 11.00 -18.90 39.82
CA ALA L 34 9.99 -19.68 39.09
C ALA L 34 10.48 -21.08 38.80
N SER L 35 9.55 -21.96 38.45
CA SER L 35 9.89 -23.33 38.09
C SER L 35 9.22 -23.77 36.80
N TYR L 36 9.92 -24.62 36.06
CA TYR L 36 9.36 -25.23 34.86
C TYR L 36 8.77 -26.60 35.18
N GLY L 37 8.67 -26.93 36.47
CA GLY L 37 8.10 -28.21 36.88
C GLY L 37 8.51 -28.70 38.26
N PRO L 38 9.83 -28.86 38.48
CA PRO L 38 10.37 -29.32 39.76
C PRO L 38 9.95 -28.44 40.94
N THR L 39 10.10 -28.96 42.15
CA THR L 39 9.72 -28.23 43.35
C THR L 39 10.70 -27.08 43.62
N GLN L 40 11.92 -27.21 43.11
CA GLN L 40 12.93 -26.16 43.21
C GLN L 40 12.54 -24.98 42.31
N LYS L 41 13.12 -23.81 42.57
CA LYS L 41 12.88 -22.64 41.72
C LYS L 41 14.20 -22.04 41.25
N TRP L 42 14.15 -21.40 40.09
CA TRP L 42 15.32 -20.74 39.51
C TRP L 42 15.06 -19.27 39.22
N GLY L 43 16.12 -18.50 39.10
CA GLY L 43 16.03 -17.09 38.75
C GLY L 43 15.83 -16.91 37.25
N PRO L 44 15.87 -15.65 36.79
CA PRO L 44 15.61 -15.29 35.39
C PRO L 44 16.62 -15.89 34.41
N GLN L 45 17.73 -16.44 34.90
CA GLN L 45 18.69 -17.08 34.02
C GLN L 45 18.36 -18.55 33.79
N GLY L 46 17.41 -19.07 34.57
CA GLY L 46 16.97 -20.44 34.42
C GLY L 46 17.86 -21.49 35.04
N ASP L 47 17.71 -22.71 34.57
CA ASP L 47 18.44 -23.86 35.12
C ASP L 47 19.53 -24.31 34.17
N ARG L 48 20.77 -24.10 34.58
CA ARG L 48 21.93 -24.43 33.75
C ARG L 48 22.18 -25.93 33.72
N GLU L 49 21.46 -26.69 34.55
CA GLU L 49 21.65 -28.13 34.64
C GLU L 49 20.70 -28.92 33.75
N HIS L 50 19.75 -28.22 33.13
CA HIS L 50 18.70 -28.90 32.39
C HIS L 50 18.95 -28.87 30.87
N PRO L 51 18.84 -30.03 30.22
CA PRO L 51 19.05 -30.13 28.77
C PRO L 51 17.96 -29.40 27.98
N ASP L 52 18.31 -28.96 26.77
CA ASP L 52 17.35 -28.34 25.87
C ASP L 52 16.55 -29.42 25.14
N GLN L 53 15.26 -29.54 25.47
CA GLN L 53 14.43 -30.58 24.88
C GLN L 53 13.34 -29.99 23.99
N GLY L 54 13.63 -28.85 23.37
CA GLY L 54 12.70 -28.19 22.48
C GLY L 54 12.20 -26.85 23.03
N LEU L 55 13.09 -26.12 23.68
CA LEU L 55 12.77 -24.81 24.25
C LEU L 55 12.40 -23.79 23.19
N ILE L 56 11.55 -22.83 23.56
CA ILE L 56 11.16 -21.77 22.63
C ILE L 56 12.35 -20.86 22.31
N CYS L 57 13.33 -20.83 23.20
CA CYS L 57 14.58 -20.13 22.94
C CYS L 57 15.76 -21.05 23.19
N HIS L 58 16.49 -21.37 22.12
CA HIS L 58 17.61 -22.30 22.23
C HIS L 58 18.87 -21.61 22.73
N ASP L 59 18.83 -20.28 22.84
CA ASP L 59 20.00 -19.52 23.27
C ASP L 59 19.89 -19.07 24.73
N ALA L 60 18.98 -19.69 25.47
CA ALA L 60 18.85 -19.47 26.91
C ALA L 60 18.50 -20.78 27.59
N PHE L 61 18.70 -20.86 28.91
CA PHE L 61 18.39 -22.08 29.64
C PHE L 61 16.89 -22.25 29.83
N CYS L 62 16.49 -23.49 30.07
CA CYS L 62 15.12 -23.77 30.49
C CYS L 62 14.82 -22.98 31.76
N GLY L 63 13.71 -22.26 31.76
CA GLY L 63 13.32 -21.48 32.93
C GLY L 63 13.87 -20.06 32.91
N ALA L 64 14.56 -19.69 31.84
CA ALA L 64 15.08 -18.33 31.73
C ALA L 64 14.04 -17.39 31.15
N LEU L 65 14.18 -16.11 31.42
CA LEU L 65 13.30 -15.11 30.83
C LEU L 65 13.77 -14.77 29.41
N VAL L 66 12.86 -14.89 28.45
CA VAL L 66 13.17 -14.43 27.09
C VAL L 66 12.09 -13.49 26.60
N MET L 67 12.27 -12.94 25.41
CA MET L 67 11.28 -12.04 24.85
C MET L 67 11.15 -12.20 23.35
N LYS L 68 10.02 -11.75 22.82
CA LYS L 68 9.87 -11.47 21.41
C LYS L 68 9.59 -9.99 21.24
N ILE L 69 10.17 -9.39 20.20
CA ILE L 69 9.85 -8.02 19.84
C ILE L 69 9.07 -8.08 18.53
N GLY L 70 7.81 -7.68 18.58
CA GLY L 70 6.92 -7.85 17.44
C GLY L 70 6.85 -9.31 17.04
N ASN L 71 7.14 -9.60 15.78
CA ASN L 71 7.10 -10.98 15.30
C ASN L 71 8.47 -11.65 15.26
N SER L 72 9.41 -11.13 16.04
CA SER L 72 10.78 -11.64 16.04
C SER L 72 10.83 -13.04 16.62
N GLY L 73 11.96 -13.71 16.41
CA GLY L 73 12.23 -14.93 17.14
C GLY L 73 12.49 -14.56 18.59
N THR L 74 12.55 -15.56 19.45
CA THR L 74 12.85 -15.31 20.85
C THR L 74 14.24 -14.70 21.02
N ILE L 75 14.36 -13.77 21.96
CA ILE L 75 15.63 -13.18 22.33
C ILE L 75 15.84 -13.38 23.82
N PRO L 76 17.02 -13.89 24.22
CA PRO L 76 17.29 -14.06 25.65
C PRO L 76 17.25 -12.72 26.39
N VAL L 77 16.55 -12.67 27.51
CA VAL L 77 16.57 -11.50 28.38
C VAL L 77 17.36 -11.83 29.64
N ASN L 78 17.08 -12.99 30.22
CA ASN L 78 17.73 -13.41 31.46
C ASN L 78 17.50 -12.38 32.57
N THR L 79 18.57 -11.93 33.23
CA THR L 79 18.38 -10.99 34.33
C THR L 79 18.02 -9.59 33.84
N GLY L 80 18.18 -9.37 32.53
CA GLY L 80 17.85 -8.06 31.98
C GLY L 80 18.83 -7.55 30.94
N LEU L 81 18.61 -6.33 30.48
CA LEU L 81 19.41 -5.72 29.43
C LEU L 81 19.79 -4.29 29.80
N PHE L 82 21.07 -3.95 29.66
CA PHE L 82 21.54 -2.62 30.03
C PHE L 82 21.79 -1.73 28.82
N ARG L 83 20.90 -0.76 28.63
CA ARG L 83 21.00 0.23 27.55
C ARG L 83 21.26 -0.45 26.21
N TRP L 84 20.31 -1.30 25.85
CA TRP L 84 20.43 -2.29 24.79
C TRP L 84 19.68 -1.83 23.55
N VAL L 85 20.26 -2.09 22.38
CA VAL L 85 19.60 -1.78 21.12
C VAL L 85 19.33 -3.08 20.37
N ALA L 86 18.14 -3.18 19.80
CA ALA L 86 17.77 -4.41 19.10
C ALA L 86 18.44 -4.42 17.74
N PRO L 87 18.55 -5.62 17.13
CA PRO L 87 19.07 -5.71 15.77
C PRO L 87 18.23 -4.87 14.82
N ASN L 88 18.82 -4.44 13.71
CA ASN L 88 18.05 -3.76 12.69
C ASN L 88 16.88 -4.65 12.25
N ASN L 89 15.77 -4.04 11.84
CA ASN L 89 14.64 -4.79 11.30
C ASN L 89 13.89 -5.60 12.37
N VAL L 90 14.07 -5.18 13.62
CA VAL L 90 13.30 -5.73 14.74
C VAL L 90 12.52 -4.60 15.41
N GLN L 91 11.21 -4.75 15.53
CA GLN L 91 10.40 -3.73 16.18
C GLN L 91 9.00 -4.22 16.53
N GLY L 92 8.33 -3.50 17.43
CA GLY L 92 6.98 -3.84 17.83
C GLY L 92 6.87 -4.12 19.32
N ALA L 93 5.73 -4.64 19.74
CA ALA L 93 5.46 -4.86 21.16
C ALA L 93 6.42 -5.88 21.76
N ILE L 94 6.93 -5.58 22.94
CA ILE L 94 7.74 -6.55 23.66
C ILE L 94 6.85 -7.53 24.40
N THR L 95 7.04 -8.81 24.09
CA THR L 95 6.36 -9.88 24.80
C THR L 95 7.38 -10.62 25.66
N LEU L 96 7.10 -10.72 26.95
CA LEU L 96 7.98 -11.42 27.88
C LEU L 96 7.50 -12.85 28.04
N ILE L 97 8.42 -13.80 27.98
CA ILE L 97 8.03 -15.21 28.05
C ILE L 97 9.00 -16.05 28.86
N TYR L 98 8.43 -16.92 29.68
CA TYR L 98 9.17 -17.96 30.36
C TYR L 98 9.64 -19.02 29.36
N ASN L 99 10.90 -19.43 29.46
CA ASN L 99 11.47 -20.35 28.49
C ASN L 99 11.21 -21.80 28.90
N ASP L 100 10.29 -22.45 28.20
CA ASP L 100 9.98 -23.85 28.46
C ASP L 100 9.62 -24.52 27.14
N VAL L 101 9.35 -25.82 27.16
CA VAL L 101 8.94 -26.51 25.94
C VAL L 101 7.45 -26.35 25.73
N PRO L 102 7.04 -26.01 24.49
CA PRO L 102 5.61 -25.81 24.18
C PRO L 102 4.78 -27.03 24.57
N GLY L 103 3.66 -26.79 25.23
CA GLY L 103 2.79 -27.87 25.68
C GLY L 103 3.11 -28.34 27.09
N THR L 104 4.19 -27.80 27.67
CA THR L 104 4.62 -28.24 29.00
C THR L 104 4.56 -27.14 30.05
N TYR L 105 3.92 -26.02 29.73
CA TYR L 105 3.87 -24.89 30.66
C TYR L 105 2.89 -25.13 31.81
N GLY L 106 2.09 -26.19 31.69
CA GLY L 106 1.04 -26.47 32.66
C GLY L 106 1.49 -26.74 34.07
N ASN L 107 2.66 -27.34 34.24
CA ASN L 107 3.13 -27.67 35.59
C ASN L 107 4.11 -26.62 36.14
N ASN L 108 4.19 -25.48 35.48
CA ASN L 108 5.09 -24.40 35.92
C ASN L 108 4.50 -23.60 37.08
N SER L 109 5.37 -22.91 37.80
CA SER L 109 4.92 -22.09 38.92
C SER L 109 5.81 -20.87 39.11
N GLY L 110 5.32 -19.88 39.84
CA GLY L 110 6.10 -18.70 40.13
C GLY L 110 6.04 -17.69 39.00
N SER L 111 6.76 -16.59 39.18
CA SER L 111 6.70 -15.48 38.25
C SER L 111 7.95 -14.63 38.37
N PHE L 112 8.24 -13.86 37.33
CA PHE L 112 9.31 -12.88 37.37
C PHE L 112 8.71 -11.49 37.41
N SER L 113 9.22 -10.66 38.31
CA SER L 113 8.93 -9.24 38.31
C SER L 113 9.87 -8.55 37.33
N VAL L 114 9.33 -7.77 36.42
CA VAL L 114 10.12 -7.18 35.35
C VAL L 114 9.84 -5.69 35.19
N ASN L 115 10.91 -4.91 35.04
CA ASN L 115 10.81 -3.51 34.67
C ASN L 115 11.42 -3.28 33.30
N ILE L 116 10.79 -2.45 32.48
CA ILE L 116 11.32 -2.07 31.19
C ILE L 116 11.21 -0.57 31.00
N GLY L 117 12.27 0.05 30.51
CA GLY L 117 12.26 1.47 30.25
C GLY L 117 13.03 1.80 28.99
N LYS L 118 12.69 2.94 28.39
CA LYS L 118 13.44 3.44 27.24
C LYS L 118 14.47 4.45 27.74
N ASP L 119 15.65 4.43 27.15
CA ASP L 119 16.75 5.23 27.64
C ASP L 119 17.12 6.35 26.69
N GLN L 120 18.02 7.20 27.17
CA GLN L 120 18.49 8.36 26.42
C GLN L 120 19.11 7.97 25.09
N SER L 121 18.90 8.81 24.08
CA SER L 121 19.52 8.61 22.77
C SER L 121 19.60 9.92 22.01
N ALA M 1 10.70 9.78 -17.92
CA ALA M 1 10.44 11.22 -18.01
C ALA M 1 10.04 11.60 -19.43
N TRP M 2 9.60 12.84 -19.60
CA TRP M 2 9.18 13.33 -20.90
C TRP M 2 9.71 14.75 -21.11
N LYS M 3 10.21 15.02 -22.30
CA LYS M 3 10.66 16.36 -22.65
C LYS M 3 10.22 16.67 -24.07
N GLY M 4 9.59 17.83 -24.24
CA GLY M 4 9.09 18.22 -25.55
C GLY M 4 8.66 19.66 -25.60
N GLU M 5 8.19 20.08 -26.77
CA GLU M 5 7.69 21.43 -26.96
C GLU M 5 6.17 21.40 -27.02
N VAL M 6 5.54 22.44 -26.49
CA VAL M 6 4.13 22.64 -26.66
C VAL M 6 3.91 23.92 -27.45
N LEU M 7 3.36 23.80 -28.66
CA LEU M 7 3.19 24.97 -29.50
C LEU M 7 1.97 25.79 -29.08
N ALA M 8 2.12 27.12 -29.09
CA ALA M 8 1.06 28.02 -28.65
C ALA M 8 -0.17 27.97 -29.57
N ASN M 9 0.04 27.63 -30.84
CA ASN M 9 -1.06 27.64 -31.81
C ASN M 9 -1.75 26.29 -31.95
N ASN M 10 -1.48 25.38 -31.02
CA ASN M 10 -2.08 24.05 -31.08
C ASN M 10 -3.21 23.92 -30.07
N GLU M 11 -4.43 24.18 -30.54
CA GLU M 11 -5.61 24.22 -29.69
C GLU M 11 -5.83 22.88 -28.96
N ALA M 12 -5.47 21.79 -29.61
CA ALA M 12 -5.70 20.46 -29.06
C ALA M 12 -4.67 20.12 -27.99
N GLY M 13 -3.55 20.84 -28.01
CA GLY M 13 -2.50 20.63 -27.02
C GLY M 13 -1.55 19.51 -27.40
N GLN M 14 -0.55 19.29 -26.56
CA GLN M 14 0.50 18.31 -26.82
C GLN M 14 0.39 17.13 -25.86
N VAL M 15 0.04 15.96 -26.39
CA VAL M 15 -0.07 14.76 -25.57
C VAL M 15 1.32 14.24 -25.22
N THR M 16 1.58 14.08 -23.93
CA THR M 16 2.86 13.58 -23.47
C THR M 16 2.77 12.08 -23.25
N SER M 17 3.92 11.45 -23.00
CA SER M 17 3.97 10.00 -22.74
C SER M 17 3.75 9.70 -21.25
N ILE M 18 3.53 10.76 -20.47
CA ILE M 18 3.32 10.62 -19.04
C ILE M 18 1.88 10.23 -18.73
N ILE M 19 1.70 9.08 -18.10
CA ILE M 19 0.40 8.70 -17.59
C ILE M 19 0.37 8.88 -16.09
N TYR M 20 -0.40 9.84 -15.62
CA TYR M 20 -0.52 10.09 -14.19
C TYR M 20 -1.44 9.06 -13.55
N ASN M 21 -0.88 8.33 -12.58
CA ASN M 21 -1.65 7.35 -11.82
C ASN M 21 -1.83 7.79 -10.38
N PRO M 22 -2.92 7.33 -9.74
CA PRO M 22 -3.21 7.66 -8.34
C PRO M 22 -1.98 7.51 -7.46
N GLY M 23 -1.65 8.54 -6.68
CA GLY M 23 -0.52 8.48 -5.77
C GLY M 23 0.76 9.04 -6.37
N ASP M 24 0.80 9.21 -7.69
CA ASP M 24 1.99 9.72 -8.34
C ASP M 24 2.37 11.11 -7.86
N VAL M 25 3.68 11.34 -7.76
CA VAL M 25 4.23 12.67 -7.50
C VAL M 25 5.02 13.09 -8.72
N ILE M 26 4.71 14.25 -9.28
CA ILE M 26 5.38 14.67 -10.50
C ILE M 26 6.02 16.04 -10.37
N THR M 27 7.03 16.25 -11.18
CA THR M 27 7.65 17.55 -11.31
C THR M 27 7.52 18.03 -12.75
N ILE M 28 7.13 19.28 -12.92
CA ILE M 28 7.10 19.90 -14.24
C ILE M 28 7.92 21.16 -14.18
N VAL M 29 8.78 21.34 -15.18
CA VAL M 29 9.45 22.62 -15.37
C VAL M 29 9.22 23.08 -16.81
N ALA M 30 8.67 24.27 -16.96
CA ALA M 30 8.37 24.82 -18.27
C ALA M 30 9.14 26.12 -18.47
N ALA M 31 9.62 26.32 -19.69
CA ALA M 31 10.34 27.54 -20.04
C ALA M 31 10.01 27.97 -21.45
N GLY M 32 10.38 29.19 -21.80
CA GLY M 32 10.20 29.66 -23.16
C GLY M 32 9.28 30.84 -23.32
N TRP M 33 9.02 31.20 -24.58
CA TRP M 33 8.30 32.42 -24.89
C TRP M 33 7.26 32.17 -25.97
N ALA M 34 6.06 32.69 -25.76
CA ALA M 34 4.98 32.46 -26.69
C ALA M 34 4.01 33.63 -26.67
N SER M 35 3.18 33.71 -27.71
CA SER M 35 2.19 34.76 -27.79
C SER M 35 0.82 34.22 -28.18
N TYR M 36 -0.21 34.84 -27.64
CA TYR M 36 -1.58 34.52 -27.99
C TYR M 36 -2.04 35.42 -29.14
N GLY M 37 -1.11 36.17 -29.73
CA GLY M 37 -1.46 37.05 -30.84
C GLY M 37 -0.50 38.20 -31.05
N PRO M 38 -0.40 39.12 -30.06
CA PRO M 38 0.45 40.31 -30.16
C PRO M 38 1.90 39.98 -30.49
N THR M 39 2.65 40.99 -30.92
CA THR M 39 4.04 40.78 -31.29
C THR M 39 4.90 40.45 -30.07
N GLN M 40 4.48 40.97 -28.91
CA GLN M 40 5.15 40.64 -27.66
C GLN M 40 4.99 39.15 -27.33
N LYS M 41 5.91 38.62 -26.54
CA LYS M 41 5.81 37.23 -26.09
C LYS M 41 5.94 37.17 -24.57
N TRP M 42 5.24 36.21 -23.96
CA TRP M 42 5.21 36.05 -22.51
C TRP M 42 5.73 34.67 -22.11
N GLY M 43 6.12 34.54 -20.85
CA GLY M 43 6.56 33.27 -20.31
C GLY M 43 5.40 32.34 -19.98
N PRO M 44 5.71 31.21 -19.34
CA PRO M 44 4.72 30.17 -19.04
C PRO M 44 3.60 30.61 -18.10
N GLN M 45 3.74 31.80 -17.48
CA GLN M 45 2.69 32.32 -16.61
C GLN M 45 1.71 33.21 -17.38
N GLY M 46 2.03 33.46 -18.65
CA GLY M 46 1.16 34.23 -19.51
C GLY M 46 1.19 35.72 -19.22
N ASP M 47 0.12 36.40 -19.61
CA ASP M 47 0.06 37.86 -19.55
C ASP M 47 -0.82 38.34 -18.38
N ARG M 48 -0.18 38.76 -17.30
CA ARG M 48 -0.88 39.14 -16.09
C ARG M 48 -1.77 40.38 -16.25
N GLU M 49 -1.68 41.03 -17.41
CA GLU M 49 -2.41 42.27 -17.63
C GLU M 49 -3.65 42.08 -18.50
N HIS M 50 -3.75 40.94 -19.16
CA HIS M 50 -4.82 40.71 -20.13
C HIS M 50 -6.06 40.10 -19.48
N PRO M 51 -7.21 40.76 -19.65
CA PRO M 51 -8.46 40.25 -19.06
C PRO M 51 -8.90 38.92 -19.64
N ASP M 52 -9.46 38.05 -18.80
CA ASP M 52 -9.97 36.74 -19.20
C ASP M 52 -11.30 36.88 -19.91
N GLN M 53 -11.33 36.58 -21.21
CA GLN M 53 -12.57 36.66 -21.98
C GLN M 53 -13.00 35.29 -22.50
N GLY M 54 -12.76 34.26 -21.70
CA GLY M 54 -13.20 32.91 -22.05
C GLY M 54 -12.08 31.92 -22.27
N LEU M 55 -11.04 32.02 -21.44
CA LEU M 55 -9.90 31.10 -21.53
C LEU M 55 -10.31 29.66 -21.22
N ILE M 56 -9.57 28.71 -21.77
CA ILE M 56 -9.83 27.30 -21.48
C ILE M 56 -9.47 27.01 -20.02
N CYS M 57 -8.75 27.92 -19.40
CA CYS M 57 -8.46 27.81 -17.98
C CYS M 57 -8.62 29.16 -17.28
N HIS M 58 -9.67 29.29 -16.48
CA HIS M 58 -9.95 30.55 -15.82
C HIS M 58 -9.12 30.72 -14.55
N ASP M 59 -8.34 29.69 -14.21
CA ASP M 59 -7.46 29.77 -13.05
C ASP M 59 -6.05 30.17 -13.43
N ALA M 60 -5.85 30.53 -14.69
CA ALA M 60 -4.55 30.98 -15.18
C ALA M 60 -4.69 32.12 -16.18
N PHE M 61 -3.64 32.92 -16.30
CA PHE M 61 -3.63 34.03 -17.24
C PHE M 61 -3.65 33.56 -18.68
N CYS M 62 -4.13 34.43 -19.56
CA CYS M 62 -4.04 34.20 -21.00
C CYS M 62 -2.57 34.03 -21.40
N GLY M 63 -2.27 32.95 -22.11
CA GLY M 63 -0.91 32.69 -22.53
C GLY M 63 -0.13 31.84 -21.54
N ALA M 64 -0.80 31.40 -20.47
CA ALA M 64 -0.15 30.52 -19.51
C ALA M 64 -0.15 29.08 -20.01
N LEU M 65 0.78 28.28 -19.50
CA LEU M 65 0.77 26.85 -19.76
C LEU M 65 -0.15 26.17 -18.76
N VAL M 66 -1.08 25.36 -19.28
CA VAL M 66 -1.97 24.58 -18.42
C VAL M 66 -1.95 23.14 -18.90
N MET M 67 -2.73 22.30 -18.25
CA MET M 67 -2.73 20.89 -18.64
C MET M 67 -4.07 20.23 -18.36
N LYS M 68 -4.26 19.07 -19.02
CA LYS M 68 -5.33 18.15 -18.67
C LYS M 68 -4.69 16.82 -18.32
N ILE M 69 -5.20 16.17 -17.29
CA ILE M 69 -4.74 14.84 -16.94
C ILE M 69 -5.90 13.90 -17.22
N GLY M 70 -5.74 13.04 -18.22
CA GLY M 70 -6.83 12.20 -18.70
C GLY M 70 -8.03 13.05 -19.05
N ASN M 71 -9.17 12.72 -18.45
CA ASN M 71 -10.41 13.44 -18.73
C ASN M 71 -10.70 14.57 -17.73
N SER M 72 -9.66 15.10 -17.10
CA SER M 72 -9.85 16.19 -16.16
C SER M 72 -10.16 17.50 -16.87
N GLY M 73 -10.59 18.51 -16.10
CA GLY M 73 -10.67 19.87 -16.58
C GLY M 73 -9.27 20.45 -16.61
N THR M 74 -9.12 21.67 -17.13
CA THR M 74 -7.81 22.30 -17.20
C THR M 74 -7.24 22.60 -15.81
N ILE M 75 -5.95 22.33 -15.66
CA ILE M 75 -5.22 22.56 -14.42
C ILE M 75 -4.03 23.46 -14.73
N PRO M 76 -3.93 24.61 -14.04
CA PRO M 76 -2.80 25.51 -14.31
C PRO M 76 -1.45 24.87 -14.07
N VAL M 77 -0.53 25.07 -15.00
CA VAL M 77 0.84 24.59 -14.85
C VAL M 77 1.79 25.77 -14.62
N ASN M 78 1.64 26.80 -15.45
CA ASN M 78 2.50 27.98 -15.38
C ASN M 78 3.97 27.60 -15.54
N THR M 79 4.82 28.06 -14.62
CA THR M 79 6.25 27.79 -14.73
C THR M 79 6.57 26.34 -14.37
N GLY M 80 5.65 25.67 -13.71
CA GLY M 80 5.85 24.28 -13.37
C GLY M 80 5.24 23.85 -12.05
N LEU M 81 5.46 22.58 -11.71
CA LEU M 81 4.92 21.98 -10.51
C LEU M 81 6.03 21.27 -9.75
N PHE M 82 6.11 21.52 -8.45
CA PHE M 82 7.19 20.95 -7.64
C PHE M 82 6.64 19.83 -6.75
N ARG M 83 7.04 18.59 -7.05
CA ARG M 83 6.65 17.42 -6.28
C ARG M 83 5.16 17.46 -5.97
N TRP M 84 4.39 17.40 -7.05
CA TRP M 84 2.99 17.78 -7.04
C TRP M 84 2.10 16.56 -7.16
N VAL M 85 1.04 16.53 -6.36
CA VAL M 85 0.05 15.46 -6.40
C VAL M 85 -1.26 16.00 -6.94
N ALA M 86 -1.86 15.26 -7.87
CA ALA M 86 -3.12 15.67 -8.47
C ALA M 86 -4.27 15.49 -7.48
N PRO M 87 -5.34 16.26 -7.67
CA PRO M 87 -6.55 16.04 -6.87
C PRO M 87 -7.01 14.59 -6.98
N ASN M 88 -7.80 14.14 -6.02
CA ASN M 88 -8.38 12.79 -6.10
C ASN M 88 -9.22 12.65 -7.38
N ASN M 89 -9.24 11.43 -7.90
CA ASN M 89 -9.98 11.11 -9.12
C ASN M 89 -9.50 11.87 -10.35
N VAL M 90 -8.20 12.18 -10.36
CA VAL M 90 -7.57 12.68 -11.57
C VAL M 90 -6.47 11.70 -11.97
N GLN M 91 -6.61 11.13 -13.17
CA GLN M 91 -5.64 10.17 -13.68
C GLN M 91 -5.74 10.08 -15.20
N GLY M 92 -4.64 9.66 -15.84
CA GLY M 92 -4.61 9.51 -17.28
C GLY M 92 -3.43 10.24 -17.88
N ALA M 93 -3.38 10.28 -19.21
CA ALA M 93 -2.26 10.91 -19.90
C ALA M 93 -2.26 12.41 -19.65
N ILE M 94 -1.07 12.97 -19.53
CA ILE M 94 -0.95 14.41 -19.41
C ILE M 94 -0.88 15.04 -20.79
N THR M 95 -1.82 15.93 -21.06
CA THR M 95 -1.78 16.77 -22.24
C THR M 95 -1.47 18.19 -21.85
N LEU M 96 -0.48 18.78 -22.51
CA LEU M 96 -0.09 20.17 -22.23
C LEU M 96 -0.79 21.09 -23.20
N ILE M 97 -1.30 22.22 -22.71
CA ILE M 97 -2.03 23.13 -23.57
C ILE M 97 -1.72 24.59 -23.25
N TYR M 98 -1.63 25.38 -24.31
CA TYR M 98 -1.50 26.82 -24.20
C TYR M 98 -2.85 27.43 -23.82
N ASN M 99 -2.87 28.32 -22.83
CA ASN M 99 -4.13 28.90 -22.38
C ASN M 99 -4.54 30.08 -23.26
N ASP M 100 -5.60 29.89 -24.05
CA ASP M 100 -6.13 30.93 -24.92
C ASP M 100 -7.63 30.67 -25.08
N VAL M 101 -8.31 31.58 -25.75
CA VAL M 101 -9.75 31.44 -25.98
C VAL M 101 -9.99 30.52 -27.18
N PRO M 102 -10.88 29.53 -27.00
CA PRO M 102 -11.15 28.57 -28.08
C PRO M 102 -11.52 29.28 -29.38
N GLY M 103 -10.93 28.85 -30.48
CA GLY M 103 -11.16 29.46 -31.77
C GLY M 103 -10.15 30.53 -32.13
N THR M 104 -9.29 30.91 -31.17
CA THR M 104 -8.35 31.99 -31.42
C THR M 104 -6.88 31.56 -31.42
N TYR M 105 -6.63 30.27 -31.54
CA TYR M 105 -5.26 29.77 -31.48
C TYR M 105 -4.48 30.01 -32.76
N GLY M 106 -5.20 30.32 -33.84
CA GLY M 106 -4.62 30.42 -35.17
C GLY M 106 -3.50 31.44 -35.29
N ASN M 107 -3.62 32.55 -34.58
CA ASN M 107 -2.65 33.63 -34.66
C ASN M 107 -1.60 33.57 -33.55
N ASN M 108 -1.54 32.45 -32.86
CA ASN M 108 -0.57 32.26 -31.79
C ASN M 108 0.79 31.89 -32.34
N SER M 109 1.83 32.13 -31.55
CA SER M 109 3.19 31.81 -31.99
C SER M 109 4.04 31.43 -30.79
N GLY M 110 5.17 30.79 -31.07
CA GLY M 110 6.08 30.38 -30.01
C GLY M 110 5.67 29.07 -29.40
N SER M 111 6.33 28.72 -28.31
CA SER M 111 6.11 27.43 -27.68
C SER M 111 6.81 27.42 -26.34
N PHE M 112 6.46 26.46 -25.51
CA PHE M 112 7.15 26.25 -24.26
C PHE M 112 7.87 24.91 -24.32
N SER M 113 9.11 24.86 -23.85
CA SER M 113 9.79 23.59 -23.68
C SER M 113 9.49 23.11 -22.28
N VAL M 114 9.12 21.85 -22.15
CA VAL M 114 8.62 21.35 -20.88
C VAL M 114 9.24 20.00 -20.53
N ASN M 115 9.70 19.88 -19.29
CA ASN M 115 10.12 18.59 -18.74
C ASN M 115 9.08 18.10 -17.76
N ILE M 116 8.73 16.82 -17.84
CA ILE M 116 7.86 16.19 -16.85
C ILE M 116 8.48 14.88 -16.37
N GLY M 117 8.48 14.66 -15.06
CA GLY M 117 8.98 13.41 -14.52
C GLY M 117 8.19 12.97 -13.30
N LYS M 118 8.21 11.67 -13.03
CA LYS M 118 7.60 11.15 -11.81
C LYS M 118 8.66 11.12 -10.72
N ASP M 119 8.25 11.49 -9.50
CA ASP M 119 9.18 11.64 -8.39
C ASP M 119 9.07 10.52 -7.38
N GLN M 120 10.02 10.45 -6.47
CA GLN M 120 9.98 9.48 -5.39
C GLN M 120 8.70 9.65 -4.56
N SER M 121 8.05 8.54 -4.25
CA SER M 121 6.82 8.56 -3.48
C SER M 121 6.68 7.26 -2.69
N ALA N 1 29.96 -20.18 -30.35
CA ALA N 1 30.00 -18.73 -30.24
C ALA N 1 29.80 -18.08 -31.61
N TRP N 2 29.63 -16.77 -31.61
CA TRP N 2 29.45 -16.02 -32.83
C TRP N 2 30.31 -14.76 -32.79
N LYS N 3 30.99 -14.48 -33.90
CA LYS N 3 31.80 -13.28 -34.02
C LYS N 3 31.62 -12.68 -35.40
N GLY N 4 31.39 -11.37 -35.47
CA GLY N 4 31.21 -10.73 -36.75
C GLY N 4 30.97 -9.24 -36.61
N GLU N 5 30.28 -8.68 -37.60
CA GLU N 5 29.98 -7.25 -37.60
C GLU N 5 28.48 -7.02 -37.79
N VAL N 6 27.97 -5.96 -37.17
CA VAL N 6 26.60 -5.54 -37.38
C VAL N 6 26.60 -4.21 -38.13
N LEU N 7 26.13 -4.22 -39.37
CA LEU N 7 26.16 -3.02 -40.20
C LEU N 7 25.08 -2.02 -39.78
N ALA N 8 25.47 -0.75 -39.68
CA ALA N 8 24.54 0.29 -39.24
C ALA N 8 23.39 0.46 -40.22
N ASN N 9 23.62 0.20 -41.49
CA ASN N 9 22.59 0.40 -42.51
C ASN N 9 21.73 -0.82 -42.79
N ASN N 10 21.86 -1.84 -41.96
CA ASN N 10 21.06 -3.05 -42.12
C ASN N 10 19.80 -3.02 -41.26
N GLU N 11 18.68 -2.59 -41.86
CA GLU N 11 17.42 -2.42 -41.16
C GLU N 11 16.93 -3.73 -40.56
N ALA N 12 17.26 -4.83 -41.21
CA ALA N 12 16.76 -6.14 -40.80
C ALA N 12 17.63 -6.75 -39.70
N GLY N 13 18.75 -6.11 -39.40
CA GLY N 13 19.65 -6.61 -38.37
C GLY N 13 20.53 -7.75 -38.86
N GLN N 14 21.28 -8.33 -37.92
CA GLN N 14 22.25 -9.37 -38.23
C GLN N 14 21.93 -10.64 -37.44
N VAL N 15 21.38 -11.64 -38.12
CA VAL N 15 21.03 -12.90 -37.46
C VAL N 15 22.28 -13.71 -37.13
N THR N 16 22.43 -14.05 -35.86
CA THR N 16 23.61 -14.78 -35.40
C THR N 16 23.34 -16.28 -35.32
N SER N 17 24.37 -17.02 -34.90
CA SER N 17 24.30 -18.47 -34.76
C SER N 17 23.86 -18.84 -33.36
N ILE N 18 23.55 -17.83 -32.55
CA ILE N 18 23.17 -18.05 -31.16
C ILE N 18 21.68 -18.20 -31.02
N ILE N 19 21.23 -19.41 -30.69
CA ILE N 19 19.84 -19.61 -30.35
C ILE N 19 19.70 -19.53 -28.84
N TYR N 20 19.10 -18.45 -28.34
CA TYR N 20 18.93 -18.30 -26.91
C TYR N 20 17.81 -19.23 -26.42
N ASN N 21 18.14 -20.05 -25.43
CA ASN N 21 17.16 -20.94 -24.81
C ASN N 21 16.97 -20.58 -23.35
N PRO N 22 15.77 -20.83 -22.82
CA PRO N 22 15.43 -20.54 -21.42
C PRO N 22 16.53 -20.99 -20.46
N GLY N 23 16.95 -20.09 -19.58
CA GLY N 23 17.99 -20.39 -18.62
C GLY N 23 19.40 -20.10 -19.13
N ASP N 24 19.54 -19.92 -20.44
CA ASP N 24 20.85 -19.60 -21.00
C ASP N 24 21.43 -18.35 -20.38
N VAL N 25 22.74 -18.37 -20.15
CA VAL N 25 23.46 -17.18 -19.73
C VAL N 25 24.41 -16.81 -20.86
N ILE N 26 24.39 -15.55 -21.28
CA ILE N 26 25.20 -15.13 -22.41
C ILE N 26 26.05 -13.89 -22.12
N THR N 27 27.14 -13.78 -22.87
CA THR N 27 27.98 -12.60 -22.82
C THR N 27 28.08 -11.99 -24.21
N ILE N 28 27.89 -10.67 -24.28
CA ILE N 28 28.04 -9.93 -25.53
C ILE N 28 29.04 -8.79 -25.30
N VAL N 29 30.04 -8.69 -26.16
CA VAL N 29 30.90 -7.50 -26.16
C VAL N 29 30.87 -6.85 -27.53
N ALA N 30 30.58 -5.55 -27.55
CA ALA N 30 30.45 -4.83 -28.80
C ALA N 30 31.39 -3.63 -28.81
N ALA N 31 32.01 -3.39 -29.97
CA ALA N 31 32.94 -2.28 -30.13
C ALA N 31 32.75 -1.60 -31.48
N GLY N 32 33.32 -0.41 -31.63
CA GLY N 32 33.36 0.24 -32.92
C GLY N 32 32.58 1.54 -33.01
N TRP N 33 32.49 2.05 -34.23
CA TRP N 33 31.93 3.37 -34.49
C TRP N 33 30.96 3.31 -35.65
N ALA N 34 29.81 3.95 -35.47
CA ALA N 34 28.78 3.96 -36.50
C ALA N 34 27.99 5.26 -36.46
N SER N 35 27.29 5.55 -37.55
CA SER N 35 26.45 6.74 -37.61
C SER N 35 25.07 6.42 -38.17
N TYR N 36 24.08 7.12 -37.65
CA TYR N 36 22.71 7.00 -38.13
C TYR N 36 22.41 8.06 -39.18
N GLY N 37 23.44 8.80 -39.59
CA GLY N 37 23.26 9.82 -40.61
C GLY N 37 24.31 10.92 -40.57
N PRO N 38 24.47 11.56 -39.40
CA PRO N 38 25.46 12.62 -39.21
C PRO N 38 26.89 12.20 -39.56
N THR N 39 27.73 13.18 -39.89
CA THR N 39 29.10 12.90 -40.24
C THR N 39 29.87 12.34 -39.03
N GLN N 40 29.38 12.64 -37.84
CA GLN N 40 29.97 12.13 -36.61
C GLN N 40 29.66 10.64 -36.45
N LYS N 41 30.43 9.96 -35.61
CA LYS N 41 30.13 8.57 -35.28
C LYS N 41 30.08 8.36 -33.77
N TRP N 42 29.29 7.37 -33.35
CA TRP N 42 29.13 7.06 -31.94
C TRP N 42 29.44 5.60 -31.66
N GLY N 43 29.72 5.29 -30.41
CA GLY N 43 29.95 3.91 -30.01
C GLY N 43 28.65 3.16 -29.82
N PRO N 44 28.76 1.92 -29.33
CA PRO N 44 27.62 1.00 -29.15
C PRO N 44 26.50 1.56 -28.27
N GLN N 45 26.80 2.60 -27.50
CA GLN N 45 25.80 3.19 -26.61
C GLN N 45 24.99 4.27 -27.33
N GLY N 46 25.40 4.57 -28.55
CA GLY N 46 24.70 5.55 -29.36
C GLY N 46 24.93 7.00 -28.94
N ASP N 47 24.01 7.86 -29.38
CA ASP N 47 24.11 9.30 -29.21
C ASP N 47 23.17 9.80 -28.12
N ARG N 48 23.74 10.12 -26.96
CA ARG N 48 22.97 10.47 -25.77
C ARG N 48 22.27 11.82 -25.90
N GLU N 49 22.61 12.57 -26.94
CA GLU N 49 22.05 13.91 -27.12
C GLU N 49 20.90 13.94 -28.12
N HIS N 50 20.66 12.82 -28.80
CA HIS N 50 19.67 12.77 -29.86
C HIS N 50 18.31 12.32 -29.33
N PRO N 51 17.26 13.07 -29.65
CA PRO N 51 15.91 12.70 -29.20
C PRO N 51 15.40 11.42 -29.87
N ASP N 52 14.56 10.68 -29.17
CA ASP N 52 13.94 9.48 -29.70
C ASP N 52 12.80 9.85 -30.67
N GLN N 53 13.04 9.65 -31.96
CA GLN N 53 12.08 10.04 -32.99
C GLN N 53 11.37 8.85 -33.62
N GLY N 54 11.27 7.75 -32.87
CA GLY N 54 10.60 6.56 -33.36
C GLY N 54 11.55 5.37 -33.51
N LEU N 55 12.49 5.27 -32.58
CA LEU N 55 13.50 4.21 -32.61
C LEU N 55 12.87 2.83 -32.40
N ILE N 56 13.52 1.80 -32.93
CA ILE N 56 13.04 0.44 -32.76
C ILE N 56 13.21 -0.03 -31.32
N CYS N 57 14.06 0.67 -30.57
CA CYS N 57 14.22 0.42 -29.15
C CYS N 57 14.16 1.74 -28.39
N HIS N 58 13.13 1.91 -27.57
CA HIS N 58 12.91 3.15 -26.83
C HIS N 58 13.70 3.16 -25.51
N ASP N 59 14.32 2.04 -25.18
CA ASP N 59 15.13 1.95 -23.96
C ASP N 59 16.63 2.02 -24.29
N ALA N 60 16.94 2.49 -25.50
CA ALA N 60 18.31 2.75 -25.88
C ALA N 60 18.39 4.02 -26.73
N PHE N 61 19.57 4.62 -26.77
CA PHE N 61 19.78 5.81 -27.57
C PHE N 61 19.81 5.48 -29.05
N CYS N 62 19.48 6.47 -29.87
CA CYS N 62 19.68 6.36 -31.30
C CYS N 62 21.14 6.02 -31.60
N GLY N 63 21.36 5.00 -32.42
CA GLY N 63 22.71 4.59 -32.78
C GLY N 63 23.29 3.56 -31.82
N ALA N 64 22.49 3.10 -30.87
CA ALA N 64 22.96 2.09 -29.92
C ALA N 64 22.75 0.69 -30.49
N LEU N 65 23.51 -0.27 -29.98
CA LEU N 65 23.30 -1.66 -30.38
C LEU N 65 22.19 -2.26 -29.53
N VAL N 66 21.22 -2.87 -30.20
CA VAL N 66 20.14 -3.57 -29.52
C VAL N 66 20.00 -4.96 -30.14
N MET N 67 19.06 -5.74 -29.63
CA MET N 67 18.86 -7.10 -30.14
C MET N 67 17.44 -7.58 -29.95
N LYS N 68 17.08 -8.60 -30.72
CA LYS N 68 15.86 -9.35 -30.48
C LYS N 68 16.24 -10.80 -30.29
N ILE N 69 15.53 -11.50 -29.41
CA ILE N 69 15.69 -12.94 -29.29
C ILE N 69 14.45 -13.62 -29.87
N GLY N 70 14.64 -14.35 -30.97
CA GLY N 70 13.51 -14.91 -31.70
C GLY N 70 12.63 -13.77 -32.20
N ASN N 71 11.37 -13.78 -31.80
CA ASN N 71 10.43 -12.74 -32.21
C ASN N 71 10.04 -11.84 -31.03
N SER N 72 10.99 -11.58 -30.15
CA SER N 72 10.74 -10.71 -29.00
C SER N 72 10.81 -9.25 -29.38
N GLY N 73 10.46 -8.38 -28.45
CA GLY N 73 10.70 -6.96 -28.61
C GLY N 73 12.19 -6.66 -28.55
N THR N 74 12.57 -5.44 -28.88
CA THR N 74 13.98 -5.06 -28.84
C THR N 74 14.50 -5.01 -27.41
N ILE N 75 15.74 -5.44 -27.25
CA ILE N 75 16.41 -5.45 -25.96
C ILE N 75 17.71 -4.68 -26.07
N PRO N 76 17.92 -3.69 -25.18
CA PRO N 76 19.15 -2.90 -25.19
C PRO N 76 20.39 -3.77 -25.01
N VAL N 77 21.39 -3.59 -25.87
CA VAL N 77 22.66 -4.28 -25.71
C VAL N 77 23.75 -3.29 -25.35
N ASN N 78 23.82 -2.19 -26.10
CA ASN N 78 24.80 -1.15 -25.85
C ASN N 78 26.20 -1.73 -25.97
N THR N 79 27.06 -1.51 -24.98
CA THR N 79 28.43 -2.00 -25.07
C THR N 79 28.49 -3.51 -24.90
N GLY N 80 27.38 -4.11 -24.47
CA GLY N 80 27.32 -5.56 -24.33
C GLY N 80 26.62 -6.03 -23.07
N LEU N 81 26.65 -7.33 -22.86
CA LEU N 81 25.94 -7.96 -21.74
C LEU N 81 26.90 -8.87 -21.00
N PHE N 82 26.93 -8.75 -19.68
CA PHE N 82 27.83 -9.59 -18.90
C PHE N 82 27.05 -10.69 -18.20
N ARG N 83 27.23 -11.91 -18.67
CA ARG N 83 26.61 -13.10 -18.08
C ARG N 83 25.14 -12.84 -17.77
N TRP N 84 24.43 -12.57 -18.86
CA TRP N 84 23.08 -12.04 -18.84
C TRP N 84 22.08 -13.16 -19.09
N VAL N 85 20.97 -13.12 -18.37
CA VAL N 85 19.91 -14.10 -18.55
C VAL N 85 18.63 -13.36 -18.90
N ALA N 86 17.93 -13.83 -19.94
CA ALA N 86 16.76 -13.12 -20.44
C ALA N 86 15.57 -13.28 -19.51
N ASN N 89 10.63 -15.82 -20.72
CA ASN N 89 9.79 -16.52 -21.69
C ASN N 89 10.25 -16.21 -23.11
N VAL N 90 11.48 -15.72 -23.23
CA VAL N 90 12.06 -15.35 -24.51
C VAL N 90 12.97 -16.46 -25.02
N GLN N 91 12.89 -16.75 -26.31
CA GLN N 91 13.73 -17.79 -26.90
C GLN N 91 13.79 -17.66 -28.42
N GLY N 92 14.90 -18.12 -28.99
CA GLY N 92 15.11 -18.05 -30.43
C GLY N 92 16.44 -17.45 -30.81
N ALA N 93 16.70 -17.34 -32.11
CA ALA N 93 17.97 -16.82 -32.58
C ALA N 93 18.12 -15.36 -32.18
N ILE N 94 19.33 -15.00 -31.75
CA ILE N 94 19.63 -13.62 -31.44
C ILE N 94 19.90 -12.86 -32.74
N THR N 95 19.12 -11.81 -32.96
CA THR N 95 19.36 -10.88 -34.06
C THR N 95 19.89 -9.57 -33.49
N LEU N 96 21.07 -9.16 -33.94
CA LEU N 96 21.65 -7.89 -33.53
C LEU N 96 21.22 -6.79 -34.48
N ILE N 97 20.88 -5.62 -33.92
CA ILE N 97 20.35 -4.53 -34.72
C ILE N 97 20.87 -3.18 -34.26
N TYR N 98 21.24 -2.34 -35.22
CA TYR N 98 21.55 -0.93 -34.98
C TYR N 98 20.24 -0.21 -34.68
N ASN N 99 20.24 0.60 -33.62
CA ASN N 99 19.03 1.30 -33.18
C ASN N 99 18.82 2.59 -33.96
N ASP N 100 17.85 2.58 -34.87
CA ASP N 100 17.51 3.73 -35.69
C ASP N 100 16.01 3.72 -35.96
N VAL N 101 15.51 4.74 -36.64
CA VAL N 101 14.10 4.79 -37.01
C VAL N 101 13.84 3.96 -38.26
N PRO N 102 12.79 3.13 -38.23
CA PRO N 102 12.46 2.28 -39.39
C PRO N 102 12.23 3.11 -40.65
N GLY N 103 12.91 2.76 -41.73
CA GLY N 103 12.79 3.48 -42.98
C GLY N 103 13.90 4.50 -43.18
N THR N 104 14.79 4.63 -42.19
CA THR N 104 15.83 5.65 -42.25
C THR N 104 17.25 5.07 -42.13
N TYR N 105 17.39 3.76 -42.33
CA TYR N 105 18.70 3.12 -42.20
C TYR N 105 19.61 3.34 -43.40
N GLY N 106 19.01 3.73 -44.53
CA GLY N 106 19.75 3.87 -45.77
C GLY N 106 20.93 4.83 -45.73
N ASN N 107 20.86 5.85 -44.89
CA ASN N 107 21.93 6.83 -44.79
C ASN N 107 22.90 6.56 -43.64
N ASN N 108 22.82 5.35 -43.08
CA ASN N 108 23.72 4.97 -42.00
C ASN N 108 25.06 4.51 -42.54
N SER N 109 26.08 4.49 -41.67
CA SER N 109 27.38 3.99 -42.06
C SER N 109 28.12 3.45 -40.86
N GLY N 110 29.16 2.67 -41.11
CA GLY N 110 29.94 2.08 -40.05
C GLY N 110 29.33 0.78 -39.55
N SER N 111 29.88 0.26 -38.47
CA SER N 111 29.47 -1.02 -37.95
C SER N 111 30.06 -1.24 -36.58
N PHE N 112 29.46 -2.16 -35.84
CA PHE N 112 30.00 -2.60 -34.56
C PHE N 112 30.56 -4.01 -34.72
N SER N 113 31.74 -4.24 -34.15
CA SER N 113 32.31 -5.57 -34.05
C SER N 113 31.74 -6.21 -32.79
N VAL N 114 31.24 -7.43 -32.90
CA VAL N 114 30.49 -8.03 -31.80
C VAL N 114 30.85 -9.50 -31.60
N ASN N 115 31.09 -9.87 -30.35
CA ASN N 115 31.25 -11.26 -29.96
C ASN N 115 30.09 -11.69 -29.06
N ILE N 116 29.55 -12.87 -29.33
CA ILE N 116 28.55 -13.48 -28.45
C ILE N 116 28.94 -14.93 -28.13
N GLY N 117 28.75 -15.31 -26.88
CA GLY N 117 28.94 -16.70 -26.48
C GLY N 117 27.96 -17.08 -25.38
N LYS N 118 27.76 -18.38 -25.21
CA LYS N 118 26.98 -18.87 -24.08
C LYS N 118 27.92 -19.16 -22.93
N ASP N 119 27.51 -18.78 -21.73
CA ASP N 119 28.35 -18.91 -20.55
C ASP N 119 27.95 -20.10 -19.71
N GLN N 120 28.74 -20.41 -18.69
CA GLN N 120 28.37 -21.46 -17.75
C GLN N 120 27.09 -21.07 -17.02
N SER N 121 26.21 -22.04 -16.83
CA SER N 121 24.95 -21.81 -16.13
C SER N 121 24.48 -23.11 -15.49
N ALA O 1 34.28 -13.22 -9.97
CA ALA O 1 33.90 -12.10 -10.82
C ALA O 1 33.87 -10.81 -10.01
N TRP O 2 34.08 -9.69 -10.70
CA TRP O 2 34.14 -8.39 -10.05
C TRP O 2 33.19 -7.41 -10.72
N LYS O 3 32.50 -6.62 -9.90
CA LYS O 3 31.63 -5.57 -10.40
C LYS O 3 31.94 -4.30 -9.65
N GLY O 4 31.99 -3.18 -10.36
CA GLY O 4 32.32 -1.94 -9.70
C GLY O 4 32.28 -0.72 -10.60
N GLU O 5 32.78 0.38 -10.05
CA GLU O 5 32.77 1.67 -10.74
C GLU O 5 34.18 2.19 -10.93
N VAL O 6 34.41 2.84 -12.06
CA VAL O 6 35.67 3.53 -12.31
C VAL O 6 35.38 5.01 -12.53
N LEU O 7 35.86 5.86 -11.63
CA LEU O 7 35.63 7.29 -11.73
C LEU O 7 36.64 7.96 -12.65
N ALA O 8 36.14 8.84 -13.52
CA ALA O 8 36.98 9.52 -14.50
C ALA O 8 38.01 10.44 -13.86
N ASN O 9 37.73 10.92 -12.65
CA ASN O 9 38.64 11.88 -12.01
C ASN O 9 39.66 11.24 -11.09
N ASN O 10 39.68 9.90 -11.07
CA ASN O 10 40.64 9.17 -10.27
C ASN O 10 41.88 8.81 -11.09
N GLU O 11 42.90 9.67 -11.03
CA GLU O 11 44.13 9.42 -11.77
C GLU O 11 44.77 8.10 -11.35
N ALA O 12 44.50 7.67 -10.11
CA ALA O 12 45.08 6.45 -9.58
C ALA O 12 44.39 5.21 -10.13
N GLY O 13 43.16 5.38 -10.58
CA GLY O 13 42.37 4.29 -11.12
C GLY O 13 41.77 3.41 -10.04
N GLN O 14 40.94 2.46 -10.47
CA GLN O 14 40.25 1.56 -9.56
C GLN O 14 40.94 0.20 -9.53
N VAL O 15 41.46 -0.18 -8.37
CA VAL O 15 42.06 -1.49 -8.20
C VAL O 15 40.98 -2.52 -7.92
N THR O 16 40.79 -3.44 -8.86
CA THR O 16 39.79 -4.50 -8.71
C THR O 16 40.33 -5.64 -7.85
N SER O 17 39.48 -6.61 -7.55
CA SER O 17 39.91 -7.77 -6.79
C SER O 17 40.29 -8.92 -7.71
N ILE O 18 40.37 -8.62 -9.01
CA ILE O 18 40.73 -9.65 -9.98
C ILE O 18 42.24 -9.72 -10.14
N ILE O 19 42.81 -10.86 -9.78
CA ILE O 19 44.23 -11.11 -9.97
C ILE O 19 44.42 -11.94 -11.22
N TYR O 20 44.93 -11.32 -12.29
CA TYR O 20 45.15 -12.08 -13.51
C TYR O 20 46.37 -12.99 -13.37
N ASN O 21 46.15 -14.30 -13.54
CA ASN O 21 47.21 -15.28 -13.46
C ASN O 21 47.48 -15.90 -14.83
N PRO O 22 48.70 -16.46 -15.02
CA PRO O 22 49.05 -17.06 -16.30
C PRO O 22 48.01 -18.08 -16.74
N GLY O 23 47.62 -18.04 -18.01
CA GLY O 23 46.63 -18.94 -18.55
C GLY O 23 45.19 -18.49 -18.37
N ASP O 24 44.98 -17.39 -17.63
CA ASP O 24 43.63 -16.91 -17.39
C ASP O 24 42.98 -16.38 -18.66
N VAL O 25 41.69 -16.71 -18.81
CA VAL O 25 40.86 -16.13 -19.85
C VAL O 25 39.84 -15.23 -19.16
N ILE O 26 39.77 -13.97 -19.55
CA ILE O 26 38.85 -13.06 -18.89
C ILE O 26 37.89 -12.40 -19.86
N THR O 27 36.74 -12.00 -19.32
CA THR O 27 35.82 -11.13 -20.01
C THR O 27 35.67 -9.84 -19.23
N ILE O 28 35.68 -8.72 -19.96
CA ILE O 28 35.34 -7.44 -19.36
C ILE O 28 34.24 -6.79 -20.17
N VAL O 29 33.23 -6.27 -19.49
CA VAL O 29 32.24 -5.42 -20.14
C VAL O 29 32.16 -4.09 -19.39
N ALA O 30 32.33 -3.00 -20.12
CA ALA O 30 32.29 -1.67 -19.53
C ALA O 30 31.19 -0.82 -20.17
N ALA O 31 30.51 -0.04 -19.34
CA ALA O 31 29.44 0.82 -19.81
C ALA O 31 29.45 2.15 -19.05
N GLY O 32 28.75 3.14 -19.59
CA GLY O 32 28.57 4.38 -18.88
C GLY O 32 29.05 5.60 -19.63
N TRP O 33 28.98 6.74 -18.96
CA TRP O 33 29.31 8.02 -19.57
C TRP O 33 30.24 8.83 -18.68
N ALA O 34 31.27 9.41 -19.28
CA ALA O 34 32.23 10.21 -18.51
C ALA O 34 32.88 11.29 -19.37
N SER O 35 33.55 12.21 -18.70
CA SER O 35 34.18 13.32 -19.40
C SER O 35 35.58 13.60 -18.87
N TYR O 36 36.47 14.04 -19.76
CA TYR O 36 37.83 14.43 -19.39
C TYR O 36 37.94 15.93 -19.19
N GLY O 37 36.81 16.62 -19.10
CA GLY O 37 36.81 18.07 -18.91
C GLY O 37 35.59 18.75 -19.51
N PRO O 38 35.40 18.59 -20.82
CA PRO O 38 34.24 19.15 -21.53
C PRO O 38 32.90 18.76 -20.91
N THR O 39 31.87 19.56 -21.13
CA THR O 39 30.56 19.31 -20.57
C THR O 39 29.92 18.06 -21.21
N GLN O 40 30.30 17.80 -22.46
CA GLN O 40 29.87 16.59 -23.16
C GLN O 40 30.43 15.35 -22.48
N LYS O 41 29.85 14.19 -22.77
CA LYS O 41 30.33 12.93 -22.20
C LYS O 41 30.55 11.88 -23.28
N TRP O 42 31.51 10.99 -23.05
CA TRP O 42 31.81 9.90 -23.98
C TRP O 42 31.73 8.55 -23.31
N GLY O 43 31.58 7.50 -24.12
CA GLY O 43 31.56 6.15 -23.61
C GLY O 43 32.95 5.61 -23.39
N PRO O 44 33.06 4.30 -23.11
CA PRO O 44 34.32 3.65 -22.74
C PRO O 44 35.37 3.65 -23.85
N GLN O 45 35.00 4.01 -25.06
CA GLN O 45 35.97 4.12 -26.15
C GLN O 45 36.58 5.53 -26.23
N GLY O 46 35.99 6.46 -25.48
CA GLY O 46 36.52 7.81 -25.41
C GLY O 46 36.16 8.69 -26.58
N ASP O 47 36.95 9.72 -26.81
CA ASP O 47 36.67 10.74 -27.82
C ASP O 47 37.61 10.62 -29.02
N ARG O 48 37.06 10.23 -30.17
CA ARG O 48 37.88 9.98 -31.36
C ARG O 48 38.33 11.28 -32.02
N GLU O 49 37.79 12.41 -31.58
CA GLU O 49 38.12 13.71 -32.17
C GLU O 49 39.26 14.41 -31.42
N HIS O 50 39.65 13.87 -30.28
CA HIS O 50 40.61 14.57 -29.44
C HIS O 50 42.04 14.07 -29.65
N PRO O 51 42.97 15.00 -29.86
CA PRO O 51 44.37 14.65 -30.08
C PRO O 51 45.02 14.10 -28.81
N ASP O 52 45.98 13.20 -28.97
CA ASP O 52 46.74 12.67 -27.84
C ASP O 52 47.77 13.71 -27.37
N GLN O 53 47.50 14.33 -26.22
CA GLN O 53 48.39 15.36 -25.69
C GLN O 53 49.18 14.86 -24.48
N GLY O 54 49.45 13.56 -24.45
CA GLY O 54 50.21 12.94 -23.37
C GLY O 54 49.39 11.98 -22.54
N LEU O 55 48.59 11.17 -23.20
CA LEU O 55 47.70 10.23 -22.53
C LEU O 55 48.47 9.08 -21.88
N ILE O 56 47.94 8.54 -20.79
CA ILE O 56 48.59 7.43 -20.10
C ILE O 56 48.56 6.16 -20.96
N CYS O 57 47.69 6.15 -21.96
CA CYS O 57 47.67 5.07 -22.95
C CYS O 57 47.56 5.67 -24.35
N HIS O 58 48.57 5.41 -25.18
CA HIS O 58 48.62 6.00 -26.51
C HIS O 58 47.86 5.17 -27.53
N ASP O 59 47.45 3.97 -27.12
CA ASP O 59 46.72 3.07 -28.01
C ASP O 59 45.22 3.11 -27.76
N ALA O 60 44.77 4.15 -27.06
CA ALA O 60 43.34 4.38 -26.87
C ALA O 60 43.05 5.88 -26.88
N PHE O 61 41.81 6.24 -27.16
CA PHE O 61 41.40 7.64 -27.20
C PHE O 61 41.37 8.25 -25.80
N CYS O 62 41.53 9.57 -25.74
CA CYS O 62 41.30 10.32 -24.51
C CYS O 62 39.88 10.01 -24.03
N GLY O 63 39.76 9.63 -22.76
CA GLY O 63 38.45 9.32 -22.20
C GLY O 63 38.04 7.87 -22.33
N ALA O 64 38.91 7.06 -22.93
CA ALA O 64 38.65 5.63 -23.05
C ALA O 64 38.97 4.90 -21.76
N LEU O 65 38.37 3.72 -21.57
CA LEU O 65 38.73 2.89 -20.43
C LEU O 65 39.97 2.07 -20.76
N VAL O 66 40.97 2.10 -19.87
CA VAL O 66 42.15 1.28 -20.05
C VAL O 66 42.47 0.55 -18.75
N MET O 67 43.48 -0.31 -18.78
CA MET O 67 43.83 -1.06 -17.58
C MET O 67 45.32 -1.34 -17.48
N LYS O 68 45.75 -1.61 -16.25
CA LYS O 68 47.05 -2.21 -16.01
C LYS O 68 46.83 -3.54 -15.32
N ILE O 69 47.63 -4.51 -15.70
CA ILE O 69 47.63 -5.80 -15.04
C ILE O 69 48.95 -5.90 -14.28
N GLY O 70 48.88 -5.87 -12.95
CA GLY O 70 50.08 -5.83 -12.16
C GLY O 70 50.88 -4.58 -12.49
N ASN O 71 52.16 -4.76 -12.80
CA ASN O 71 53.04 -3.64 -13.12
C ASN O 71 53.14 -3.34 -14.61
N SER O 72 52.20 -3.86 -15.39
CA SER O 72 52.24 -3.71 -16.84
C SER O 72 52.01 -2.28 -17.25
N GLY O 73 52.37 -1.96 -18.48
CA GLY O 73 51.98 -0.69 -19.07
C GLY O 73 50.49 -0.74 -19.33
N THR O 74 49.91 0.40 -19.71
CA THR O 74 48.47 0.48 -19.97
C THR O 74 48.05 -0.39 -21.15
N ILE O 75 46.91 -1.05 -20.99
CA ILE O 75 46.32 -1.86 -22.04
C ILE O 75 44.92 -1.35 -22.31
N PRO O 76 44.59 -1.10 -23.58
CA PRO O 76 43.27 -0.58 -23.92
C PRO O 76 42.17 -1.58 -23.59
N VAL O 77 41.13 -1.14 -22.90
CA VAL O 77 39.98 -1.99 -22.61
C VAL O 77 38.79 -1.56 -23.46
N ASN O 78 38.54 -0.25 -23.46
CA ASN O 78 37.42 0.31 -24.20
C ASN O 78 36.10 -0.27 -23.72
N THR O 79 35.28 -0.78 -24.64
CA THR O 79 33.99 -1.36 -24.25
C THR O 79 34.16 -2.67 -23.50
N GLY O 80 35.34 -3.28 -23.60
CA GLY O 80 35.58 -4.52 -22.89
C GLY O 80 36.34 -5.54 -23.69
N LEU O 81 36.47 -6.73 -23.13
CA LEU O 81 37.26 -7.79 -23.76
C LEU O 81 36.46 -9.09 -23.73
N PHE O 82 36.52 -9.84 -24.82
CA PHE O 82 35.76 -11.08 -24.91
C PHE O 82 36.66 -12.32 -24.89
N ARG O 83 36.62 -13.04 -23.77
CA ARG O 83 37.39 -14.28 -23.61
C ARG O 83 38.83 -14.06 -24.05
N TRP O 84 39.45 -13.13 -23.35
CA TRP O 84 40.74 -12.53 -23.72
C TRP O 84 41.87 -13.12 -22.88
N VAL O 85 43.02 -13.31 -23.51
CA VAL O 85 44.21 -13.78 -22.80
C VAL O 85 45.28 -12.71 -22.88
N ALA O 86 45.91 -12.40 -21.74
CA ALA O 86 46.94 -11.38 -21.70
C ALA O 86 48.19 -11.88 -22.39
N PRO O 87 49.07 -10.96 -22.79
CA PRO O 87 50.38 -11.40 -23.31
C PRO O 87 51.10 -12.25 -22.28
N ASN O 88 52.00 -13.11 -22.72
CA ASN O 88 52.86 -13.81 -21.77
C ASN O 88 53.57 -12.78 -20.89
N ASN O 89 53.89 -13.18 -19.66
CA ASN O 89 54.65 -12.34 -18.74
C ASN O 89 53.90 -11.11 -18.26
N VAL O 90 52.57 -11.16 -18.37
CA VAL O 90 51.72 -10.13 -17.81
C VAL O 90 50.81 -10.75 -16.76
N GLN O 91 50.78 -10.18 -15.56
CA GLN O 91 50.02 -10.78 -14.48
C GLN O 91 49.95 -9.90 -13.24
N GLY O 92 48.94 -10.15 -12.39
CA GLY O 92 48.77 -9.40 -11.16
C GLY O 92 47.40 -8.77 -11.13
N ALA O 93 47.19 -7.86 -10.18
CA ALA O 93 45.89 -7.21 -10.00
C ALA O 93 45.51 -6.35 -11.21
N ILE O 94 44.26 -6.45 -11.63
CA ILE O 94 43.78 -5.58 -12.67
C ILE O 94 43.39 -4.23 -12.09
N THR O 95 44.02 -3.17 -12.58
CA THR O 95 43.64 -1.82 -12.21
C THR O 95 42.96 -1.14 -13.40
N LEU O 96 41.77 -0.61 -13.18
CA LEU O 96 41.04 0.07 -14.25
C LEU O 96 41.28 1.57 -14.17
N ILE O 97 41.46 2.21 -15.32
CA ILE O 97 41.83 3.61 -15.33
C ILE O 97 41.21 4.38 -16.49
N TYR O 98 40.74 5.58 -16.19
CA TYR O 98 40.28 6.51 -17.20
C TYR O 98 41.48 7.07 -17.95
N ASN O 99 41.43 7.08 -19.28
CA ASN O 99 42.55 7.56 -20.08
C ASN O 99 42.53 9.08 -20.22
N ASP O 100 43.43 9.74 -19.49
CA ASP O 100 43.58 11.20 -19.58
C ASP O 100 45.06 11.55 -19.40
N VAL O 101 45.38 12.83 -19.44
CA VAL O 101 46.76 13.26 -19.25
C VAL O 101 47.03 13.47 -17.76
N PRO O 102 48.16 12.93 -17.27
CA PRO O 102 48.49 13.07 -15.84
C PRO O 102 48.45 14.52 -15.40
N GLY O 103 47.88 14.77 -14.23
CA GLY O 103 47.74 16.11 -13.69
C GLY O 103 46.48 16.82 -14.12
N THR O 104 45.75 16.23 -15.07
CA THR O 104 44.55 16.88 -15.60
C THR O 104 43.26 16.14 -15.25
N TYR O 105 43.32 15.19 -14.31
CA TYR O 105 42.13 14.42 -13.98
C TYR O 105 41.14 15.23 -13.13
N GLY O 106 41.62 16.36 -12.60
CA GLY O 106 40.85 17.16 -11.68
C GLY O 106 39.51 17.67 -12.18
N ASN O 107 39.40 17.96 -13.46
CA ASN O 107 38.15 18.47 -14.01
C ASN O 107 37.32 17.39 -14.70
N ASN O 108 37.63 16.12 -14.43
CA ASN O 108 36.89 15.01 -15.01
C ASN O 108 35.62 14.70 -14.23
N SER O 109 34.63 14.10 -14.90
CA SER O 109 33.37 13.76 -14.26
C SER O 109 32.80 12.47 -14.86
N GLY O 110 31.91 11.82 -14.10
CA GLY O 110 31.31 10.60 -14.56
C GLY O 110 32.12 9.38 -14.18
N SER O 111 31.66 8.22 -14.63
CA SER O 111 32.26 6.95 -14.26
C SER O 111 31.83 5.87 -15.23
N PHE O 112 32.57 4.76 -15.22
CA PHE O 112 32.16 3.61 -15.99
C PHE O 112 31.80 2.48 -15.04
N SER O 113 30.68 1.82 -15.30
CA SER O 113 30.37 0.58 -14.60
C SER O 113 31.06 -0.55 -15.34
N VAL O 114 31.80 -1.38 -14.61
CA VAL O 114 32.59 -2.42 -15.25
C VAL O 114 32.36 -3.77 -14.58
N ASN O 115 32.21 -4.80 -15.40
CA ASN O 115 32.20 -6.17 -14.91
C ASN O 115 33.43 -6.91 -15.43
N ILE O 116 34.05 -7.70 -14.55
CA ILE O 116 35.17 -8.55 -14.95
C ILE O 116 34.95 -9.95 -14.41
N GLY O 117 35.18 -10.95 -15.26
CA GLY O 117 35.09 -12.33 -14.82
C GLY O 117 36.15 -13.17 -15.49
N LYS O 118 36.45 -14.31 -14.89
CA LYS O 118 37.36 -15.27 -15.50
C LYS O 118 36.56 -16.34 -16.22
N ASP O 119 37.07 -16.82 -17.35
CA ASP O 119 36.31 -17.74 -18.18
C ASP O 119 36.91 -19.14 -18.22
N GLN O 120 36.16 -20.06 -18.83
CA GLN O 120 36.55 -21.45 -18.95
C GLN O 120 37.88 -21.61 -19.69
N SER O 121 38.68 -22.57 -19.24
CA SER O 121 39.94 -22.90 -19.90
C SER O 121 40.30 -24.36 -19.68
N ALA P 1 -40.13 -20.26 34.04
CA ALA P 1 -40.24 -19.22 33.01
C ALA P 1 -40.76 -17.90 33.59
N TRP P 2 -40.67 -16.85 32.79
CA TRP P 2 -41.11 -15.52 33.21
C TRP P 2 -41.84 -14.85 32.06
N LYS P 3 -42.89 -14.11 32.38
CA LYS P 3 -43.61 -13.35 31.37
C LYS P 3 -43.97 -11.99 31.92
N GLY P 4 -43.71 -10.95 31.15
CA GLY P 4 -43.97 -9.60 31.62
C GLY P 4 -43.75 -8.61 30.51
N GLU P 5 -43.64 -7.34 30.88
CA GLU P 5 -43.50 -6.27 29.91
C GLU P 5 -42.45 -5.26 30.36
N VAL P 6 -41.80 -4.62 29.41
CA VAL P 6 -40.81 -3.59 29.70
C VAL P 6 -41.25 -2.28 29.06
N LEU P 7 -41.27 -1.22 29.85
CA LEU P 7 -41.68 0.10 29.37
C LEU P 7 -40.54 0.82 28.64
N ALA P 8 -40.87 1.45 27.52
CA ALA P 8 -39.89 2.19 26.74
C ALA P 8 -39.36 3.40 27.50
N ASN P 9 -40.17 3.93 28.42
CA ASN P 9 -39.83 5.16 29.14
C ASN P 9 -39.06 4.92 30.44
N ASN P 10 -38.77 3.66 30.73
CA ASN P 10 -38.15 3.32 32.00
C ASN P 10 -36.65 3.10 31.87
N GLU P 11 -35.85 4.09 32.29
CA GLU P 11 -34.40 3.97 32.20
C GLU P 11 -33.87 2.85 33.08
N ALA P 12 -34.60 2.54 34.15
CA ALA P 12 -34.16 1.53 35.10
C ALA P 12 -34.45 0.11 34.59
N GLY P 13 -35.36 0.00 33.62
CA GLY P 13 -35.69 -1.29 33.04
C GLY P 13 -36.59 -2.14 33.90
N GLN P 14 -36.89 -3.35 33.42
CA GLN P 14 -37.71 -4.30 34.15
C GLN P 14 -36.85 -5.42 34.70
N VAL P 15 -36.74 -5.51 36.02
CA VAL P 15 -35.99 -6.60 36.64
C VAL P 15 -36.86 -7.86 36.68
N THR P 16 -36.40 -8.93 36.03
CA THR P 16 -37.18 -10.17 36.02
C THR P 16 -36.80 -11.06 37.19
N SER P 17 -37.53 -12.16 37.34
CA SER P 17 -37.25 -13.13 38.39
C SER P 17 -36.36 -14.25 37.86
N ILE P 18 -35.91 -14.11 36.62
CA ILE P 18 -34.98 -15.07 36.04
C ILE P 18 -33.55 -14.73 36.43
N ILE P 19 -32.91 -15.66 37.13
CA ILE P 19 -31.51 -15.53 37.47
C ILE P 19 -30.69 -16.35 36.50
N TYR P 20 -29.93 -15.68 35.64
CA TYR P 20 -29.07 -16.41 34.72
C TYR P 20 -27.84 -16.94 35.44
N ASN P 21 -27.62 -18.24 35.36
CA ASN P 21 -26.44 -18.86 35.95
C ASN P 21 -25.54 -19.43 34.86
N PRO P 22 -24.24 -19.56 35.17
CA PRO P 22 -23.27 -20.10 34.21
C PRO P 22 -23.73 -21.42 33.62
N GLY P 23 -23.66 -21.54 32.30
CA GLY P 23 -24.09 -22.76 31.62
C GLY P 23 -25.54 -22.75 31.23
N ASP P 24 -26.32 -21.83 31.78
CA ASP P 24 -27.74 -21.77 31.46
C ASP P 24 -27.95 -21.51 29.98
N VAL P 25 -28.90 -22.23 29.40
CA VAL P 25 -29.37 -21.98 28.06
C VAL P 25 -30.75 -21.36 28.20
N ILE P 26 -30.96 -20.21 27.59
CA ILE P 26 -32.25 -19.55 27.74
C ILE P 26 -32.87 -19.25 26.39
N THR P 27 -34.19 -19.15 26.41
CA THR P 27 -34.91 -18.67 25.24
C THR P 27 -35.70 -17.45 25.66
N ILE P 28 -35.67 -16.43 24.80
CA ILE P 28 -36.46 -15.23 24.99
C ILE P 28 -37.23 -14.95 23.72
N VAL P 29 -38.52 -14.62 23.86
CA VAL P 29 -39.29 -14.13 22.74
C VAL P 29 -39.89 -12.78 23.11
N ALA P 30 -39.66 -11.78 22.28
CA ALA P 30 -40.08 -10.41 22.57
C ALA P 30 -41.02 -9.92 21.48
N ALA P 31 -42.06 -9.21 21.89
CA ALA P 31 -43.01 -8.64 20.95
C ALA P 31 -43.49 -7.28 21.44
N GLY P 32 -44.15 -6.54 20.55
CA GLY P 32 -44.73 -5.27 20.93
C GLY P 32 -44.22 -4.09 20.13
N TRP P 33 -44.69 -2.91 20.50
CA TRP P 33 -44.41 -1.70 19.75
C TRP P 33 -44.01 -0.57 20.68
N ALA P 34 -42.93 0.11 20.36
CA ALA P 34 -42.41 1.18 21.21
C ALA P 34 -41.77 2.28 20.38
N SER P 35 -41.68 3.47 20.95
CA SER P 35 -41.01 4.60 20.31
C SER P 35 -40.02 5.26 21.25
N TYR P 36 -38.89 5.71 20.71
CA TYR P 36 -37.90 6.44 21.50
C TYR P 36 -38.17 7.94 21.39
N GLY P 37 -39.30 8.29 20.81
CA GLY P 37 -39.66 9.69 20.65
C GLY P 37 -40.55 9.96 19.45
N PRO P 38 -40.12 9.52 18.25
CA PRO P 38 -40.89 9.78 17.03
C PRO P 38 -42.31 9.24 17.09
N THR P 39 -43.17 9.76 16.21
CA THR P 39 -44.56 9.34 16.17
C THR P 39 -44.66 7.86 15.83
N GLN P 40 -43.78 7.39 14.95
CA GLN P 40 -43.73 5.99 14.56
C GLN P 40 -43.37 5.08 15.73
N LYS P 41 -43.81 3.83 15.67
CA LYS P 41 -43.36 2.84 16.64
C LYS P 41 -42.62 1.71 15.93
N TRP P 42 -41.65 1.13 16.64
CA TRP P 42 -40.86 0.03 16.11
C TRP P 42 -41.00 -1.20 16.97
N GLY P 43 -40.69 -2.36 16.39
CA GLY P 43 -40.64 -3.60 17.13
C GLY P 43 -39.36 -3.68 17.92
N PRO P 44 -39.11 -4.82 18.56
CA PRO P 44 -37.98 -4.99 19.49
C PRO P 44 -36.61 -4.98 18.82
N GLN P 45 -36.56 -4.92 17.50
CA GLN P 45 -35.30 -4.74 16.80
C GLN P 45 -34.96 -3.25 16.71
N GLY P 46 -35.94 -2.42 17.05
CA GLY P 46 -35.75 -0.98 17.02
C GLY P 46 -35.74 -0.41 15.62
N ASP P 47 -35.10 0.76 15.49
CA ASP P 47 -35.09 1.55 14.27
C ASP P 47 -33.74 1.42 13.57
N ARG P 48 -33.71 0.66 12.49
CA ARG P 48 -32.46 0.39 11.77
C ARG P 48 -31.89 1.63 11.08
N GLU P 49 -32.64 2.72 11.09
CA GLU P 49 -32.26 3.92 10.33
C GLU P 49 -31.84 5.09 11.20
N HIS P 50 -31.72 4.87 12.51
CA HIS P 50 -31.39 5.96 13.44
C HIS P 50 -29.95 5.83 13.96
N PRO P 51 -29.18 6.92 13.87
CA PRO P 51 -27.79 6.92 14.35
C PRO P 51 -27.67 6.73 15.86
N ASP P 52 -26.57 6.12 16.29
CA ASP P 52 -26.27 5.93 17.70
C ASP P 52 -25.68 7.21 18.30
N GLN P 53 -26.44 7.86 19.18
CA GLN P 53 -26.02 9.11 19.79
C GLN P 53 -25.76 8.97 21.28
N GLY P 54 -25.27 7.81 21.69
CA GLY P 54 -24.99 7.55 23.09
C GLY P 54 -26.00 6.60 23.70
N LEU P 55 -26.35 5.59 22.92
CA LEU P 55 -27.27 4.54 23.38
C LEU P 55 -26.65 3.73 24.51
N ILE P 56 -27.48 3.21 25.40
CA ILE P 56 -26.97 2.35 26.48
C ILE P 56 -26.42 1.05 25.91
N CYS P 57 -26.79 0.72 24.67
CA CYS P 57 -26.23 -0.44 23.99
C CYS P 57 -25.85 -0.09 22.56
N HIS P 58 -24.55 -0.13 22.28
CA HIS P 58 -24.04 0.27 20.97
C HIS P 58 -24.06 -0.88 19.97
N ASP P 59 -24.49 -2.05 20.42
CA ASP P 59 -24.56 -3.23 19.56
C ASP P 59 -25.99 -3.56 19.14
N ALA P 60 -26.90 -2.65 19.44
CA ALA P 60 -28.30 -2.76 18.99
C ALA P 60 -28.79 -1.41 18.53
N PHE P 61 -29.82 -1.40 17.70
CA PHE P 61 -30.41 -0.16 17.21
C PHE P 61 -31.13 0.61 18.31
N CYS P 62 -31.32 1.90 18.09
CA CYS P 62 -32.15 2.71 18.96
C CYS P 62 -33.57 2.15 18.96
N GLY P 63 -34.15 1.94 20.13
CA GLY P 63 -35.50 1.42 20.23
C GLY P 63 -35.58 -0.09 20.31
N ALA P 64 -34.41 -0.75 20.36
CA ALA P 64 -34.35 -2.20 20.48
C ALA P 64 -34.44 -2.64 21.94
N LEU P 65 -34.86 -3.88 22.14
CA LEU P 65 -34.83 -4.49 23.45
C LEU P 65 -33.44 -5.04 23.75
N VAL P 66 -32.89 -4.66 24.90
CA VAL P 66 -31.61 -5.18 25.36
C VAL P 66 -31.76 -5.68 26.79
N MET P 67 -30.72 -6.30 27.31
CA MET P 67 -30.79 -6.77 28.69
C MET P 67 -29.45 -6.63 29.40
N LYS P 68 -29.52 -6.66 30.72
CA LYS P 68 -28.34 -6.90 31.53
C LYS P 68 -28.54 -8.19 32.30
N ILE P 69 -27.47 -8.94 32.47
CA ILE P 69 -27.46 -10.10 33.36
C ILE P 69 -26.59 -9.75 34.57
N GLY P 70 -27.21 -9.61 35.74
CA GLY P 70 -26.50 -9.10 36.90
C GLY P 70 -26.07 -7.69 36.59
N ASN P 71 -24.82 -7.36 36.92
CA ASN P 71 -24.28 -6.03 36.64
C ASN P 71 -23.46 -5.99 35.36
N SER P 72 -23.80 -6.87 34.42
CA SER P 72 -23.12 -6.92 33.14
C SER P 72 -23.36 -5.65 32.32
N GLY P 73 -22.64 -5.53 31.20
CA GLY P 73 -22.94 -4.51 30.22
C GLY P 73 -24.19 -4.93 29.47
N THR P 74 -24.72 -4.04 28.65
CA THR P 74 -25.95 -4.33 27.92
C THR P 74 -25.71 -5.39 26.86
N ILE P 75 -26.70 -6.26 26.70
CA ILE P 75 -26.64 -7.36 25.75
C ILE P 75 -27.84 -7.28 24.82
N PRO P 76 -27.62 -7.29 23.51
CA PRO P 76 -28.75 -7.23 22.57
C PRO P 76 -29.70 -8.42 22.73
N VAL P 77 -31.00 -8.14 22.77
CA VAL P 77 -31.99 -9.21 22.79
C VAL P 77 -32.79 -9.18 21.49
N ASN P 78 -33.14 -7.97 21.06
CA ASN P 78 -33.93 -7.78 19.84
C ASN P 78 -35.22 -8.60 19.88
N THR P 79 -35.50 -9.38 18.84
CA THR P 79 -36.75 -10.15 18.82
C THR P 79 -36.71 -11.35 19.75
N GLY P 80 -35.52 -11.65 20.27
CA GLY P 80 -35.38 -12.75 21.20
C GLY P 80 -34.13 -13.58 20.94
N LEU P 81 -33.93 -14.57 21.80
CA LEU P 81 -32.77 -15.46 21.72
C LEU P 81 -33.25 -16.89 21.66
N PHE P 82 -32.71 -17.66 20.73
CA PHE P 82 -33.09 -19.06 20.60
C PHE P 82 -32.04 -19.97 21.21
N ARG P 83 -32.36 -20.56 22.35
CA ARG P 83 -31.48 -21.51 23.03
C ARG P 83 -30.06 -20.95 23.10
N TRP P 84 -29.96 -19.80 23.76
CA TRP P 84 -28.78 -18.97 23.79
C TRP P 84 -27.96 -19.21 25.06
N VAL P 85 -26.65 -19.26 24.92
CA VAL P 85 -25.77 -19.30 26.09
C VAL P 85 -24.89 -18.05 26.11
N ALA P 86 -24.70 -17.48 27.30
CA ALA P 86 -23.97 -16.22 27.40
C ALA P 86 -22.48 -16.41 27.10
N PRO P 87 -21.84 -15.35 26.59
CA PRO P 87 -20.38 -15.28 26.47
C PRO P 87 -19.65 -15.11 27.81
N ASN P 88 -19.80 -16.10 28.70
CA ASN P 88 -18.91 -16.30 29.82
C ASN P 88 -18.94 -15.28 30.96
N ASN P 89 -18.75 -15.78 32.18
CA ASN P 89 -18.57 -14.97 33.37
C ASN P 89 -19.73 -14.02 33.69
N VAL P 90 -20.85 -14.21 33.01
CA VAL P 90 -22.03 -13.38 33.26
C VAL P 90 -23.02 -14.12 34.16
N GLN P 91 -23.53 -13.46 35.19
CA GLN P 91 -24.40 -14.12 36.15
C GLN P 91 -25.32 -13.14 36.86
N GLY P 92 -26.56 -13.52 37.10
CA GLY P 92 -27.47 -12.71 37.88
C GLY P 92 -28.83 -12.47 37.25
N ALA P 93 -29.66 -11.69 37.93
CA ALA P 93 -31.02 -11.46 37.47
C ALA P 93 -31.02 -10.77 36.10
N ILE P 94 -31.88 -11.23 35.21
CA ILE P 94 -32.01 -10.58 33.92
C ILE P 94 -32.88 -9.33 34.06
N THR P 95 -32.32 -8.18 33.70
CA THR P 95 -33.07 -6.93 33.61
C THR P 95 -33.29 -6.60 32.14
N LEU P 96 -34.54 -6.36 31.77
CA LEU P 96 -34.87 -5.99 30.40
C LEU P 96 -34.89 -4.48 30.29
N ILE P 97 -34.26 -3.93 29.25
CA ILE P 97 -34.19 -2.48 29.09
C ILE P 97 -34.40 -2.04 27.65
N TYR P 98 -35.14 -0.94 27.50
CA TYR P 98 -35.32 -0.29 26.20
C TYR P 98 -34.10 0.54 25.84
N ASN P 99 -33.61 0.36 24.63
CA ASN P 99 -32.37 0.99 24.18
C ASN P 99 -32.56 2.42 23.70
N ASP P 100 -32.16 3.37 24.54
CA ASP P 100 -32.24 4.79 24.20
C ASP P 100 -31.06 5.51 24.83
N VAL P 101 -30.93 6.81 24.56
CA VAL P 101 -29.87 7.60 25.18
C VAL P 101 -30.30 8.05 26.56
N PRO P 102 -29.49 7.74 27.58
CA PRO P 102 -29.82 8.09 28.97
C PRO P 102 -30.18 9.58 29.11
N GLY P 103 -31.23 9.88 29.86
CA GLY P 103 -31.67 11.24 30.04
C GLY P 103 -32.64 11.69 28.96
N THR P 104 -32.92 10.81 28.01
CA THR P 104 -33.80 11.14 26.89
C THR P 104 -35.02 10.22 26.82
N TYR P 105 -35.30 9.50 27.91
CA TYR P 105 -36.39 8.52 27.93
C TYR P 105 -37.75 9.18 28.13
N GLY P 106 -37.75 10.48 28.42
CA GLY P 106 -38.97 11.19 28.75
C GLY P 106 -40.05 11.18 27.68
N ASN P 107 -39.66 11.16 26.41
CA ASN P 107 -40.62 11.19 25.31
C ASN P 107 -40.88 9.81 24.70
N ASN P 108 -40.44 8.77 25.40
CA ASN P 108 -40.65 7.40 24.95
C ASN P 108 -42.04 6.88 25.26
N SER P 109 -42.52 5.95 24.46
CA SER P 109 -43.85 5.38 24.69
C SER P 109 -43.92 3.94 24.22
N GLY P 110 -44.92 3.22 24.72
CA GLY P 110 -45.09 1.83 24.36
C GLY P 110 -44.28 0.90 25.25
N SER P 111 -44.22 -0.36 24.86
CA SER P 111 -43.57 -1.36 25.68
C SER P 111 -43.38 -2.64 24.89
N PHE P 112 -42.55 -3.52 25.41
CA PHE P 112 -42.41 -4.85 24.84
C PHE P 112 -42.88 -5.89 25.84
N SER P 113 -43.64 -6.85 25.34
CA SER P 113 -44.01 -8.03 26.11
C SER P 113 -42.94 -9.09 25.86
N VAL P 114 -42.49 -9.74 26.92
CA VAL P 114 -41.35 -10.64 26.81
C VAL P 114 -41.60 -11.94 27.57
N ASN P 115 -41.24 -13.05 26.93
CA ASN P 115 -41.21 -14.37 27.55
C ASN P 115 -39.78 -14.85 27.71
N ILE P 116 -39.44 -15.35 28.89
CA ILE P 116 -38.11 -15.87 29.14
C ILE P 116 -38.22 -17.24 29.79
N GLY P 117 -37.44 -18.20 29.30
CA GLY P 117 -37.44 -19.53 29.87
C GLY P 117 -36.07 -20.18 29.79
N LYS P 118 -35.79 -21.08 30.73
CA LYS P 118 -34.53 -21.84 30.71
C LYS P 118 -34.71 -23.13 29.90
N ASP P 119 -33.67 -23.50 29.17
CA ASP P 119 -33.75 -24.61 28.25
C ASP P 119 -32.91 -25.81 28.68
N GLN P 120 -33.04 -26.90 27.94
CA GLN P 120 -32.27 -28.11 28.18
C GLN P 120 -30.77 -27.84 28.04
N SER P 121 -29.98 -28.34 28.98
CA SER P 121 -28.54 -28.16 28.95
C SER P 121 -27.81 -29.24 29.76
#